data_3OPB
#
_entry.id   3OPB
#
_cell.length_a   84.022
_cell.length_b   149.937
_cell.length_c   158.483
_cell.angle_alpha   90.00
_cell.angle_beta   90.00
_cell.angle_gamma   90.00
#
_symmetry.space_group_name_H-M   'P 21 21 21'
#
loop_
_entity.id
_entity.type
_entity.pdbx_description
1 polymer 'SWI5-dependent HO expression protein 4'
2 water water
#
_entity_poly.entity_id   1
_entity_poly.type   'polypeptide(L)'
_entity_poly.pdbx_seq_one_letter_code
;GSPGHMPLSEKGNDPIDSSTIDSLCAAFDKTLKSTPDVQKYNDAINTIFQLRQKSESGKMPADLTNSEALKDRQKIEEIL
TRSYQDHSESRVHLSKLIQNDIPFALNLFEILSRSSIHVFVGCFSNKDATIALLNELQIRIHYGEDTHVTYLLSIILQLL
NKFKYNFKEVRFLVKELILRISEDEVKSMMLIIFAELQSSFQKDFDKAVVDFMSSLIVEAEIDVGNDPLSIIVKTLSELY
PSLTTLCSEIFLTKGLSKLFKKRVFEEQDLQFTKELLRLLSSACIDETMRTYITENYLQLLERSLNVEDVQIYSALVLVK
TWSFTKLTCINLKQLSEIFINAISRRIVPKVEMSVEALAYLSLKASVKIMIRSNESFTEILLTMIKSQKMTHCLYGLLVI
MANLSTLPEE(UNK)(UNK)(UNK)(UNK)(UNK)(UNK)(UNK)(UNK)(UNK)(UNK)(UNK)(UNK)(UNK)(UNK)
(UNK)(UNK)(UNK)(UNK)(UNK)PAADKVGAEKAAKEDILLFNEKYILRTELISFLKREMHNLSPNCKQQVVRIIYNI
TRSKNFIPQLAQQGAVKIILEYLANKQDIGEPIRILGCRALTRMLIFTNPGLIFKKYSALNAIPFLFELLPRSTPVDDNP
LHNDEQIKLTDNYEALLALTNLASSETSDGEEVCKHIVSTKVYWSTIENLMLDENVPLQRSTLELISNMMSHPLTIAAKF
FNLENPQSLRNFNILVKLLQLSDVESQRAVAAIFANIATTIPLIAKELLTKKELIENAIQVFADQIDDIELRQRLLMLFF
GLFEVIPDNGTNEVYPLLQENQKLKDALNMSLKRGDSGPEFSAAIPVILAKIKV
;
_entity_poly.pdbx_strand_id   A,B
#
# COMPACT_ATOMS: atom_id res chain seq x y z
N PRO A 7 -5.07 -52.84 -14.10
CA PRO A 7 -5.94 -52.03 -13.21
C PRO A 7 -6.24 -52.83 -11.95
N LEU A 8 -7.25 -52.42 -11.21
CA LEU A 8 -7.62 -53.13 -10.00
C LEU A 8 -9.14 -53.16 -9.94
N SER A 9 -9.75 -52.17 -10.59
CA SER A 9 -11.19 -52.03 -10.62
C SER A 9 -11.85 -52.55 -11.90
N GLU A 10 -11.04 -53.03 -12.83
CA GLU A 10 -11.56 -53.58 -14.07
C GLU A 10 -11.58 -55.08 -13.84
N LYS A 11 -11.08 -55.45 -12.66
CA LYS A 11 -10.94 -56.83 -12.20
C LYS A 11 -12.11 -57.32 -11.32
N GLY A 12 -13.08 -57.97 -11.94
CA GLY A 12 -14.20 -58.47 -11.18
C GLY A 12 -15.43 -58.71 -12.04
N ASN A 13 -16.54 -59.08 -11.39
CA ASN A 13 -17.81 -59.34 -12.08
C ASN A 13 -18.53 -58.02 -12.36
N ASP A 14 -18.18 -56.99 -11.61
CA ASP A 14 -18.78 -55.69 -11.80
C ASP A 14 -17.69 -54.66 -12.08
N PRO A 15 -17.00 -54.81 -13.22
CA PRO A 15 -15.93 -53.91 -13.61
C PRO A 15 -16.31 -52.43 -13.56
N ILE A 16 -15.34 -51.60 -13.20
CA ILE A 16 -15.56 -50.17 -13.09
C ILE A 16 -14.51 -49.43 -13.92
N ASP A 17 -13.80 -50.16 -14.77
CA ASP A 17 -12.80 -49.58 -15.65
C ASP A 17 -12.09 -48.36 -15.07
N SER A 18 -10.90 -48.60 -14.55
CA SER A 18 -10.08 -47.58 -13.93
C SER A 18 -10.09 -46.18 -14.53
N SER A 19 -10.79 -45.98 -15.64
CA SER A 19 -10.84 -44.65 -16.26
C SER A 19 -11.90 -43.75 -15.61
N THR A 20 -13.07 -44.32 -15.33
CA THR A 20 -14.17 -43.58 -14.70
C THR A 20 -13.77 -43.23 -13.27
N ILE A 21 -12.65 -43.81 -12.84
CA ILE A 21 -12.16 -43.57 -11.50
C ILE A 21 -11.17 -42.39 -11.52
N ASP A 22 -10.34 -42.31 -12.55
CA ASP A 22 -9.38 -41.20 -12.65
C ASP A 22 -10.19 -39.94 -12.76
N SER A 23 -11.02 -39.89 -13.81
CA SER A 23 -11.87 -38.75 -14.07
C SER A 23 -12.54 -38.31 -12.77
N LEU A 24 -12.77 -39.28 -11.90
CA LEU A 24 -13.42 -39.07 -10.60
C LEU A 24 -12.51 -38.34 -9.61
N CYS A 25 -11.36 -38.96 -9.30
CA CYS A 25 -10.44 -38.33 -8.37
C CYS A 25 -9.95 -37.03 -9.00
N ALA A 26 -10.01 -36.95 -10.33
CA ALA A 26 -9.57 -35.75 -11.02
C ALA A 26 -10.40 -34.56 -10.56
N ALA A 27 -11.72 -34.73 -10.51
CA ALA A 27 -12.64 -33.68 -10.11
C ALA A 27 -12.69 -33.49 -8.60
N PHE A 28 -12.12 -34.44 -7.87
CA PHE A 28 -12.05 -34.34 -6.42
C PHE A 28 -10.69 -33.72 -6.08
N ASP A 29 -9.75 -33.89 -7.02
CA ASP A 29 -8.38 -33.38 -6.90
C ASP A 29 -8.28 -31.97 -7.46
N LYS A 30 -9.14 -31.65 -8.42
CA LYS A 30 -9.15 -30.31 -9.02
C LYS A 30 -9.58 -29.31 -7.93
N THR A 31 -10.65 -29.63 -7.21
CA THR A 31 -11.12 -28.77 -6.12
C THR A 31 -10.23 -28.99 -4.88
N LEU A 32 -9.32 -29.97 -4.97
CA LEU A 32 -8.41 -30.26 -3.86
C LEU A 32 -6.97 -29.78 -4.13
N LYS A 33 -6.76 -29.07 -5.24
CA LYS A 33 -5.43 -28.58 -5.60
C LYS A 33 -5.37 -27.06 -5.79
N SER A 34 -6.54 -26.42 -5.96
CA SER A 34 -6.57 -24.98 -6.16
C SER A 34 -6.92 -24.15 -4.92
N THR A 35 -6.08 -23.15 -4.66
CA THR A 35 -6.16 -22.20 -3.53
C THR A 35 -7.29 -22.37 -2.50
N PRO A 36 -6.92 -22.73 -1.24
CA PRO A 36 -7.81 -22.97 -0.10
C PRO A 36 -8.61 -21.76 0.41
N ASP A 37 -9.50 -22.02 1.35
CA ASP A 37 -10.35 -20.99 1.98
C ASP A 37 -10.79 -19.79 1.14
N VAL A 38 -10.90 -19.92 -0.17
CA VAL A 38 -11.30 -18.75 -0.94
C VAL A 38 -12.79 -18.52 -0.85
N GLN A 39 -13.61 -19.57 -0.93
CA GLN A 39 -15.04 -19.35 -0.84
C GLN A 39 -15.30 -18.68 0.50
N LYS A 40 -14.98 -19.38 1.59
CA LYS A 40 -15.16 -18.84 2.92
C LYS A 40 -14.93 -17.34 2.95
N TYR A 41 -13.80 -16.89 2.41
CA TYR A 41 -13.48 -15.46 2.39
C TYR A 41 -14.51 -14.69 1.58
N ASN A 42 -14.56 -14.94 0.29
CA ASN A 42 -15.52 -14.26 -0.57
C ASN A 42 -16.93 -14.43 -0.02
N ASP A 43 -17.14 -15.54 0.68
CA ASP A 43 -18.44 -15.84 1.28
C ASP A 43 -18.72 -14.78 2.35
N ALA A 44 -17.78 -14.64 3.28
CA ALA A 44 -17.86 -13.68 4.38
C ALA A 44 -17.96 -12.25 3.89
N ILE A 45 -17.26 -11.96 2.80
CA ILE A 45 -17.28 -10.64 2.19
C ILE A 45 -18.72 -10.38 1.71
N ASN A 46 -19.22 -11.20 0.79
CA ASN A 46 -20.59 -11.04 0.27
C ASN A 46 -21.57 -10.75 1.40
N THR A 47 -21.40 -11.49 2.50
CA THR A 47 -22.24 -11.32 3.67
C THR A 47 -22.20 -9.86 4.04
N ILE A 48 -20.99 -9.32 4.19
CA ILE A 48 -20.83 -7.92 4.55
C ILE A 48 -21.53 -7.06 3.49
N PHE A 49 -21.21 -7.32 2.23
CA PHE A 49 -21.80 -6.57 1.14
C PHE A 49 -23.28 -6.83 0.98
N GLN A 50 -23.84 -7.69 1.82
CA GLN A 50 -25.27 -7.96 1.75
C GLN A 50 -25.95 -6.74 2.40
N LEU A 51 -25.39 -6.30 3.52
CA LEU A 51 -25.86 -5.14 4.28
C LEU A 51 -26.33 -3.98 3.39
N ARG A 52 -25.75 -3.90 2.20
CA ARG A 52 -26.04 -2.85 1.22
C ARG A 52 -27.52 -2.73 0.85
N GLN A 53 -28.22 -3.84 0.89
CA GLN A 53 -29.64 -3.83 0.56
C GLN A 53 -30.37 -3.16 1.72
N LYS A 54 -30.40 -1.84 1.64
CA LYS A 54 -31.03 -0.97 2.63
C LYS A 54 -31.50 0.31 1.93
N SER A 55 -32.08 0.11 0.74
CA SER A 55 -32.63 1.19 -0.09
C SER A 55 -31.72 2.39 -0.25
N GLU A 56 -32.06 3.47 0.46
CA GLU A 56 -31.32 4.71 0.40
C GLU A 56 -29.80 4.50 0.33
N SER A 57 -29.30 4.32 -0.89
CA SER A 57 -27.88 4.11 -1.16
C SER A 57 -27.14 3.30 -0.10
N GLY A 58 -27.48 2.02 0.04
CA GLY A 58 -26.81 1.21 1.03
C GLY A 58 -26.42 2.00 2.26
N LYS A 59 -27.32 2.86 2.72
CA LYS A 59 -27.06 3.65 3.91
C LYS A 59 -26.53 2.71 4.94
N MET A 60 -25.47 3.09 5.63
CA MET A 60 -24.94 2.20 6.66
C MET A 60 -25.95 2.14 7.81
N PRO A 61 -26.59 0.98 8.01
CA PRO A 61 -27.55 0.89 9.10
C PRO A 61 -26.87 1.31 10.38
N ALA A 62 -27.55 2.15 11.18
CA ALA A 62 -26.99 2.66 12.42
C ALA A 62 -26.58 1.62 13.45
N ASP A 63 -26.76 0.34 13.12
CA ASP A 63 -26.38 -0.75 14.00
C ASP A 63 -24.87 -0.64 14.07
N LEU A 64 -24.31 -0.30 12.91
CA LEU A 64 -22.87 -0.16 12.73
C LEU A 64 -22.30 1.23 13.01
N THR A 65 -22.91 2.28 12.44
CA THR A 65 -22.41 3.63 12.69
C THR A 65 -22.39 3.84 14.21
N ASN A 66 -23.55 4.12 14.79
CA ASN A 66 -23.67 4.32 16.24
C ASN A 66 -22.35 4.70 16.94
N SER A 67 -22.12 4.16 18.14
CA SER A 67 -20.91 4.47 18.90
C SER A 67 -20.32 3.28 19.63
N GLU A 68 -21.19 2.44 20.19
CA GLU A 68 -20.72 1.26 20.89
C GLU A 68 -20.45 0.15 19.87
N ALA A 69 -21.02 0.33 18.68
CA ALA A 69 -20.85 -0.62 17.60
C ALA A 69 -19.41 -0.72 17.11
N LEU A 70 -18.49 0.00 17.75
CA LEU A 70 -17.08 -0.07 17.34
C LEU A 70 -16.67 -1.53 17.28
N LYS A 71 -17.33 -2.34 18.09
CA LYS A 71 -17.09 -3.78 18.14
C LYS A 71 -17.42 -4.36 16.77
N ASP A 72 -18.67 -4.22 16.39
CA ASP A 72 -19.13 -4.76 15.12
C ASP A 72 -18.34 -4.25 13.91
N ARG A 73 -17.75 -3.07 14.02
CA ARG A 73 -16.97 -2.50 12.90
C ARG A 73 -15.62 -3.19 12.84
N GLN A 74 -14.79 -2.97 13.86
CA GLN A 74 -13.48 -3.60 13.92
C GLN A 74 -13.58 -5.01 13.33
N LYS A 75 -14.71 -5.68 13.56
CA LYS A 75 -14.93 -7.03 13.07
C LYS A 75 -15.03 -7.04 11.55
N ILE A 76 -15.72 -6.05 11.00
CA ILE A 76 -15.90 -5.93 9.56
C ILE A 76 -14.59 -5.52 8.87
N GLU A 77 -13.87 -4.57 9.49
CA GLU A 77 -12.59 -4.07 8.97
C GLU A 77 -11.60 -5.22 8.83
N GLU A 78 -11.60 -6.13 9.81
CA GLU A 78 -10.71 -7.28 9.76
C GLU A 78 -11.12 -8.25 8.64
N ILE A 79 -12.38 -8.64 8.62
CA ILE A 79 -12.88 -9.56 7.60
C ILE A 79 -12.53 -9.02 6.21
N LEU A 80 -12.64 -7.71 6.02
CA LEU A 80 -12.31 -7.09 4.73
C LEU A 80 -10.83 -7.26 4.45
N THR A 81 -10.01 -6.70 5.34
CA THR A 81 -8.55 -6.76 5.23
C THR A 81 -8.05 -8.18 4.97
N ARG A 82 -8.71 -9.16 5.57
CA ARG A 82 -8.35 -10.56 5.42
C ARG A 82 -8.53 -10.99 3.97
N SER A 83 -9.76 -10.96 3.50
CA SER A 83 -10.05 -11.33 2.13
C SER A 83 -9.12 -10.55 1.20
N TYR A 84 -8.59 -9.45 1.69
CA TYR A 84 -7.72 -8.64 0.86
C TYR A 84 -6.23 -8.96 0.91
N GLN A 85 -5.69 -9.30 2.07
CA GLN A 85 -4.25 -9.58 2.14
C GLN A 85 -3.78 -11.01 2.33
N ASP A 86 -4.65 -11.98 2.10
CA ASP A 86 -4.23 -13.37 2.22
C ASP A 86 -4.01 -13.95 0.82
N HIS A 87 -5.07 -13.93 0.03
CA HIS A 87 -5.04 -14.44 -1.33
C HIS A 87 -5.30 -13.37 -2.36
N SER A 88 -4.82 -13.62 -3.57
CA SER A 88 -5.03 -12.68 -4.65
C SER A 88 -6.46 -12.91 -5.11
N GLU A 89 -6.88 -14.17 -5.13
CA GLU A 89 -8.23 -14.49 -5.58
C GLU A 89 -9.27 -13.79 -4.73
N SER A 90 -9.05 -13.81 -3.43
CA SER A 90 -9.96 -13.16 -2.51
C SER A 90 -9.82 -11.65 -2.69
N ARG A 91 -8.61 -11.19 -2.95
CA ARG A 91 -8.37 -9.76 -3.15
C ARG A 91 -9.13 -9.28 -4.38
N VAL A 92 -9.06 -10.07 -5.45
CA VAL A 92 -9.74 -9.77 -6.71
C VAL A 92 -11.23 -9.70 -6.52
N HIS A 93 -11.76 -10.57 -5.66
CA HIS A 93 -13.19 -10.58 -5.38
C HIS A 93 -13.58 -9.25 -4.79
N LEU A 94 -12.95 -8.89 -3.67
CA LEU A 94 -13.25 -7.65 -2.98
C LEU A 94 -13.22 -6.42 -3.88
N SER A 95 -12.38 -6.44 -4.90
CA SER A 95 -12.30 -5.31 -5.80
C SER A 95 -13.49 -5.26 -6.75
N LYS A 96 -13.98 -6.44 -7.15
CA LYS A 96 -15.14 -6.49 -8.04
C LYS A 96 -16.37 -5.95 -7.31
N LEU A 97 -16.64 -6.48 -6.13
CA LEU A 97 -17.80 -6.01 -5.37
C LEU A 97 -17.67 -4.52 -4.99
N ILE A 98 -16.45 -4.01 -4.84
CA ILE A 98 -16.29 -2.59 -4.51
C ILE A 98 -16.49 -1.69 -5.72
N GLN A 99 -15.80 -1.98 -6.82
CA GLN A 99 -15.94 -1.16 -8.01
C GLN A 99 -17.35 -1.27 -8.59
N ASN A 100 -18.07 -2.31 -8.17
CA ASN A 100 -19.42 -2.53 -8.66
C ASN A 100 -20.42 -1.57 -8.04
N ASP A 101 -20.23 -1.29 -6.76
CA ASP A 101 -21.11 -0.35 -6.08
C ASP A 101 -20.28 0.67 -5.32
N ILE A 102 -19.43 1.36 -6.06
CA ILE A 102 -18.53 2.38 -5.53
C ILE A 102 -19.08 3.23 -4.35
N PRO A 103 -20.32 3.77 -4.45
CA PRO A 103 -20.84 4.58 -3.33
C PRO A 103 -20.91 3.76 -2.05
N PHE A 104 -21.72 2.71 -2.09
CA PHE A 104 -21.85 1.81 -0.95
C PHE A 104 -20.46 1.49 -0.40
N ALA A 105 -19.56 1.15 -1.31
CA ALA A 105 -18.19 0.84 -0.97
C ALA A 105 -17.60 1.92 -0.08
N LEU A 106 -17.88 3.18 -0.42
CA LEU A 106 -17.39 4.30 0.36
C LEU A 106 -18.08 4.40 1.70
N ASN A 107 -19.41 4.26 1.71
CA ASN A 107 -20.19 4.32 2.94
C ASN A 107 -19.64 3.30 3.94
N LEU A 108 -19.42 2.08 3.44
CA LEU A 108 -18.89 0.99 4.24
C LEU A 108 -17.54 1.30 4.89
N PHE A 109 -16.56 1.73 4.09
CA PHE A 109 -15.22 2.03 4.61
C PHE A 109 -15.05 3.26 5.51
N GLU A 110 -15.69 4.37 5.18
CA GLU A 110 -15.60 5.61 5.97
C GLU A 110 -15.55 5.38 7.47
N ILE A 111 -16.50 4.60 7.98
CA ILE A 111 -16.62 4.29 9.40
C ILE A 111 -15.59 3.26 9.86
N LEU A 112 -14.54 3.07 9.08
CA LEU A 112 -13.51 2.11 9.44
C LEU A 112 -12.25 2.91 9.73
N SER A 113 -11.20 2.24 10.18
CA SER A 113 -9.94 2.92 10.52
C SER A 113 -9.26 3.59 9.35
N ARG A 114 -8.50 4.63 9.67
CA ARG A 114 -7.73 5.37 8.65
C ARG A 114 -6.84 4.36 7.94
N SER A 115 -6.27 3.43 8.69
CA SER A 115 -5.40 2.44 8.10
C SER A 115 -6.16 1.60 7.06
N SER A 116 -7.48 1.61 7.12
CA SER A 116 -8.27 0.80 6.19
C SER A 116 -8.21 1.30 4.76
N ILE A 117 -7.76 2.55 4.59
CA ILE A 117 -7.69 3.14 3.27
C ILE A 117 -6.79 2.38 2.29
N HIS A 118 -5.64 1.96 2.77
CA HIS A 118 -4.70 1.22 1.94
C HIS A 118 -5.35 -0.03 1.35
N VAL A 119 -6.40 -0.54 2.00
CA VAL A 119 -7.09 -1.72 1.50
C VAL A 119 -8.11 -1.31 0.44
N PHE A 120 -8.73 -0.15 0.64
CA PHE A 120 -9.73 0.32 -0.32
C PHE A 120 -9.03 0.69 -1.62
N VAL A 121 -7.92 1.40 -1.47
CA VAL A 121 -7.11 1.85 -2.60
C VAL A 121 -6.34 0.69 -3.21
N GLY A 122 -5.92 -0.23 -2.35
CA GLY A 122 -5.19 -1.40 -2.80
C GLY A 122 -6.07 -2.31 -3.63
N CYS A 123 -7.35 -1.96 -3.73
CA CYS A 123 -8.30 -2.74 -4.51
C CYS A 123 -8.48 -2.10 -5.86
N PHE A 124 -7.78 -0.99 -6.07
CA PHE A 124 -7.84 -0.28 -7.33
C PHE A 124 -6.55 -0.51 -8.06
N SER A 125 -6.67 -1.43 -9.03
CA SER A 125 -5.60 -1.96 -9.89
C SER A 125 -4.79 -1.00 -10.77
N ASN A 126 -5.48 -0.24 -11.60
CA ASN A 126 -4.85 0.72 -12.52
C ASN A 126 -5.62 2.04 -12.53
N LYS A 127 -4.87 3.14 -12.65
CA LYS A 127 -5.45 4.48 -12.66
C LYS A 127 -6.86 4.56 -13.23
N ASP A 128 -7.03 4.11 -14.47
CA ASP A 128 -8.33 4.14 -15.16
C ASP A 128 -9.50 3.72 -14.26
N ALA A 129 -9.31 2.61 -13.55
CA ALA A 129 -10.36 2.09 -12.67
C ALA A 129 -10.72 3.03 -11.53
N THR A 130 -9.85 4.00 -11.27
CA THR A 130 -10.10 4.95 -10.19
C THR A 130 -10.91 6.17 -10.62
N ILE A 131 -11.29 6.26 -11.88
CA ILE A 131 -12.05 7.44 -12.29
C ILE A 131 -13.52 7.41 -11.85
N ALA A 132 -14.17 6.26 -11.97
CA ALA A 132 -15.55 6.19 -11.53
C ALA A 132 -15.56 6.62 -10.07
N LEU A 133 -14.41 6.40 -9.41
CA LEU A 133 -14.19 6.74 -8.00
C LEU A 133 -13.99 8.24 -7.75
N LEU A 134 -13.00 8.84 -8.40
CA LEU A 134 -12.76 10.26 -8.24
C LEU A 134 -14.07 10.99 -8.52
N ASN A 135 -14.89 10.41 -9.40
CA ASN A 135 -16.17 11.02 -9.73
C ASN A 135 -17.03 11.14 -8.48
N GLU A 136 -17.24 10.03 -7.78
CA GLU A 136 -18.03 10.09 -6.57
C GLU A 136 -17.37 11.07 -5.62
N LEU A 137 -16.06 10.97 -5.50
CA LEU A 137 -15.32 11.85 -4.60
C LEU A 137 -15.54 13.35 -4.88
N GLN A 138 -15.59 13.76 -6.14
CA GLN A 138 -15.83 15.17 -6.45
C GLN A 138 -17.18 15.51 -5.86
N ILE A 139 -18.10 14.56 -5.99
CA ILE A 139 -19.46 14.70 -5.53
C ILE A 139 -19.65 14.76 -4.03
N ARG A 140 -19.30 13.68 -3.32
CA ARG A 140 -19.45 13.65 -1.88
C ARG A 140 -18.94 14.97 -1.31
N ILE A 141 -17.80 15.41 -1.82
CA ILE A 141 -17.16 16.65 -1.38
C ILE A 141 -17.98 17.89 -1.71
N HIS A 142 -18.33 18.06 -2.98
CA HIS A 142 -19.08 19.23 -3.38
C HIS A 142 -20.36 19.42 -2.56
N TYR A 143 -21.19 18.37 -2.48
CA TYR A 143 -22.45 18.43 -1.75
C TYR A 143 -22.36 18.55 -0.23
N GLY A 144 -21.18 18.34 0.33
CA GLY A 144 -21.00 18.45 1.78
C GLY A 144 -21.98 17.63 2.58
N GLU A 145 -22.54 16.61 1.94
CA GLU A 145 -23.52 15.74 2.57
C GLU A 145 -22.78 14.74 3.48
N ASP A 146 -21.78 14.08 2.91
CA ASP A 146 -21.00 13.10 3.64
C ASP A 146 -20.32 13.73 4.86
N THR A 147 -20.46 13.08 6.00
CA THR A 147 -19.88 13.53 7.26
C THR A 147 -18.36 13.62 7.26
N HIS A 148 -17.75 12.44 7.20
CA HIS A 148 -16.29 12.27 7.23
C HIS A 148 -15.48 12.71 6.01
N VAL A 149 -15.27 14.02 5.88
CA VAL A 149 -14.51 14.52 4.75
C VAL A 149 -13.09 14.01 4.93
N THR A 150 -12.48 14.30 6.08
CA THR A 150 -11.11 13.86 6.36
C THR A 150 -10.75 12.49 5.77
N TYR A 151 -11.68 11.54 5.85
CA TYR A 151 -11.44 10.20 5.31
C TYR A 151 -11.51 10.20 3.78
N LEU A 152 -12.54 10.82 3.22
CA LEU A 152 -12.68 10.88 1.76
C LEU A 152 -11.46 11.57 1.12
N LEU A 153 -10.98 12.65 1.73
CA LEU A 153 -9.84 13.43 1.23
C LEU A 153 -8.53 12.70 1.53
N SER A 154 -8.58 11.73 2.44
CA SER A 154 -7.38 10.96 2.75
C SER A 154 -7.26 9.90 1.67
N ILE A 155 -8.40 9.51 1.12
CA ILE A 155 -8.41 8.53 0.04
C ILE A 155 -7.78 9.29 -1.11
N ILE A 156 -8.20 10.53 -1.28
CA ILE A 156 -7.66 11.38 -2.32
C ILE A 156 -6.14 11.43 -2.21
N LEU A 157 -5.63 11.88 -1.07
CA LEU A 157 -4.19 11.98 -0.90
C LEU A 157 -3.43 10.70 -1.20
N GLN A 158 -4.05 9.55 -0.92
CA GLN A 158 -3.39 8.27 -1.17
C GLN A 158 -3.64 7.88 -2.61
N LEU A 159 -4.79 8.26 -3.14
CA LEU A 159 -5.12 7.92 -4.52
C LEU A 159 -4.12 8.68 -5.39
N LEU A 160 -3.78 9.90 -4.95
CA LEU A 160 -2.82 10.76 -5.64
C LEU A 160 -1.43 10.13 -5.58
N ASN A 161 -0.90 10.02 -4.36
CA ASN A 161 0.41 9.45 -4.11
C ASN A 161 0.63 8.08 -4.76
N LYS A 162 -0.43 7.40 -5.17
CA LYS A 162 -0.30 6.07 -5.77
C LYS A 162 -0.38 6.01 -7.28
N PHE A 163 -0.81 7.08 -7.92
CA PHE A 163 -0.89 7.06 -9.37
C PHE A 163 -0.23 8.26 -10.02
N LYS A 164 -0.19 8.22 -11.35
CA LYS A 164 0.39 9.30 -12.12
C LYS A 164 -0.80 9.91 -12.83
N TYR A 165 -1.41 10.90 -12.19
CA TYR A 165 -2.58 11.52 -12.78
C TYR A 165 -2.25 12.61 -13.80
N ASN A 166 -3.25 13.03 -14.55
CA ASN A 166 -3.04 14.04 -15.58
C ASN A 166 -3.56 15.44 -15.27
N PHE A 167 -4.08 15.62 -14.07
CA PHE A 167 -4.61 16.90 -13.65
C PHE A 167 -5.97 17.16 -14.28
N LYS A 168 -6.10 16.92 -15.58
CA LYS A 168 -7.38 17.13 -16.25
C LYS A 168 -8.37 16.28 -15.48
N GLU A 169 -7.82 15.40 -14.66
CA GLU A 169 -8.58 14.45 -13.85
C GLU A 169 -8.69 14.73 -12.36
N VAL A 170 -7.87 15.65 -11.87
CA VAL A 170 -7.86 15.99 -10.45
C VAL A 170 -8.09 17.48 -10.24
N ARG A 171 -8.03 18.25 -11.31
CA ARG A 171 -8.23 19.70 -11.25
C ARG A 171 -9.45 20.07 -10.42
N PHE A 172 -10.43 19.17 -10.35
CA PHE A 172 -11.64 19.48 -9.60
C PHE A 172 -11.32 19.71 -8.14
N LEU A 173 -10.17 19.22 -7.67
CA LEU A 173 -9.80 19.42 -6.28
C LEU A 173 -9.72 20.90 -5.93
N VAL A 174 -9.03 21.68 -6.75
CA VAL A 174 -8.87 23.10 -6.50
C VAL A 174 -10.22 23.73 -6.19
N LYS A 175 -11.11 23.70 -7.17
CA LYS A 175 -12.43 24.27 -7.01
C LYS A 175 -13.08 23.75 -5.72
N GLU A 176 -13.51 22.49 -5.72
CA GLU A 176 -14.19 21.89 -4.57
C GLU A 176 -13.53 22.11 -3.20
N LEU A 177 -12.21 22.14 -3.14
CA LEU A 177 -11.53 22.34 -1.86
C LEU A 177 -11.49 23.79 -1.45
N ILE A 178 -11.23 24.69 -2.40
CA ILE A 178 -11.19 26.13 -2.11
C ILE A 178 -12.59 26.59 -1.73
N LEU A 179 -13.59 26.06 -2.44
CA LEU A 179 -14.99 26.37 -2.21
C LEU A 179 -15.46 26.04 -0.79
N ARG A 180 -14.64 25.28 -0.07
CA ARG A 180 -14.97 24.91 1.31
C ARG A 180 -13.92 25.43 2.30
N ILE A 181 -13.12 26.41 1.88
CA ILE A 181 -12.06 26.95 2.72
C ILE A 181 -12.51 27.24 4.14
N SER A 182 -13.75 27.72 4.27
CA SER A 182 -14.33 28.08 5.56
C SER A 182 -14.19 27.02 6.65
N GLU A 183 -14.41 25.75 6.27
CA GLU A 183 -14.34 24.58 7.18
C GLU A 183 -12.94 24.13 7.56
N ASP A 184 -12.60 24.16 8.86
CA ASP A 184 -11.26 23.74 9.29
C ASP A 184 -10.88 22.29 9.03
N GLU A 185 -11.87 21.41 8.88
CA GLU A 185 -11.55 20.03 8.64
C GLU A 185 -11.01 19.90 7.24
N VAL A 186 -11.54 20.73 6.34
CA VAL A 186 -11.14 20.74 4.94
C VAL A 186 -9.91 21.58 4.75
N LYS A 187 -10.00 22.84 5.12
CA LYS A 187 -8.87 23.76 5.00
C LYS A 187 -7.56 23.03 5.36
N SER A 188 -7.63 22.15 6.35
CA SER A 188 -6.45 21.40 6.81
C SER A 188 -6.01 20.34 5.81
N MET A 189 -6.94 19.48 5.37
CA MET A 189 -6.62 18.45 4.38
C MET A 189 -6.27 19.07 3.05
N MET A 190 -6.66 20.33 2.87
CA MET A 190 -6.40 21.07 1.65
C MET A 190 -4.92 21.37 1.49
N LEU A 191 -4.33 22.09 2.45
CA LEU A 191 -2.90 22.40 2.38
C LEU A 191 -2.13 21.16 1.94
N ILE A 192 -2.46 20.00 2.50
CA ILE A 192 -1.76 18.79 2.14
C ILE A 192 -1.99 18.41 0.68
N ILE A 193 -3.23 18.05 0.35
CA ILE A 193 -3.58 17.67 -1.02
C ILE A 193 -3.02 18.68 -2.01
N PHE A 194 -3.00 19.94 -1.61
CA PHE A 194 -2.48 20.99 -2.46
C PHE A 194 -0.96 20.92 -2.64
N ALA A 195 -0.22 20.74 -1.54
CA ALA A 195 1.23 20.67 -1.62
C ALA A 195 1.60 19.64 -2.69
N GLU A 196 0.92 18.50 -2.69
CA GLU A 196 1.20 17.48 -3.69
C GLU A 196 0.91 18.05 -5.06
N LEU A 197 -0.37 18.29 -5.35
CA LEU A 197 -0.79 18.86 -6.62
C LEU A 197 0.21 19.88 -7.15
N GLN A 198 0.75 20.71 -6.25
CA GLN A 198 1.75 21.72 -6.59
C GLN A 198 2.97 21.08 -7.28
N SER A 199 3.80 20.44 -6.48
CA SER A 199 5.02 19.81 -6.96
C SER A 199 4.77 18.70 -7.99
N SER A 200 3.53 18.57 -8.45
CA SER A 200 3.23 17.53 -9.42
C SER A 200 2.62 18.05 -10.73
N PHE A 201 2.30 19.33 -10.77
CA PHE A 201 1.71 19.90 -11.97
C PHE A 201 2.16 21.36 -12.08
N GLN A 202 3.14 21.70 -11.24
CA GLN A 202 3.72 23.03 -11.20
C GLN A 202 2.76 24.12 -11.64
N LYS A 203 3.15 24.86 -12.67
CA LYS A 203 2.35 25.95 -13.20
C LYS A 203 0.99 25.54 -13.70
N ASP A 204 0.83 24.26 -14.06
CA ASP A 204 -0.47 23.78 -14.56
C ASP A 204 -1.51 23.87 -13.45
N PHE A 205 -1.04 23.66 -12.22
CA PHE A 205 -1.85 23.74 -11.02
C PHE A 205 -1.79 25.22 -10.66
N ASP A 206 -0.56 25.69 -10.48
CA ASP A 206 -0.26 27.09 -10.14
C ASP A 206 -1.19 28.10 -10.82
N LYS A 207 -1.65 27.79 -12.03
CA LYS A 207 -2.50 28.70 -12.78
C LYS A 207 -3.98 28.35 -12.70
N ALA A 208 -4.29 27.07 -12.49
CA ALA A 208 -5.68 26.61 -12.38
C ALA A 208 -6.29 27.21 -11.12
N VAL A 209 -5.42 27.54 -10.17
CA VAL A 209 -5.82 28.15 -8.91
C VAL A 209 -6.14 29.61 -9.17
N VAL A 210 -5.21 30.31 -9.82
CA VAL A 210 -5.39 31.72 -10.13
C VAL A 210 -6.62 31.84 -11.01
N ASP A 211 -6.86 30.80 -11.80
CA ASP A 211 -8.01 30.75 -12.68
C ASP A 211 -9.30 30.63 -11.89
N PHE A 212 -9.33 29.74 -10.91
CA PHE A 212 -10.54 29.58 -10.11
C PHE A 212 -10.80 30.88 -9.33
N MET A 213 -9.79 31.33 -8.60
CA MET A 213 -9.90 32.55 -7.81
C MET A 213 -10.42 33.74 -8.63
N SER A 214 -9.97 33.83 -9.88
CA SER A 214 -10.40 34.89 -10.78
C SER A 214 -11.92 34.75 -10.92
N SER A 215 -12.37 33.50 -11.02
CA SER A 215 -13.79 33.17 -11.15
C SER A 215 -14.54 33.81 -9.98
N LEU A 216 -13.94 33.75 -8.79
CA LEU A 216 -14.55 34.32 -7.60
C LEU A 216 -14.52 35.85 -7.57
N ILE A 217 -13.39 36.45 -7.90
CA ILE A 217 -13.35 37.91 -7.91
C ILE A 217 -14.38 38.46 -8.91
N VAL A 218 -14.57 37.79 -10.05
CA VAL A 218 -15.57 38.25 -11.02
C VAL A 218 -16.95 38.12 -10.42
N GLU A 219 -17.15 37.04 -9.68
CA GLU A 219 -18.45 36.81 -9.06
C GLU A 219 -18.79 37.94 -8.11
N ALA A 220 -17.80 38.34 -7.30
CA ALA A 220 -17.97 39.42 -6.32
C ALA A 220 -18.14 40.81 -6.94
N GLU A 221 -17.67 40.96 -8.17
CA GLU A 221 -17.73 42.22 -8.90
C GLU A 221 -19.13 42.47 -9.42
N ILE A 222 -19.82 41.39 -9.78
CA ILE A 222 -21.17 41.47 -10.34
C ILE A 222 -22.22 41.45 -9.23
N ASP A 223 -21.84 41.01 -8.04
CA ASP A 223 -22.75 40.93 -6.89
C ASP A 223 -23.62 39.69 -7.00
N VAL A 224 -22.95 38.55 -7.13
CA VAL A 224 -23.61 37.26 -7.27
C VAL A 224 -22.75 36.25 -6.50
N GLY A 225 -23.35 35.17 -6.03
CA GLY A 225 -22.57 34.16 -5.32
C GLY A 225 -22.90 33.87 -3.87
N ASN A 226 -22.39 32.74 -3.38
CA ASN A 226 -22.60 32.28 -2.01
C ASN A 226 -22.01 33.29 -1.05
N ASP A 227 -21.08 34.08 -1.59
CA ASP A 227 -20.33 35.13 -0.90
C ASP A 227 -18.87 34.93 -1.25
N PRO A 228 -18.51 35.25 -2.50
CA PRO A 228 -17.15 35.13 -3.01
C PRO A 228 -16.15 35.69 -2.01
N LEU A 229 -15.96 37.00 -2.08
CA LEU A 229 -15.04 37.71 -1.22
C LEU A 229 -14.51 36.94 -0.01
N SER A 230 -15.42 36.36 0.76
CA SER A 230 -15.00 35.63 1.95
C SER A 230 -14.13 34.40 1.59
N ILE A 231 -14.64 33.58 0.68
CA ILE A 231 -13.91 32.40 0.23
C ILE A 231 -12.50 32.87 -0.14
N ILE A 232 -12.45 33.92 -0.96
CA ILE A 232 -11.20 34.55 -1.43
C ILE A 232 -10.28 34.95 -0.28
N VAL A 233 -10.70 35.95 0.49
CA VAL A 233 -9.92 36.42 1.63
C VAL A 233 -9.41 35.23 2.41
N LYS A 234 -10.33 34.35 2.81
CA LYS A 234 -9.94 33.16 3.57
C LYS A 234 -8.91 32.29 2.87
N THR A 235 -9.08 32.09 1.56
CA THR A 235 -8.15 31.28 0.77
C THR A 235 -6.78 31.97 0.64
N LEU A 236 -6.79 33.28 0.40
CA LEU A 236 -5.53 34.02 0.28
C LEU A 236 -4.71 33.89 1.56
N SER A 237 -5.21 34.40 2.67
CA SER A 237 -4.47 34.30 3.93
C SER A 237 -3.99 32.88 4.20
N GLU A 238 -4.86 31.92 3.91
CA GLU A 238 -4.56 30.52 4.15
C GLU A 238 -3.47 29.93 3.28
N LEU A 239 -3.45 30.30 2.00
CA LEU A 239 -2.45 29.79 1.08
C LEU A 239 -1.28 30.73 0.89
N TYR A 240 -1.17 31.76 1.71
CA TYR A 240 -0.10 32.70 1.52
C TYR A 240 1.26 32.07 1.74
N PRO A 241 1.46 31.41 2.88
CA PRO A 241 2.79 30.81 3.05
C PRO A 241 3.12 29.77 1.98
N SER A 242 2.15 28.92 1.65
CA SER A 242 2.32 27.86 0.65
C SER A 242 2.65 28.37 -0.74
N LEU A 243 2.00 29.45 -1.15
CA LEU A 243 2.25 29.99 -2.47
C LEU A 243 2.37 31.50 -2.39
N THR A 244 3.26 31.94 -1.51
CA THR A 244 3.55 33.35 -1.31
C THR A 244 3.45 34.13 -2.62
N THR A 245 4.38 33.85 -3.54
CA THR A 245 4.45 34.49 -4.85
C THR A 245 3.07 34.58 -5.52
N LEU A 246 2.42 33.42 -5.62
CA LEU A 246 1.10 33.29 -6.24
C LEU A 246 0.04 34.26 -5.69
N CYS A 247 -0.34 34.06 -4.44
CA CYS A 247 -1.36 34.87 -3.78
C CYS A 247 -1.27 36.37 -4.06
N SER A 248 -0.06 36.92 -4.01
CA SER A 248 0.15 38.35 -4.28
C SER A 248 -0.33 38.69 -5.69
N GLU A 249 -0.03 37.78 -6.63
CA GLU A 249 -0.43 37.94 -8.02
C GLU A 249 -1.95 37.91 -8.12
N ILE A 250 -2.60 37.75 -6.97
CA ILE A 250 -4.04 37.73 -6.94
C ILE A 250 -4.44 38.84 -6.00
N PHE A 251 -3.71 39.00 -4.92
CA PHE A 251 -4.03 40.04 -3.96
C PHE A 251 -4.02 41.43 -4.58
N LEU A 252 -3.22 41.60 -5.63
CA LEU A 252 -3.16 42.89 -6.28
C LEU A 252 -4.40 43.11 -7.13
N THR A 253 -4.69 42.17 -8.02
CA THR A 253 -5.86 42.22 -8.91
C THR A 253 -6.58 43.58 -8.89
N LYS A 254 -6.62 44.23 -10.04
CA LYS A 254 -7.22 45.54 -10.20
C LYS A 254 -8.28 45.98 -9.17
N GLY A 255 -9.52 45.53 -9.33
CA GLY A 255 -10.56 45.96 -8.41
C GLY A 255 -10.70 45.27 -7.06
N LEU A 256 -10.01 44.16 -6.84
CA LEU A 256 -10.11 43.44 -5.58
C LEU A 256 -9.84 44.34 -4.41
N SER A 257 -8.71 45.04 -4.45
CA SER A 257 -8.37 45.95 -3.37
C SER A 257 -9.59 46.83 -3.00
N LYS A 258 -10.39 47.20 -3.99
CA LYS A 258 -11.58 48.02 -3.73
C LYS A 258 -12.68 47.22 -3.08
N LEU A 259 -13.05 46.12 -3.74
CA LEU A 259 -14.11 45.25 -3.25
C LEU A 259 -14.04 44.90 -1.78
N PHE A 260 -12.83 44.64 -1.26
CA PHE A 260 -12.68 44.33 0.16
C PHE A 260 -13.18 45.52 0.97
N LYS A 261 -12.51 46.65 0.79
CA LYS A 261 -12.85 47.87 1.50
C LYS A 261 -14.35 48.15 1.48
N LYS A 262 -14.95 48.15 0.31
CA LYS A 262 -16.38 48.41 0.22
C LYS A 262 -17.18 47.52 1.16
N ARG A 263 -16.84 46.24 1.22
CA ARG A 263 -17.56 45.35 2.10
C ARG A 263 -17.28 45.64 3.58
N VAL A 264 -16.14 46.23 3.87
CA VAL A 264 -15.77 46.55 5.24
C VAL A 264 -16.33 47.87 5.74
N PHE A 265 -16.41 48.86 4.85
CA PHE A 265 -16.94 50.17 5.22
C PHE A 265 -18.46 50.20 5.11
N GLU A 266 -18.95 50.27 3.88
CA GLU A 266 -20.40 50.31 3.62
C GLU A 266 -21.13 49.04 4.09
N GLU A 267 -20.52 48.31 5.02
CA GLU A 267 -21.12 47.10 5.59
C GLU A 267 -20.44 46.78 6.91
N GLN A 268 -21.17 46.15 7.81
CA GLN A 268 -20.60 45.80 9.11
C GLN A 268 -19.64 44.64 8.92
N ASP A 269 -20.22 43.45 8.76
CA ASP A 269 -19.45 42.25 8.60
C ASP A 269 -18.24 42.34 9.51
N LEU A 270 -18.48 42.68 10.76
CA LEU A 270 -17.38 42.78 11.69
C LEU A 270 -16.50 41.54 11.51
N GLN A 271 -17.13 40.39 11.38
CA GLN A 271 -16.40 39.14 11.19
C GLN A 271 -15.58 39.17 9.90
N PHE A 272 -16.11 39.80 8.84
CA PHE A 272 -15.37 39.87 7.59
C PHE A 272 -14.16 40.75 7.78
N THR A 273 -14.37 41.90 8.39
CA THR A 273 -13.29 42.84 8.66
C THR A 273 -12.10 42.05 9.24
N LYS A 274 -12.32 41.47 10.42
CA LYS A 274 -11.30 40.70 11.12
C LYS A 274 -10.56 39.77 10.16
N GLU A 275 -11.33 39.11 9.29
CA GLU A 275 -10.81 38.16 8.31
C GLU A 275 -9.87 38.80 7.31
N LEU A 276 -10.10 40.07 7.02
CA LEU A 276 -9.27 40.80 6.07
C LEU A 276 -7.96 41.16 6.77
N LEU A 277 -8.07 41.62 8.00
CA LEU A 277 -6.90 42.00 8.77
C LEU A 277 -5.98 40.78 8.93
N ARG A 278 -6.54 39.57 8.85
CA ARG A 278 -5.73 38.36 8.97
C ARG A 278 -5.01 38.11 7.65
N LEU A 279 -5.48 38.76 6.59
CA LEU A 279 -4.90 38.62 5.27
C LEU A 279 -3.77 39.63 5.16
N LEU A 280 -4.11 40.91 5.33
CA LEU A 280 -3.15 41.98 5.27
C LEU A 280 -1.87 41.57 6.01
N SER A 281 -2.06 40.93 7.16
CA SER A 281 -0.93 40.51 7.96
C SER A 281 -0.19 39.35 7.32
N SER A 282 -0.92 38.42 6.70
CA SER A 282 -0.32 37.24 6.06
C SER A 282 0.44 37.59 4.81
N ALA A 283 0.07 38.72 4.20
CA ALA A 283 0.71 39.17 2.97
C ALA A 283 1.98 39.99 3.21
N CYS A 284 2.20 40.41 4.46
CA CYS A 284 3.40 41.18 4.78
C CYS A 284 4.68 40.39 4.56
N ILE A 285 4.99 40.12 3.30
CA ILE A 285 6.19 39.37 2.96
C ILE A 285 7.26 40.31 2.36
N ASP A 286 7.28 40.48 1.04
CA ASP A 286 8.27 41.36 0.43
C ASP A 286 7.99 42.82 0.78
N GLU A 287 9.04 43.61 0.95
CA GLU A 287 8.93 45.03 1.29
C GLU A 287 7.92 45.79 0.40
N THR A 288 7.52 45.15 -0.69
CA THR A 288 6.58 45.72 -1.65
C THR A 288 5.13 45.67 -1.16
N MET A 289 4.70 44.49 -0.75
CA MET A 289 3.34 44.30 -0.27
C MET A 289 3.12 45.16 0.95
N ARG A 290 4.13 45.17 1.82
CA ARG A 290 4.08 45.95 3.05
C ARG A 290 3.74 47.38 2.66
N THR A 291 4.50 47.91 1.70
CA THR A 291 4.29 49.27 1.23
C THR A 291 2.94 49.39 0.53
N TYR A 292 2.60 48.38 -0.28
CA TYR A 292 1.33 48.34 -1.00
C TYR A 292 0.21 48.45 0.03
N ILE A 293 0.24 47.54 0.99
CA ILE A 293 -0.76 47.52 2.04
C ILE A 293 -0.96 48.90 2.65
N THR A 294 0.12 49.65 2.79
CA THR A 294 0.01 50.98 3.38
C THR A 294 -0.65 51.94 2.43
N GLU A 295 -0.16 51.98 1.19
CA GLU A 295 -0.70 52.86 0.16
C GLU A 295 -2.19 52.59 -0.08
N ASN A 296 -2.64 51.36 0.14
CA ASN A 296 -4.04 51.02 -0.12
C ASN A 296 -5.02 50.78 1.03
N TYR A 297 -4.54 50.29 2.18
CA TYR A 297 -5.45 49.98 3.30
C TYR A 297 -5.22 50.76 4.63
N LEU A 298 -4.70 51.98 4.56
CA LEU A 298 -4.43 52.75 5.78
C LEU A 298 -5.65 53.29 6.52
N GLN A 299 -6.61 53.88 5.80
CA GLN A 299 -7.80 54.42 6.45
C GLN A 299 -8.55 53.30 7.16
N LEU A 300 -8.47 52.10 6.60
CA LEU A 300 -9.12 50.93 7.17
C LEU A 300 -8.54 50.74 8.56
N LEU A 301 -7.27 50.37 8.60
CA LEU A 301 -6.53 50.13 9.82
C LEU A 301 -6.77 51.21 10.87
N GLU A 302 -6.94 52.44 10.41
CA GLU A 302 -7.16 53.56 11.32
C GLU A 302 -8.45 53.41 12.12
N ARG A 303 -9.58 53.63 11.47
CA ARG A 303 -10.88 53.53 12.12
C ARG A 303 -11.15 52.15 12.74
N SER A 304 -10.36 51.16 12.35
CA SER A 304 -10.55 49.81 12.86
C SER A 304 -10.25 49.75 14.35
N LEU A 305 -9.16 50.42 14.75
CA LEU A 305 -8.69 50.44 16.14
C LEU A 305 -9.67 50.95 17.18
N ASN A 306 -10.94 51.03 16.82
CA ASN A 306 -11.97 51.51 17.73
C ASN A 306 -12.74 50.37 18.35
N VAL A 307 -12.98 49.33 17.55
CA VAL A 307 -13.71 48.17 18.02
C VAL A 307 -12.70 47.14 18.53
N GLU A 308 -12.82 46.75 19.81
CA GLU A 308 -11.89 45.76 20.35
C GLU A 308 -11.79 44.55 19.44
N ASP A 309 -12.93 44.15 18.90
CA ASP A 309 -13.03 42.99 18.02
C ASP A 309 -12.04 43.05 16.85
N VAL A 310 -11.47 44.22 16.62
CA VAL A 310 -10.52 44.40 15.54
C VAL A 310 -9.37 45.36 15.88
N GLN A 311 -9.05 45.49 17.16
CA GLN A 311 -7.96 46.40 17.53
C GLN A 311 -6.64 45.69 17.40
N ILE A 312 -6.57 44.46 17.89
CA ILE A 312 -5.34 43.67 17.82
C ILE A 312 -4.99 43.38 16.37
N TYR A 313 -5.95 42.85 15.62
CA TYR A 313 -5.73 42.51 14.21
C TYR A 313 -5.32 43.72 13.39
N SER A 314 -5.74 44.91 13.83
CA SER A 314 -5.41 46.15 13.13
C SER A 314 -4.00 46.60 13.49
N ALA A 315 -3.75 46.71 14.79
CA ALA A 315 -2.44 47.12 15.28
C ALA A 315 -1.39 46.26 14.59
N LEU A 316 -1.39 44.95 14.90
CA LEU A 316 -0.44 44.03 14.31
C LEU A 316 -0.12 44.36 12.85
N VAL A 317 -1.13 44.77 12.09
CA VAL A 317 -0.88 45.11 10.70
C VAL A 317 -0.03 46.37 10.65
N LEU A 318 -0.45 47.38 11.41
CA LEU A 318 0.26 48.66 11.48
C LEU A 318 1.71 48.47 11.91
N VAL A 319 1.97 47.49 12.78
CA VAL A 319 3.34 47.24 13.22
C VAL A 319 4.11 46.52 12.12
N LYS A 320 3.65 45.33 11.74
CA LYS A 320 4.33 44.56 10.69
C LYS A 320 4.47 45.32 9.37
N THR A 321 3.90 46.51 9.28
CA THR A 321 4.01 47.32 8.06
C THR A 321 4.67 48.65 8.36
N TRP A 322 4.65 49.03 9.63
CA TRP A 322 5.25 50.29 10.09
C TRP A 322 4.43 51.49 9.66
N SER A 323 3.14 51.28 9.48
CA SER A 323 2.25 52.36 9.07
C SER A 323 1.84 53.22 10.25
N PHE A 324 2.16 52.76 11.46
CA PHE A 324 1.80 53.49 12.67
C PHE A 324 2.49 54.85 12.70
N THR A 325 3.58 54.93 11.95
CA THR A 325 4.35 56.16 11.85
C THR A 325 3.62 57.26 11.06
N LYS A 326 2.37 56.99 10.67
CA LYS A 326 1.59 57.97 9.92
C LYS A 326 0.45 58.57 10.73
N LEU A 327 -0.40 57.72 11.28
CA LEU A 327 -1.58 58.15 12.05
C LEU A 327 -1.46 59.13 13.23
N THR A 328 -2.31 60.16 13.18
CA THR A 328 -2.38 61.24 14.18
C THR A 328 -3.27 60.83 15.36
N CYS A 329 -3.66 59.57 15.42
CA CYS A 329 -4.54 59.09 16.46
C CYS A 329 -3.91 58.23 17.55
N ILE A 330 -2.68 57.79 17.33
CA ILE A 330 -1.98 56.96 18.31
C ILE A 330 -0.49 57.25 18.25
N ASN A 331 0.25 56.80 19.27
CA ASN A 331 1.68 57.00 19.29
C ASN A 331 2.34 55.75 19.85
N LEU A 332 3.59 55.54 19.49
CA LEU A 332 4.34 54.38 19.94
C LEU A 332 4.06 53.93 21.37
N LYS A 333 3.86 54.90 22.26
CA LYS A 333 3.60 54.61 23.66
C LYS A 333 2.29 53.84 23.84
N GLN A 334 1.20 54.45 23.40
CA GLN A 334 -0.10 53.83 23.50
C GLN A 334 -0.09 52.57 22.66
N LEU A 335 0.21 52.73 21.38
CA LEU A 335 0.26 51.65 20.41
C LEU A 335 0.83 50.34 20.96
N SER A 336 1.83 50.44 21.83
CA SER A 336 2.47 49.26 22.41
C SER A 336 1.81 48.84 23.72
N GLU A 337 1.21 49.81 24.39
CA GLU A 337 0.53 49.56 25.65
C GLU A 337 -0.50 48.46 25.42
N ILE A 338 -1.09 48.46 24.23
CA ILE A 338 -2.09 47.48 23.81
C ILE A 338 -1.60 46.04 23.91
N PHE A 339 -0.37 45.81 23.46
CA PHE A 339 0.22 44.49 23.47
C PHE A 339 0.76 44.13 24.86
N ILE A 340 1.28 45.13 25.56
CA ILE A 340 1.82 44.94 26.90
C ILE A 340 0.64 44.70 27.83
N ASN A 341 -0.41 45.48 27.59
CA ASN A 341 -1.64 45.44 28.33
C ASN A 341 -2.19 44.02 28.33
N ALA A 342 -2.50 43.54 27.13
CA ALA A 342 -3.06 42.21 26.97
C ALA A 342 -2.18 41.05 27.41
N ILE A 343 -0.89 41.12 27.13
CA ILE A 343 0.00 40.01 27.48
C ILE A 343 0.26 39.85 28.98
N SER A 344 -0.41 40.63 29.80
CA SER A 344 -0.21 40.51 31.25
C SER A 344 -1.06 39.36 31.84
N ARG A 345 -0.80 38.15 31.37
CA ARG A 345 -1.50 36.93 31.80
C ARG A 345 -3.01 37.02 31.51
N ARG A 346 -3.40 37.95 30.66
CA ARG A 346 -4.80 38.16 30.33
C ARG A 346 -5.26 37.48 29.05
N ILE A 347 -5.99 38.25 28.25
CA ILE A 347 -6.57 37.85 26.97
C ILE A 347 -5.72 36.89 26.15
N VAL A 348 -5.71 35.62 26.54
CA VAL A 348 -4.92 34.59 25.86
C VAL A 348 -4.92 34.64 24.31
N PRO A 349 -6.07 34.98 23.69
CA PRO A 349 -6.05 35.02 22.21
C PRO A 349 -5.07 36.05 21.64
N LYS A 350 -4.80 37.09 22.44
CA LYS A 350 -3.88 38.19 22.05
C LYS A 350 -2.42 37.89 22.43
N VAL A 351 -2.26 37.11 23.49
CA VAL A 351 -0.95 36.76 24.02
C VAL A 351 0.12 36.43 22.97
N GLU A 352 -0.24 35.66 21.94
CA GLU A 352 0.76 35.31 20.93
C GLU A 352 1.09 36.43 19.97
N MET A 353 0.10 36.93 19.25
CA MET A 353 0.36 37.98 18.28
C MET A 353 0.89 39.27 18.91
N SER A 354 0.67 39.47 20.21
CA SER A 354 1.16 40.68 20.88
C SER A 354 2.67 40.60 21.11
N VAL A 355 3.16 39.36 21.17
CA VAL A 355 4.58 39.08 21.33
C VAL A 355 5.21 39.41 19.99
N GLU A 356 4.76 38.73 18.95
CA GLU A 356 5.26 38.96 17.61
C GLU A 356 5.29 40.46 17.37
N ALA A 357 4.24 41.15 17.78
CA ALA A 357 4.16 42.59 17.61
C ALA A 357 5.23 43.28 18.41
N LEU A 358 5.32 42.90 19.68
CA LEU A 358 6.26 43.52 20.57
C LEU A 358 7.71 43.11 20.28
N ALA A 359 7.91 42.07 19.48
CA ALA A 359 9.25 41.65 19.12
C ALA A 359 9.79 42.69 18.13
N TYR A 360 8.87 43.41 17.48
CA TYR A 360 9.24 44.46 16.55
C TYR A 360 9.41 45.71 17.41
N LEU A 361 8.27 46.31 17.79
CA LEU A 361 8.28 47.51 18.62
C LEU A 361 9.42 47.59 19.63
N SER A 362 9.88 46.44 20.13
CA SER A 362 10.98 46.41 21.07
C SER A 362 12.28 46.58 20.32
N LEU A 363 12.27 47.48 19.35
CA LEU A 363 13.42 47.76 18.53
C LEU A 363 13.69 49.25 18.60
N LYS A 364 12.63 50.04 18.78
CA LYS A 364 12.76 51.49 18.81
C LYS A 364 13.10 52.21 20.14
N ALA A 365 13.74 51.49 21.06
CA ALA A 365 14.17 52.06 22.34
C ALA A 365 13.08 52.70 23.18
N SER A 366 12.29 53.59 22.58
CA SER A 366 11.19 54.22 23.28
C SER A 366 10.56 53.07 24.04
N VAL A 367 10.32 51.99 23.28
CA VAL A 367 9.75 50.77 23.80
C VAL A 367 10.74 50.07 24.74
N LYS A 368 11.97 49.87 24.26
CA LYS A 368 12.99 49.23 25.08
C LYS A 368 13.02 49.80 26.51
N ILE A 369 13.13 51.12 26.62
CA ILE A 369 13.15 51.74 27.93
C ILE A 369 11.89 51.35 28.68
N MET A 370 10.75 51.67 28.07
CA MET A 370 9.43 51.37 28.61
C MET A 370 9.31 49.99 29.29
N ILE A 371 9.70 48.95 28.56
CA ILE A 371 9.63 47.56 29.03
C ILE A 371 10.53 47.17 30.19
N ARG A 372 11.74 47.72 30.25
CA ARG A 372 12.67 47.40 31.32
C ARG A 372 12.28 48.11 32.62
N SER A 373 11.27 49.00 32.50
CA SER A 373 10.72 49.78 33.63
C SER A 373 9.62 48.96 34.31
N ASN A 374 8.61 48.60 33.53
CA ASN A 374 7.49 47.81 34.00
C ASN A 374 8.07 46.48 34.49
N GLU A 375 8.49 46.43 35.75
CA GLU A 375 9.09 45.21 36.29
C GLU A 375 8.16 43.99 36.25
N SER A 376 6.86 44.22 36.44
CA SER A 376 5.89 43.13 36.44
C SER A 376 5.77 42.45 35.09
N PHE A 377 5.61 43.25 34.05
CA PHE A 377 5.50 42.72 32.71
C PHE A 377 6.74 41.88 32.44
N THR A 378 7.90 42.40 32.81
CA THR A 378 9.15 41.68 32.62
C THR A 378 9.09 40.32 33.29
N GLU A 379 8.49 40.28 34.47
CA GLU A 379 8.36 39.04 35.23
C GLU A 379 7.47 38.05 34.49
N ILE A 380 6.33 38.53 33.97
CA ILE A 380 5.40 37.69 33.23
C ILE A 380 6.11 37.09 32.02
N LEU A 381 6.91 37.94 31.36
CA LEU A 381 7.68 37.54 30.20
C LEU A 381 8.65 36.45 30.66
N LEU A 382 9.45 36.75 31.68
CA LEU A 382 10.41 35.77 32.21
C LEU A 382 9.76 34.44 32.51
N THR A 383 8.57 34.47 33.09
CA THR A 383 7.88 33.23 33.40
C THR A 383 7.42 32.64 32.07
N MET A 384 6.91 33.51 31.19
CA MET A 384 6.41 33.11 29.86
C MET A 384 7.40 32.33 29.01
N ILE A 385 8.68 32.51 29.29
CA ILE A 385 9.75 31.83 28.55
C ILE A 385 10.02 30.47 29.19
N LYS A 386 10.39 30.52 30.47
CA LYS A 386 10.70 29.33 31.26
C LYS A 386 9.54 28.34 31.29
N SER A 387 8.98 28.15 32.48
CA SER A 387 7.86 27.23 32.69
C SER A 387 6.91 27.16 31.49
N GLN A 388 6.18 28.24 31.26
CA GLN A 388 5.20 28.33 30.18
C GLN A 388 5.27 27.29 29.06
N LYS A 389 6.44 27.09 28.48
CA LYS A 389 6.58 26.14 27.39
C LYS A 389 5.47 26.41 26.37
N MET A 390 5.37 27.67 25.94
CA MET A 390 4.37 28.08 24.97
C MET A 390 4.98 28.15 23.58
N THR A 391 5.66 27.06 23.22
CA THR A 391 6.32 26.89 21.93
C THR A 391 6.51 28.13 21.07
N HIS A 392 5.55 28.42 20.18
CA HIS A 392 5.65 29.55 19.26
C HIS A 392 5.90 30.91 19.90
N CYS A 393 5.46 31.11 21.14
CA CYS A 393 5.68 32.39 21.81
C CYS A 393 7.14 32.60 22.21
N LEU A 394 7.92 31.53 22.18
CA LEU A 394 9.32 31.59 22.56
C LEU A 394 10.16 32.51 21.69
N TYR A 395 10.16 32.28 20.38
CA TYR A 395 10.94 33.09 19.47
C TYR A 395 10.80 34.58 19.77
N GLY A 396 9.58 35.10 19.73
CA GLY A 396 9.38 36.50 20.01
C GLY A 396 9.80 36.89 21.41
N LEU A 397 9.44 36.06 22.39
CA LEU A 397 9.80 36.35 23.77
C LEU A 397 11.31 36.37 23.90
N LEU A 398 11.98 35.50 23.16
CA LEU A 398 13.44 35.44 23.17
C LEU A 398 14.03 36.62 22.34
N VAL A 399 13.28 37.10 21.33
CA VAL A 399 13.71 38.23 20.50
C VAL A 399 13.56 39.51 21.33
N ILE A 400 12.47 39.60 22.09
CA ILE A 400 12.26 40.75 22.92
C ILE A 400 13.35 40.76 24.00
N MET A 401 13.74 39.57 24.45
CA MET A 401 14.76 39.42 25.49
C MET A 401 16.15 39.52 24.93
N ALA A 402 16.26 40.04 23.71
CA ALA A 402 17.55 40.23 23.07
C ALA A 402 17.60 41.71 22.78
N ASN A 403 16.50 42.27 22.32
CA ASN A 403 16.49 43.70 22.04
C ASN A 403 16.51 44.46 23.36
N LEU A 404 15.98 43.83 24.41
CA LEU A 404 15.93 44.44 25.74
C LEU A 404 17.33 44.53 26.35
N SER A 405 18.08 43.45 26.22
CA SER A 405 19.44 43.36 26.77
C SER A 405 20.51 43.94 25.86
N THR A 406 20.10 44.65 24.81
CA THR A 406 21.02 45.24 23.86
C THR A 406 21.45 46.66 24.22
N LEU A 407 22.71 46.79 24.62
CA LEU A 407 23.27 48.10 24.98
C LEU A 407 24.17 48.56 23.83
N PRO A 408 24.13 49.87 23.51
CA PRO A 408 24.90 50.51 22.44
C PRO A 408 26.40 50.30 22.55
N GLU A 409 27.02 50.03 21.40
CA GLU A 409 28.46 49.80 21.33
C GLU A 409 29.22 51.11 21.08
N GLU A 410 30.38 51.23 21.71
CA GLU A 410 31.20 52.44 21.56
C GLU A 410 32.66 52.12 21.24
N UNK A 415 43.37 59.50 23.84
CA UNK A 415 43.03 60.83 23.33
C UNK A 415 42.98 61.88 24.44
N UNK A 416 42.18 61.60 25.47
CA UNK A 416 42.00 62.50 26.61
C UNK A 416 41.00 63.59 26.25
N UNK A 417 40.04 63.86 27.14
CA UNK A 417 39.03 64.89 26.91
C UNK A 417 38.73 65.66 28.19
N UNK A 418 39.72 66.43 28.64
CA UNK A 418 39.57 67.21 29.86
C UNK A 418 38.97 68.60 29.65
N UNK A 419 37.77 68.64 29.05
CA UNK A 419 37.07 69.91 28.80
C UNK A 419 35.60 69.81 29.22
N UNK A 420 34.88 70.94 29.14
CA UNK A 420 33.48 70.98 29.53
C UNK A 420 32.70 72.02 28.72
N VAL A 435 25.52 65.73 27.24
CA VAL A 435 26.94 65.39 27.28
C VAL A 435 27.15 63.95 27.80
N GLY A 436 26.77 63.70 29.05
CA GLY A 436 26.91 62.37 29.62
C GLY A 436 25.57 61.71 29.89
N ALA A 437 24.63 61.93 28.97
CA ALA A 437 23.27 61.37 29.07
C ALA A 437 23.29 59.86 28.84
N GLU A 438 24.26 59.42 28.05
CA GLU A 438 24.40 58.01 27.72
C GLU A 438 24.67 57.13 28.95
N LYS A 439 25.10 57.74 30.05
CA LYS A 439 25.35 56.98 31.30
C LYS A 439 24.00 56.63 31.92
N ALA A 440 22.94 57.25 31.39
CA ALA A 440 21.58 57.01 31.87
C ALA A 440 21.20 55.58 31.52
N ALA A 441 20.80 55.37 30.28
CA ALA A 441 20.39 54.06 29.80
C ALA A 441 21.45 52.96 29.97
N LYS A 442 22.72 53.30 29.74
CA LYS A 442 23.78 52.30 29.88
C LYS A 442 23.56 51.57 31.19
N GLU A 443 23.47 52.35 32.26
CA GLU A 443 23.25 51.87 33.62
C GLU A 443 22.01 50.97 33.66
N ASP A 444 20.88 51.54 33.23
CA ASP A 444 19.61 50.82 33.20
C ASP A 444 19.76 49.43 32.58
N ILE A 445 20.41 49.37 31.42
CA ILE A 445 20.61 48.12 30.69
C ILE A 445 21.47 47.11 31.45
N LEU A 446 22.57 47.55 32.04
CA LEU A 446 23.40 46.62 32.79
C LEU A 446 22.63 46.19 34.05
N LEU A 447 21.60 46.95 34.38
CA LEU A 447 20.74 46.68 35.55
C LEU A 447 19.81 45.54 35.11
N PHE A 448 18.99 45.86 34.11
CA PHE A 448 18.04 44.91 33.54
C PHE A 448 18.68 43.55 33.42
N ASN A 449 19.72 43.47 32.59
CA ASN A 449 20.45 42.23 32.35
C ASN A 449 20.81 41.45 33.62
N GLU A 450 21.47 42.11 34.55
CA GLU A 450 21.86 41.45 35.80
C GLU A 450 20.62 40.97 36.54
N LYS A 451 19.65 41.87 36.66
CA LYS A 451 18.39 41.57 37.34
C LYS A 451 17.67 40.32 36.79
N TYR A 452 17.09 40.46 35.60
CA TYR A 452 16.31 39.40 34.97
C TYR A 452 16.94 38.32 34.11
N ILE A 453 18.16 38.54 33.63
CA ILE A 453 18.78 37.53 32.80
C ILE A 453 19.74 36.67 33.59
N LEU A 454 20.63 37.33 34.31
CA LEU A 454 21.63 36.64 35.10
C LEU A 454 21.13 36.00 36.40
N ARG A 455 20.33 36.73 37.18
CA ARG A 455 19.79 36.21 38.45
C ARG A 455 18.76 35.12 38.16
N THR A 456 17.82 35.47 37.30
CA THR A 456 16.79 34.54 36.89
C THR A 456 17.45 33.29 36.35
N GLU A 457 18.77 33.25 36.46
CA GLU A 457 19.55 32.13 35.97
C GLU A 457 18.93 31.65 34.66
N LEU A 458 18.52 32.62 33.84
CA LEU A 458 17.90 32.36 32.55
C LEU A 458 18.89 31.78 31.55
N ILE A 459 20.12 32.28 31.60
CA ILE A 459 21.17 31.76 30.74
C ILE A 459 21.33 30.31 31.14
N SER A 460 21.39 30.09 32.45
CA SER A 460 21.53 28.76 33.03
C SER A 460 20.36 27.89 32.57
N PHE A 461 19.15 28.45 32.59
CA PHE A 461 17.95 27.75 32.16
C PHE A 461 18.05 27.34 30.68
N LEU A 462 18.34 28.32 29.83
CA LEU A 462 18.50 28.09 28.41
C LEU A 462 19.55 27.01 28.17
N LYS A 463 20.55 26.92 29.04
CA LYS A 463 21.60 25.91 28.87
C LYS A 463 20.96 24.54 28.71
N ARG A 464 19.93 24.28 29.50
CA ARG A 464 19.25 23.00 29.44
C ARG A 464 18.37 22.82 28.21
N GLU A 465 17.40 23.71 28.02
CA GLU A 465 16.48 23.61 26.89
C GLU A 465 17.12 23.85 25.52
N MET A 466 18.37 24.31 25.53
CA MET A 466 19.10 24.59 24.29
C MET A 466 18.96 23.54 23.19
N HIS A 467 19.23 22.28 23.54
CA HIS A 467 19.15 21.17 22.57
C HIS A 467 17.91 21.22 21.68
N ASN A 468 16.78 21.62 22.25
CA ASN A 468 15.52 21.66 21.52
C ASN A 468 15.16 22.96 20.81
N LEU A 469 15.69 24.08 21.30
CA LEU A 469 15.38 25.36 20.71
C LEU A 469 15.40 25.34 19.17
N SER A 470 14.44 26.01 18.56
CA SER A 470 14.37 26.06 17.11
C SER A 470 15.62 26.79 16.62
N PRO A 471 16.15 26.40 15.44
CA PRO A 471 17.35 27.08 14.97
C PRO A 471 17.29 28.59 15.25
N ASN A 472 16.20 29.23 14.82
CA ASN A 472 16.04 30.66 15.04
C ASN A 472 16.08 31.00 16.53
N CYS A 473 15.35 30.24 17.33
CA CYS A 473 15.34 30.48 18.77
C CYS A 473 16.77 30.47 19.30
N LYS A 474 17.55 29.46 18.91
CA LYS A 474 18.92 29.40 19.36
C LYS A 474 19.61 30.75 19.17
N GLN A 475 19.69 31.19 17.91
CA GLN A 475 20.32 32.46 17.64
C GLN A 475 20.02 33.57 18.66
N GLN A 476 18.79 33.66 19.14
CA GLN A 476 18.44 34.70 20.12
C GLN A 476 19.19 34.49 21.42
N VAL A 477 19.50 33.23 21.72
CA VAL A 477 20.23 32.89 22.92
C VAL A 477 21.67 33.36 22.76
N VAL A 478 22.17 33.34 21.52
CA VAL A 478 23.53 33.78 21.26
C VAL A 478 23.60 35.28 21.41
N ARG A 479 22.55 35.98 21.02
CA ARG A 479 22.54 37.43 21.17
C ARG A 479 22.43 37.84 22.63
N ILE A 480 21.57 37.16 23.38
CA ILE A 480 21.38 37.49 24.79
C ILE A 480 22.71 37.39 25.51
N ILE A 481 23.41 36.28 25.26
CA ILE A 481 24.72 36.07 25.85
C ILE A 481 25.62 37.23 25.41
N TYR A 482 25.79 37.38 24.10
CA TYR A 482 26.64 38.42 23.52
C TYR A 482 26.41 39.77 24.19
N ASN A 483 25.13 40.07 24.46
CA ASN A 483 24.77 41.33 25.12
C ASN A 483 25.22 41.39 26.57
N ILE A 484 25.43 40.22 27.18
CA ILE A 484 25.89 40.16 28.55
C ILE A 484 27.39 40.41 28.58
N THR A 485 28.12 39.75 27.68
CA THR A 485 29.56 39.90 27.61
C THR A 485 30.03 41.34 27.37
N ARG A 486 29.17 42.21 26.83
CA ARG A 486 29.57 43.60 26.58
C ARG A 486 30.12 44.28 27.83
N SER A 487 29.73 43.75 28.97
CA SER A 487 30.16 44.28 30.27
C SER A 487 30.88 43.16 31.03
N LYS A 488 32.22 43.23 31.03
CA LYS A 488 33.07 42.23 31.67
C LYS A 488 32.59 41.67 33.01
N ASN A 489 32.23 42.53 33.94
CA ASN A 489 31.77 42.08 35.27
C ASN A 489 30.86 40.87 35.24
N PHE A 490 29.88 40.89 34.34
CA PHE A 490 28.95 39.78 34.27
C PHE A 490 29.55 38.48 33.76
N ILE A 491 30.63 38.58 33.00
CA ILE A 491 31.26 37.40 32.43
C ILE A 491 31.42 36.23 33.41
N PRO A 492 31.98 36.49 34.60
CA PRO A 492 32.17 35.43 35.61
C PRO A 492 30.91 34.60 35.90
N GLN A 493 29.86 35.27 36.34
CA GLN A 493 28.61 34.61 36.69
C GLN A 493 27.99 33.92 35.47
N LEU A 494 28.00 34.62 34.35
CA LEU A 494 27.46 34.10 33.10
C LEU A 494 28.23 32.87 32.65
N ALA A 495 29.37 32.60 33.28
CA ALA A 495 30.19 31.44 32.94
C ALA A 495 29.71 30.18 33.63
N GLN A 496 29.38 30.30 34.92
CA GLN A 496 28.90 29.16 35.70
C GLN A 496 27.56 28.68 35.19
N GLN A 497 26.80 29.60 34.58
CA GLN A 497 25.51 29.24 34.06
C GLN A 497 25.62 28.47 32.76
N GLY A 498 26.86 28.17 32.36
CA GLY A 498 27.10 27.39 31.16
C GLY A 498 27.19 28.08 29.81
N ALA A 499 27.38 29.39 29.81
CA ALA A 499 27.47 30.16 28.56
C ALA A 499 28.56 29.63 27.64
N VAL A 500 29.79 29.58 28.14
CA VAL A 500 30.90 29.10 27.34
C VAL A 500 30.58 27.71 26.79
N LYS A 501 29.60 27.05 27.37
CA LYS A 501 29.19 25.74 26.89
C LYS A 501 28.26 26.00 25.70
N ILE A 502 27.23 26.79 25.94
CA ILE A 502 26.26 27.15 24.92
C ILE A 502 26.98 27.58 23.64
N ILE A 503 27.51 28.79 23.64
CA ILE A 503 28.23 29.38 22.50
C ILE A 503 29.15 28.41 21.76
N LEU A 504 29.99 27.71 22.51
CA LEU A 504 30.93 26.77 21.92
C LEU A 504 30.29 25.51 21.26
N GLU A 505 29.20 25.01 21.84
CA GLU A 505 28.54 23.84 21.28
C GLU A 505 27.78 24.27 20.03
N TYR A 506 27.33 25.52 20.04
CA TYR A 506 26.61 26.11 18.92
C TYR A 506 27.61 26.30 17.78
N LEU A 507 28.66 27.06 18.03
CA LEU A 507 29.69 27.30 17.02
C LEU A 507 30.13 26.02 16.31
N ALA A 508 29.84 24.87 16.92
CA ALA A 508 30.22 23.58 16.32
C ALA A 508 29.20 23.13 15.27
N ASN A 509 28.52 24.09 14.65
CA ASN A 509 27.51 23.82 13.61
C ASN A 509 27.86 24.54 12.30
N LYS A 510 26.95 25.40 11.84
CA LYS A 510 27.11 26.14 10.60
C LYS A 510 27.44 27.63 10.78
N GLY A 514 28.41 30.31 8.07
CA GLY A 514 28.98 31.62 7.85
C GLY A 514 28.01 32.77 8.05
N GLU A 515 26.98 32.55 8.85
CA GLU A 515 25.97 33.60 9.11
C GLU A 515 26.56 34.65 10.06
N PRO A 516 26.06 35.89 10.01
CA PRO A 516 26.54 36.99 10.86
C PRO A 516 26.39 36.71 12.36
N ILE A 517 25.31 36.02 12.72
CA ILE A 517 25.04 35.67 14.10
C ILE A 517 26.25 34.97 14.69
N ARG A 518 26.87 34.13 13.87
CA ARG A 518 28.02 33.33 14.23
C ARG A 518 29.28 34.13 14.57
N ILE A 519 29.53 35.21 13.84
CA ILE A 519 30.72 36.01 14.11
C ILE A 519 30.46 36.77 15.38
N LEU A 520 29.17 36.95 15.68
CA LEU A 520 28.74 37.66 16.88
C LEU A 520 28.82 36.79 18.14
N GLY A 521 28.59 35.49 17.94
CA GLY A 521 28.69 34.55 19.03
C GLY A 521 30.16 34.20 19.17
N CYS A 522 30.92 34.49 18.12
CA CYS A 522 32.36 34.24 18.15
C CYS A 522 32.96 35.31 19.03
N ARG A 523 32.58 36.56 18.78
CA ARG A 523 33.06 37.69 19.57
C ARG A 523 32.73 37.37 21.02
N ALA A 524 31.50 36.91 21.22
CA ALA A 524 31.03 36.56 22.55
C ALA A 524 32.03 35.59 23.19
N LEU A 525 32.23 34.43 22.57
CA LEU A 525 33.14 33.41 23.10
C LEU A 525 34.49 33.95 23.51
N THR A 526 35.00 34.91 22.74
CA THR A 526 36.29 35.50 23.02
C THR A 526 36.28 36.37 24.27
N ARG A 527 35.31 37.28 24.34
CA ARG A 527 35.24 38.16 25.51
C ARG A 527 35.18 37.34 26.78
N MET A 528 34.55 36.17 26.70
CA MET A 528 34.45 35.30 27.86
C MET A 528 35.75 34.59 28.22
N LEU A 529 36.41 33.99 27.24
CA LEU A 529 37.67 33.31 27.53
C LEU A 529 38.75 34.30 27.99
N ILE A 530 38.59 35.60 27.69
CA ILE A 530 39.58 36.58 28.13
C ILE A 530 39.47 36.81 29.63
N PHE A 531 38.23 36.98 30.12
CA PHE A 531 37.95 37.26 31.53
C PHE A 531 37.60 36.08 32.44
N THR A 532 38.12 34.89 32.14
CA THR A 532 37.83 33.73 32.97
C THR A 532 39.04 32.81 33.10
N ASN A 533 39.01 31.92 34.08
CA ASN A 533 40.11 31.00 34.32
C ASN A 533 39.94 29.72 33.50
N PRO A 534 40.95 29.37 32.71
CA PRO A 534 40.95 28.17 31.87
C PRO A 534 40.74 26.87 32.65
N GLY A 535 41.01 26.92 33.95
CA GLY A 535 40.83 25.74 34.78
C GLY A 535 39.37 25.61 35.21
N LEU A 536 38.81 26.70 35.74
CA LEU A 536 37.43 26.75 36.21
C LEU A 536 36.41 26.49 35.09
N ILE A 537 36.89 26.43 33.84
CA ILE A 537 36.02 26.22 32.69
C ILE A 537 36.30 24.92 31.97
N PHE A 538 37.46 24.88 31.31
CA PHE A 538 37.88 23.70 30.56
C PHE A 538 38.37 22.66 31.56
N LYS A 539 37.62 22.56 32.66
CA LYS A 539 37.88 21.65 33.76
C LYS A 539 37.25 20.29 33.40
N LYS A 540 36.67 20.23 32.20
CA LYS A 540 36.03 19.01 31.73
C LYS A 540 36.17 18.75 30.22
N TYR A 541 35.63 19.67 29.42
CA TYR A 541 35.60 19.55 27.96
C TYR A 541 36.76 20.08 27.13
N SER A 542 38.00 19.86 27.54
CA SER A 542 39.18 20.32 26.80
C SER A 542 39.13 21.76 26.29
N ALA A 543 40.29 22.30 25.91
CA ALA A 543 40.34 23.68 25.44
C ALA A 543 40.60 23.84 23.94
N LEU A 544 41.39 22.94 23.36
CA LEU A 544 41.70 23.02 21.93
C LEU A 544 40.42 23.19 21.10
N ASN A 545 39.28 23.12 21.76
CA ASN A 545 38.01 23.27 21.07
C ASN A 545 37.71 24.75 20.82
N ALA A 546 38.20 25.60 21.71
CA ALA A 546 37.96 27.02 21.57
C ALA A 546 38.88 27.64 20.51
N ILE A 547 40.08 27.09 20.35
CA ILE A 547 41.06 27.62 19.41
C ILE A 547 40.56 27.84 17.97
N PRO A 548 39.83 26.87 17.40
CA PRO A 548 39.34 27.09 16.03
C PRO A 548 38.53 28.38 15.90
N PHE A 549 37.64 28.60 16.85
CA PHE A 549 36.80 29.79 16.82
C PHE A 549 37.55 31.08 17.03
N LEU A 550 38.47 31.09 17.97
CA LEU A 550 39.23 32.30 18.24
C LEU A 550 39.96 32.75 16.98
N PHE A 551 40.64 31.81 16.33
CA PHE A 551 41.36 32.17 15.14
C PHE A 551 40.49 32.76 14.03
N GLU A 552 39.24 32.31 13.93
CA GLU A 552 38.34 32.86 12.91
C GLU A 552 38.30 34.37 13.02
N LEU A 553 38.57 34.90 14.20
CA LEU A 553 38.59 36.35 14.36
C LEU A 553 40.01 36.87 14.14
N LEU A 554 40.75 36.19 13.28
CA LEU A 554 42.12 36.55 12.92
C LEU A 554 42.30 36.39 11.39
N PRO A 555 43.43 36.85 10.82
CA PRO A 555 43.61 36.70 9.36
C PRO A 555 43.75 35.25 8.92
N ARG A 556 43.56 34.97 7.62
CA ARG A 556 43.70 33.61 7.09
C ARG A 556 44.12 33.51 5.63
N SER A 557 45.00 32.54 5.34
CA SER A 557 45.52 32.32 3.98
C SER A 557 44.69 31.32 3.20
N THR A 558 43.68 30.76 3.84
CA THR A 558 42.83 29.80 3.17
C THR A 558 41.62 30.52 2.61
N PRO A 559 41.13 30.07 1.46
CA PRO A 559 39.97 30.65 0.78
C PRO A 559 38.73 30.78 1.66
N VAL A 560 38.75 31.80 2.52
CA VAL A 560 37.65 32.09 3.44
C VAL A 560 37.04 30.80 3.99
N ASP A 561 35.84 30.92 4.56
CA ASP A 561 35.12 29.79 5.09
C ASP A 561 33.99 29.46 4.12
N ASP A 562 32.77 29.81 4.51
CA ASP A 562 31.60 29.55 3.70
C ASP A 562 31.39 30.70 2.72
N ASN A 563 31.48 31.93 3.23
CA ASN A 563 31.25 33.13 2.41
C ASN A 563 29.73 33.26 2.18
N PRO A 564 29.15 34.44 2.48
CA PRO A 564 27.72 34.75 2.34
C PRO A 564 26.80 33.69 1.71
N ASP A 568 26.44 38.57 5.68
CA ASP A 568 27.75 39.09 5.34
C ASP A 568 28.30 40.04 6.41
N GLU A 569 29.39 39.64 7.06
CA GLU A 569 29.97 40.46 8.11
C GLU A 569 31.51 40.42 8.15
N GLN A 570 32.11 41.57 8.45
CA GLN A 570 33.58 41.75 8.51
C GLN A 570 34.22 41.45 9.87
N ILE A 571 35.54 41.27 9.87
CA ILE A 571 36.32 41.00 11.08
C ILE A 571 37.15 42.22 11.44
N LYS A 572 36.55 43.17 12.17
CA LYS A 572 37.26 44.37 12.55
C LYS A 572 38.62 44.06 13.17
N LEU A 573 39.51 45.05 13.13
CA LEU A 573 40.86 44.94 13.68
C LEU A 573 40.76 44.75 15.19
N THR A 574 39.73 45.33 15.79
CA THR A 574 39.54 45.22 17.23
C THR A 574 39.40 43.76 17.63
N ASP A 575 38.86 42.95 16.73
CA ASP A 575 38.69 41.53 17.00
C ASP A 575 40.05 40.82 17.05
N ASN A 576 40.95 41.18 16.14
CA ASN A 576 42.27 40.55 16.13
C ASN A 576 42.88 40.71 17.54
N TYR A 577 42.68 41.89 18.11
CA TYR A 577 43.20 42.20 19.45
C TYR A 577 42.54 41.37 20.54
N GLU A 578 41.21 41.34 20.55
CA GLU A 578 40.42 40.60 21.52
C GLU A 578 40.79 39.11 21.49
N ALA A 579 40.69 38.48 20.31
CA ALA A 579 41.01 37.07 20.17
C ALA A 579 42.43 36.79 20.63
N LEU A 580 43.32 37.73 20.39
CA LEU A 580 44.71 37.57 20.82
C LEU A 580 44.76 37.51 22.36
N LEU A 581 44.04 38.41 23.01
CA LEU A 581 44.00 38.43 24.47
C LEU A 581 43.52 37.10 25.01
N ALA A 582 42.40 36.61 24.51
CA ALA A 582 41.86 35.35 24.98
C ALA A 582 42.82 34.22 24.64
N LEU A 583 43.44 34.29 23.47
CA LEU A 583 44.40 33.27 23.02
C LEU A 583 45.60 33.17 23.97
N THR A 584 46.11 34.32 24.41
CA THR A 584 47.22 34.38 25.35
C THR A 584 46.79 33.73 26.65
N ASN A 585 45.65 34.15 27.17
CA ASN A 585 45.12 33.60 28.41
C ASN A 585 45.19 32.07 28.40
N LEU A 586 44.60 31.47 27.36
CA LEU A 586 44.60 30.00 27.24
C LEU A 586 46.00 29.38 27.16
N ALA A 587 47.02 30.22 27.14
CA ALA A 587 48.40 29.76 27.06
C ALA A 587 49.03 29.83 28.44
N SER A 588 48.72 30.90 29.15
CA SER A 588 49.25 31.15 30.49
C SER A 588 49.29 29.89 31.34
N SER A 589 48.11 29.39 31.64
CA SER A 589 47.95 28.19 32.45
C SER A 589 49.10 27.21 32.35
N GLU A 590 49.63 26.87 33.52
CA GLU A 590 50.73 25.91 33.64
C GLU A 590 50.16 24.50 33.80
N THR A 591 48.86 24.40 33.52
CA THR A 591 48.17 23.12 33.57
C THR A 591 48.80 22.35 32.42
N SER A 592 48.60 21.03 32.41
CA SER A 592 49.15 20.22 31.33
C SER A 592 48.36 20.61 30.08
N ASP A 593 47.18 21.17 30.30
CA ASP A 593 46.30 21.62 29.22
C ASP A 593 46.94 22.78 28.48
N GLY A 594 47.72 23.57 29.21
CA GLY A 594 48.39 24.71 28.61
C GLY A 594 49.44 24.28 27.60
N GLU A 595 50.30 23.36 28.01
CA GLU A 595 51.33 22.82 27.12
C GLU A 595 50.58 22.39 25.87
N GLU A 596 49.48 21.70 26.11
CA GLU A 596 48.61 21.20 25.06
C GLU A 596 48.11 22.31 24.15
N VAL A 597 47.69 23.43 24.73
CA VAL A 597 47.19 24.54 23.94
C VAL A 597 48.33 25.07 23.08
N CYS A 598 49.40 25.50 23.74
CA CYS A 598 50.57 26.04 23.06
C CYS A 598 51.03 25.12 21.95
N LYS A 599 51.14 23.83 22.25
CA LYS A 599 51.54 22.85 21.25
C LYS A 599 50.68 23.04 20.02
N HIS A 600 49.37 22.98 20.21
CA HIS A 600 48.42 23.14 19.09
C HIS A 600 48.68 24.41 18.27
N ILE A 601 48.93 25.54 18.93
CA ILE A 601 49.18 26.80 18.25
C ILE A 601 50.46 26.72 17.38
N VAL A 602 51.62 26.64 18.03
CA VAL A 602 52.88 26.57 17.32
C VAL A 602 52.91 25.42 16.31
N SER A 603 52.02 24.46 16.49
CA SER A 603 51.97 23.29 15.61
C SER A 603 51.28 23.54 14.29
N THR A 604 49.96 23.65 14.33
CA THR A 604 49.16 23.88 13.14
C THR A 604 49.82 24.96 12.33
N LYS A 605 50.48 24.57 11.24
CA LYS A 605 51.20 25.50 10.37
C LYS A 605 50.49 26.82 10.08
N VAL A 606 49.17 26.78 9.93
CA VAL A 606 48.40 27.99 9.63
C VAL A 606 48.30 28.91 10.85
N TYR A 607 48.02 28.32 12.02
CA TYR A 607 47.91 29.09 13.25
C TYR A 607 49.22 29.80 13.57
N TRP A 608 50.35 29.13 13.29
CA TRP A 608 51.65 29.73 13.57
C TRP A 608 52.11 30.72 12.50
N SER A 609 51.75 30.45 11.25
CA SER A 609 52.14 31.35 10.18
C SER A 609 51.43 32.68 10.39
N THR A 610 50.31 32.63 11.10
CA THR A 610 49.52 33.81 11.42
C THR A 610 50.10 34.61 12.57
N ILE A 611 50.37 33.94 13.69
CA ILE A 611 50.93 34.61 14.86
C ILE A 611 52.34 35.13 14.58
N GLU A 612 53.05 34.46 13.68
CA GLU A 612 54.40 34.82 13.30
C GLU A 612 54.37 36.13 12.50
N ASN A 613 53.39 36.24 11.62
CA ASN A 613 53.24 37.42 10.80
C ASN A 613 52.80 38.60 11.67
N LEU A 614 51.81 38.40 12.52
CA LEU A 614 51.31 39.47 13.41
C LEU A 614 52.36 40.00 14.38
N MET A 615 53.50 39.32 14.42
CA MET A 615 54.62 39.68 15.28
C MET A 615 55.33 40.89 14.68
N LEU A 616 55.14 41.06 13.37
CA LEU A 616 55.72 42.16 12.58
C LEU A 616 54.65 43.15 12.16
N ASP A 617 53.51 43.13 12.84
CA ASP A 617 52.43 44.04 12.50
C ASP A 617 52.85 45.43 12.94
N GLU A 618 52.66 46.42 12.06
CA GLU A 618 53.02 47.80 12.38
C GLU A 618 52.07 48.37 13.42
N ASN A 619 50.90 47.72 13.58
CA ASN A 619 49.90 48.15 14.55
C ASN A 619 50.36 47.72 15.93
N VAL A 620 50.34 48.63 16.90
CA VAL A 620 50.83 48.32 18.26
C VAL A 620 50.03 47.39 19.19
N PRO A 621 48.73 47.64 19.40
CA PRO A 621 48.04 46.72 20.29
C PRO A 621 48.19 45.27 19.82
N LEU A 622 48.16 45.10 18.50
CA LEU A 622 48.32 43.78 17.90
C LEU A 622 49.69 43.20 18.22
N GLN A 623 50.74 43.86 17.74
CA GLN A 623 52.12 43.43 17.94
C GLN A 623 52.51 43.13 19.39
N ARG A 624 52.00 43.89 20.35
CA ARG A 624 52.35 43.62 21.73
C ARG A 624 51.59 42.41 22.25
N SER A 625 50.29 42.36 22.02
CA SER A 625 49.53 41.24 22.52
C SER A 625 50.10 39.96 21.95
N THR A 626 50.56 40.02 20.69
CA THR A 626 51.16 38.85 20.04
C THR A 626 52.46 38.49 20.74
N LEU A 627 53.24 39.50 21.10
CA LEU A 627 54.49 39.24 21.81
C LEU A 627 54.17 38.72 23.19
N GLU A 628 53.08 39.23 23.77
CA GLU A 628 52.65 38.77 25.09
C GLU A 628 52.18 37.32 25.00
N LEU A 629 51.66 36.95 23.84
CA LEU A 629 51.22 35.58 23.61
C LEU A 629 52.44 34.67 23.55
N ILE A 630 53.37 35.02 22.67
CA ILE A 630 54.62 34.27 22.49
C ILE A 630 55.31 34.17 23.84
N SER A 631 55.32 35.27 24.58
CA SER A 631 55.95 35.27 25.89
C SER A 631 55.41 34.11 26.70
N ASN A 632 54.10 34.09 26.88
CA ASN A 632 53.47 33.02 27.64
C ASN A 632 53.77 31.65 27.06
N MET A 633 53.63 31.47 25.75
CA MET A 633 53.89 30.18 25.13
C MET A 633 55.28 29.69 25.50
N MET A 634 56.23 30.61 25.53
CA MET A 634 57.62 30.28 25.83
C MET A 634 57.79 29.59 27.18
N SER A 635 56.86 29.79 28.10
CA SER A 635 56.96 29.14 29.40
C SER A 635 56.72 27.64 29.30
N HIS A 636 56.29 27.18 28.13
CA HIS A 636 56.12 25.75 27.90
C HIS A 636 56.99 25.53 26.66
N PRO A 637 58.30 25.76 26.81
CA PRO A 637 59.38 25.66 25.84
C PRO A 637 59.24 24.68 24.68
N LEU A 638 59.52 23.41 24.93
CA LEU A 638 59.45 22.38 23.91
C LEU A 638 58.41 22.58 22.80
N THR A 639 57.51 23.54 22.97
CA THR A 639 56.48 23.79 21.97
C THR A 639 56.84 24.93 20.99
N ILE A 640 57.49 25.96 21.49
CA ILE A 640 57.84 27.09 20.67
C ILE A 640 59.36 27.37 20.58
N ALA A 641 60.05 27.15 21.68
CA ALA A 641 61.49 27.37 21.77
C ALA A 641 62.28 27.25 20.48
N ALA A 642 62.30 26.03 19.92
CA ALA A 642 63.05 25.78 18.70
C ALA A 642 62.74 26.78 17.58
N LYS A 643 61.66 27.55 17.73
CA LYS A 643 61.29 28.53 16.71
C LYS A 643 62.07 29.85 16.78
N PHE A 644 62.72 30.11 17.92
CA PHE A 644 63.48 31.33 18.12
C PHE A 644 64.92 31.10 18.60
N PHE A 645 65.14 30.03 19.34
CA PHE A 645 66.47 29.80 19.85
C PHE A 645 67.20 28.64 19.28
N ASN A 646 66.76 28.14 18.13
CA ASN A 646 67.47 27.04 17.51
C ASN A 646 68.73 27.67 16.93
N LEU A 647 68.53 28.55 15.98
CA LEU A 647 69.60 29.30 15.32
C LEU A 647 70.49 28.61 14.33
N GLU A 648 70.26 27.33 14.07
CA GLU A 648 71.03 26.64 13.04
C GLU A 648 70.05 26.63 11.85
N ASN A 649 68.80 26.96 12.19
CA ASN A 649 67.66 27.05 11.28
C ASN A 649 67.44 28.49 10.79
N PRO A 650 67.47 28.69 9.47
CA PRO A 650 67.28 30.00 8.85
C PRO A 650 66.05 30.68 9.41
N GLN A 651 64.99 29.90 9.50
CA GLN A 651 63.67 30.34 10.01
C GLN A 651 63.70 30.82 11.46
N SER A 652 64.30 30.02 12.35
CA SER A 652 64.41 30.35 13.76
C SER A 652 65.32 31.57 13.94
N LEU A 653 66.48 31.51 13.29
CA LEU A 653 67.46 32.58 13.32
C LEU A 653 66.77 33.86 12.92
N ARG A 654 65.98 33.79 11.84
CA ARG A 654 65.26 34.98 11.40
C ARG A 654 64.46 35.49 12.58
N ASN A 655 63.49 34.68 13.02
CA ASN A 655 62.63 35.02 14.14
C ASN A 655 63.46 35.46 15.34
N PHE A 656 64.65 34.88 15.48
CA PHE A 656 65.49 35.25 16.60
C PHE A 656 65.89 36.72 16.50
N ASN A 657 66.38 37.13 15.35
CA ASN A 657 66.82 38.53 15.20
C ASN A 657 65.67 39.51 15.33
N ILE A 658 64.50 39.13 14.82
CA ILE A 658 63.35 40.01 14.90
C ILE A 658 63.14 40.35 16.34
N LEU A 659 63.09 39.32 17.16
CA LEU A 659 62.86 39.49 18.59
C LEU A 659 63.92 40.42 19.19
N VAL A 660 65.16 40.27 18.77
CA VAL A 660 66.22 41.09 19.32
C VAL A 660 66.08 42.58 19.00
N LYS A 661 65.35 42.90 17.94
CA LYS A 661 65.13 44.31 17.55
C LYS A 661 63.93 44.87 18.31
N LEU A 662 62.90 44.05 18.47
CA LEU A 662 61.72 44.45 19.19
C LEU A 662 62.05 44.66 20.65
N LEU A 663 63.30 44.38 21.03
CA LEU A 663 63.73 44.57 22.40
C LEU A 663 63.72 46.07 22.66
N GLN A 664 63.86 46.85 21.60
CA GLN A 664 63.84 48.30 21.70
C GLN A 664 62.69 48.92 20.89
N LEU A 665 61.47 48.54 21.24
CA LEU A 665 60.29 49.08 20.58
C LEU A 665 59.86 50.25 21.43
N SER A 666 59.24 51.25 20.81
CA SER A 666 58.76 52.40 21.54
C SER A 666 57.79 51.87 22.58
N ASP A 667 56.77 51.15 22.10
CA ASP A 667 55.75 50.55 22.95
C ASP A 667 56.43 49.81 24.09
N VAL A 668 56.41 50.40 25.28
CA VAL A 668 57.05 49.80 26.44
C VAL A 668 56.46 48.46 26.88
N GLU A 669 55.15 48.31 26.72
CA GLU A 669 54.46 47.09 27.13
C GLU A 669 54.97 45.87 26.37
N SER A 670 55.53 46.12 25.20
CA SER A 670 56.07 45.06 24.37
C SER A 670 57.47 44.70 24.83
N GLN A 671 58.29 45.71 25.14
CA GLN A 671 59.65 45.45 25.60
C GLN A 671 59.58 44.46 26.76
N ARG A 672 58.61 44.66 27.65
CA ARG A 672 58.45 43.78 28.80
C ARG A 672 58.31 42.35 28.37
N ALA A 673 57.45 42.11 27.39
CA ALA A 673 57.21 40.77 26.89
C ALA A 673 58.47 40.18 26.26
N VAL A 674 59.09 40.94 25.35
CA VAL A 674 60.32 40.47 24.71
C VAL A 674 61.35 40.12 25.78
N ALA A 675 61.58 41.04 26.71
CA ALA A 675 62.51 40.83 27.82
C ALA A 675 62.11 39.54 28.54
N ALA A 676 60.82 39.40 28.84
CA ALA A 676 60.29 38.22 29.50
C ALA A 676 60.79 36.99 28.77
N ILE A 677 60.48 36.92 27.46
CA ILE A 677 60.89 35.78 26.64
C ILE A 677 62.37 35.50 26.89
N PHE A 678 63.25 36.39 26.43
CA PHE A 678 64.68 36.20 26.62
C PHE A 678 65.02 35.83 28.06
N ALA A 679 64.29 36.38 29.02
CA ALA A 679 64.55 36.08 30.42
C ALA A 679 64.32 34.60 30.71
N ASN A 680 63.15 34.09 30.35
CA ASN A 680 62.86 32.70 30.62
C ASN A 680 63.81 31.68 30.01
N ILE A 681 63.75 31.44 28.70
CA ILE A 681 64.65 30.45 28.08
C ILE A 681 66.10 30.56 28.51
N ALA A 682 66.57 31.79 28.72
CA ALA A 682 67.95 31.98 29.14
C ALA A 682 68.18 31.26 30.46
N THR A 683 67.12 31.10 31.25
CA THR A 683 67.20 30.43 32.54
C THR A 683 66.79 28.97 32.37
N THR A 684 65.56 28.79 31.88
CA THR A 684 64.93 27.48 31.63
C THR A 684 65.82 26.52 30.88
N ILE A 685 66.65 27.04 30.00
CA ILE A 685 67.53 26.21 29.21
C ILE A 685 68.93 26.82 29.14
N PRO A 686 69.78 26.41 30.08
CA PRO A 686 71.16 26.85 30.23
C PRO A 686 71.93 26.92 28.92
N LEU A 687 71.86 25.86 28.12
CA LEU A 687 72.58 25.80 26.85
C LEU A 687 72.39 27.04 26.01
N ILE A 688 71.16 27.55 25.99
CA ILE A 688 70.81 28.72 25.22
C ILE A 688 71.47 29.93 25.83
N ALA A 689 71.38 30.05 27.16
CA ALA A 689 71.98 31.18 27.85
C ALA A 689 73.41 31.31 27.39
N LYS A 690 74.14 30.20 27.46
CA LYS A 690 75.54 30.19 27.08
C LYS A 690 75.72 30.73 25.69
N GLU A 691 74.85 30.29 24.78
CA GLU A 691 74.91 30.73 23.39
C GLU A 691 74.60 32.21 23.20
N LEU A 692 73.80 32.80 24.08
CA LEU A 692 73.46 34.21 24.00
C LEU A 692 74.63 35.13 24.35
N LEU A 693 75.60 34.60 25.08
CA LEU A 693 76.77 35.39 25.48
C LEU A 693 77.58 35.80 24.25
N THR A 694 77.39 35.10 23.15
CA THR A 694 78.10 35.36 21.91
C THR A 694 77.47 36.47 21.07
N LYS A 695 76.14 36.61 21.17
CA LYS A 695 75.39 37.58 20.38
C LYS A 695 75.46 39.07 20.76
N LYS A 696 76.09 39.84 19.89
CA LYS A 696 76.25 41.28 20.11
C LYS A 696 74.97 42.08 20.32
N GLU A 697 74.26 42.40 19.24
CA GLU A 697 73.05 43.19 19.30
C GLU A 697 72.10 42.75 20.42
N LEU A 698 72.00 41.44 20.66
CA LEU A 698 71.15 41.00 21.74
C LEU A 698 71.65 41.63 23.04
N ILE A 699 72.93 41.42 23.32
CA ILE A 699 73.56 41.95 24.52
C ILE A 699 73.55 43.48 24.57
N GLU A 700 74.03 44.13 23.51
CA GLU A 700 74.08 45.61 23.46
C GLU A 700 72.72 46.25 23.74
N ASN A 701 71.67 45.71 23.11
CA ASN A 701 70.32 46.22 23.29
C ASN A 701 69.87 45.98 24.73
N ALA A 702 69.90 44.73 25.16
CA ALA A 702 69.47 44.38 26.51
C ALA A 702 70.18 45.24 27.54
N ILE A 703 71.46 45.53 27.30
CA ILE A 703 72.23 46.35 28.21
C ILE A 703 71.71 47.78 28.20
N GLN A 704 71.66 48.36 26.99
CA GLN A 704 71.18 49.72 26.82
C GLN A 704 69.83 49.92 27.49
N VAL A 705 68.76 49.38 26.92
CA VAL A 705 67.44 49.54 27.53
C VAL A 705 67.48 49.30 29.05
N PHE A 706 68.26 48.32 29.48
CA PHE A 706 68.36 48.04 30.92
C PHE A 706 68.76 49.29 31.68
N ALA A 707 69.73 50.02 31.15
CA ALA A 707 70.21 51.23 31.81
C ALA A 707 69.41 52.48 31.43
N ASP A 708 69.03 52.57 30.15
CA ASP A 708 68.26 53.70 29.60
C ASP A 708 66.78 53.68 29.98
N GLN A 709 66.33 52.62 30.64
CA GLN A 709 64.94 52.51 31.06
C GLN A 709 64.84 51.82 32.40
N ILE A 710 65.83 52.08 33.26
CA ILE A 710 65.83 51.49 34.61
C ILE A 710 64.55 51.91 35.33
N ASP A 711 63.95 53.00 34.87
CA ASP A 711 62.72 53.54 35.43
C ASP A 711 61.66 52.46 35.59
N ASP A 712 61.30 51.85 34.47
CA ASP A 712 60.28 50.80 34.48
C ASP A 712 60.61 49.73 35.52
N ILE A 713 59.60 49.29 36.25
CA ILE A 713 59.83 48.28 37.28
C ILE A 713 59.82 46.88 36.69
N GLU A 714 58.79 46.54 35.93
CA GLU A 714 58.71 45.21 35.32
C GLU A 714 59.89 45.02 34.39
N LEU A 715 60.04 45.92 33.42
CA LEU A 715 61.10 45.84 32.42
C LEU A 715 62.49 45.58 33.00
N ARG A 716 62.80 46.20 34.13
CA ARG A 716 64.11 45.99 34.72
C ARG A 716 64.12 44.65 35.44
N GLN A 717 63.02 44.36 36.13
CA GLN A 717 62.90 43.09 36.85
C GLN A 717 63.16 41.96 35.88
N ARG A 718 62.60 42.08 34.68
CA ARG A 718 62.79 41.09 33.64
C ARG A 718 64.26 41.03 33.26
N LEU A 719 64.75 42.13 32.69
CA LEU A 719 66.14 42.20 32.25
C LEU A 719 67.15 41.64 33.24
N LEU A 720 66.94 41.87 34.53
CA LEU A 720 67.84 41.35 35.56
C LEU A 720 67.92 39.82 35.47
N MET A 721 66.77 39.16 35.35
CA MET A 721 66.73 37.70 35.25
C MET A 721 67.61 37.22 34.12
N LEU A 722 67.48 37.85 32.96
CA LEU A 722 68.30 37.50 31.81
C LEU A 722 69.75 37.46 32.27
N PHE A 723 70.19 38.58 32.83
CA PHE A 723 71.56 38.75 33.35
C PHE A 723 71.89 37.72 34.45
N PHE A 724 70.94 37.46 35.35
CA PHE A 724 71.16 36.45 36.38
C PHE A 724 71.47 35.15 35.65
N GLY A 725 70.58 34.81 34.72
CA GLY A 725 70.72 33.60 33.95
C GLY A 725 71.92 33.56 33.03
N LEU A 726 72.24 34.68 32.39
CA LEU A 726 73.38 34.69 31.49
C LEU A 726 74.69 34.47 32.22
N PHE A 727 75.02 35.38 33.14
CA PHE A 727 76.26 35.24 33.91
C PHE A 727 76.28 33.85 34.58
N GLU A 728 75.08 33.32 34.86
CA GLU A 728 74.92 32.01 35.51
C GLU A 728 75.68 30.87 34.81
N VAL A 729 75.93 31.02 33.52
CA VAL A 729 76.67 30.02 32.74
C VAL A 729 78.04 30.56 32.39
N ILE A 730 78.51 31.50 33.20
CA ILE A 730 79.82 32.09 32.99
C ILE A 730 80.77 31.67 34.11
N PRO A 731 81.71 30.77 33.79
CA PRO A 731 82.69 30.26 34.75
C PRO A 731 83.61 31.37 35.20
N ASP A 732 83.83 31.44 36.50
CA ASP A 732 84.68 32.47 37.08
C ASP A 732 86.15 32.02 37.15
N ASN A 733 86.36 30.82 37.69
CA ASN A 733 87.71 30.27 37.81
C ASN A 733 88.12 29.68 36.47
N GLY A 734 87.11 29.32 35.66
CA GLY A 734 87.34 28.75 34.35
C GLY A 734 88.33 29.52 33.49
N THR A 735 88.59 30.77 33.89
CA THR A 735 89.52 31.69 33.19
C THR A 735 89.68 31.41 31.70
N ASN A 736 90.27 30.25 31.39
CA ASN A 736 90.47 29.79 30.03
C ASN A 736 89.58 30.58 29.05
N GLU A 737 88.26 30.37 29.15
CA GLU A 737 87.29 31.02 28.28
C GLU A 737 86.43 32.10 28.98
N VAL A 738 86.44 33.30 28.41
CA VAL A 738 85.70 34.44 28.95
C VAL A 738 84.76 35.07 27.91
N TYR A 739 83.87 35.92 28.40
CA TYR A 739 82.87 36.60 27.57
C TYR A 739 82.86 38.09 27.87
N PRO A 740 83.42 38.91 26.96
CA PRO A 740 83.51 40.38 27.10
C PRO A 740 82.24 41.18 27.35
N LEU A 741 81.42 41.35 26.31
CA LEU A 741 80.17 42.11 26.33
C LEU A 741 79.42 42.17 27.66
N LEU A 742 79.57 41.13 28.47
CA LEU A 742 78.92 41.11 29.77
C LEU A 742 79.97 41.15 30.85
N GLN A 743 81.13 40.57 30.55
CA GLN A 743 82.22 40.54 31.52
C GLN A 743 82.65 41.96 31.84
N GLU A 744 82.86 42.76 30.78
CA GLU A 744 83.28 44.16 30.91
C GLU A 744 82.11 45.17 30.82
N ASN A 745 81.99 45.87 29.68
CA ASN A 745 80.92 46.84 29.47
C ASN A 745 80.57 47.66 30.73
N GLN A 746 81.21 48.82 30.88
CA GLN A 746 80.98 49.68 32.04
C GLN A 746 79.52 50.06 32.17
N LYS A 747 78.82 50.15 31.04
CA LYS A 747 77.42 50.51 31.04
C LYS A 747 76.68 49.48 31.89
N LEU A 748 76.85 48.21 31.55
CA LEU A 748 76.19 47.16 32.31
C LEU A 748 76.77 47.14 33.70
N LYS A 749 78.10 47.20 33.79
CA LYS A 749 78.79 47.19 35.07
C LYS A 749 78.19 48.23 36.05
N ASP A 750 78.20 49.50 35.65
CA ASP A 750 77.68 50.57 36.50
C ASP A 750 76.14 50.58 36.59
N ALA A 751 75.46 50.26 35.49
CA ALA A 751 74.01 50.23 35.49
C ALA A 751 73.55 49.12 36.44
N LEU A 752 74.43 48.14 36.66
CA LEU A 752 74.15 47.03 37.57
C LEU A 752 74.27 47.52 38.99
N ASN A 753 75.21 48.45 39.21
CA ASN A 753 75.42 49.02 40.51
C ASN A 753 74.35 50.04 40.87
N MET A 754 73.88 50.81 39.89
CA MET A 754 72.83 51.79 40.15
C MET A 754 71.64 50.96 40.66
N SER A 755 71.49 49.77 40.09
CA SER A 755 70.43 48.87 40.51
C SER A 755 70.73 48.52 41.96
N LEU A 756 71.96 48.08 42.22
CA LEU A 756 72.41 47.71 43.57
C LEU A 756 72.13 48.78 44.62
N LYS A 757 72.15 50.06 44.20
CA LYS A 757 71.90 51.16 45.13
C LYS A 757 70.42 51.26 45.48
N ARG A 758 70.02 50.32 46.34
CA ARG A 758 68.66 50.16 46.85
C ARG A 758 67.60 50.54 45.84
N GLY A 759 66.39 50.73 46.36
CA GLY A 759 65.29 51.09 45.51
C GLY A 759 64.47 49.84 45.25
N ASP A 760 63.98 49.74 44.01
CA ASP A 760 63.17 48.60 43.63
C ASP A 760 63.99 47.61 42.81
N SER A 761 65.07 47.11 43.39
CA SER A 761 65.92 46.13 42.73
C SER A 761 65.12 44.83 42.72
N GLY A 762 64.12 44.77 43.59
CA GLY A 762 63.28 43.59 43.69
C GLY A 762 63.54 42.88 45.00
N PRO A 763 62.56 42.14 45.54
CA PRO A 763 62.76 41.43 46.80
C PRO A 763 63.76 40.29 46.66
N GLU A 764 63.65 39.55 45.56
CA GLU A 764 64.54 38.42 45.29
C GLU A 764 65.82 38.86 44.63
N PHE A 765 65.76 38.97 43.30
CA PHE A 765 66.87 39.36 42.45
C PHE A 765 67.63 40.60 42.92
N SER A 766 68.36 40.44 44.02
CA SER A 766 69.16 41.50 44.63
C SER A 766 70.52 40.85 44.87
N ALA A 767 70.47 39.69 45.54
CA ALA A 767 71.66 38.93 45.86
C ALA A 767 72.40 38.65 44.56
N ALA A 768 71.64 38.56 43.48
CA ALA A 768 72.19 38.29 42.16
C ALA A 768 73.11 39.44 41.71
N ILE A 769 72.63 40.67 41.85
CA ILE A 769 73.36 41.87 41.43
C ILE A 769 74.86 41.82 41.77
N PRO A 770 75.22 41.65 43.06
CA PRO A 770 76.64 41.61 43.43
C PRO A 770 77.34 40.36 42.91
N VAL A 771 76.65 39.22 42.98
CA VAL A 771 77.23 37.96 42.49
C VAL A 771 77.63 38.18 41.04
N ILE A 772 76.84 39.02 40.36
CA ILE A 772 77.04 39.36 38.96
C ILE A 772 78.19 40.36 38.75
N LEU A 773 78.31 41.36 39.62
CA LEU A 773 79.39 42.33 39.49
C LEU A 773 80.68 41.60 39.83
N ALA A 774 80.52 40.53 40.59
CA ALA A 774 81.63 39.68 41.01
C ALA A 774 82.29 39.04 39.79
N LYS A 775 81.77 39.39 38.62
CA LYS A 775 82.27 38.86 37.35
C LYS A 775 82.47 40.01 36.34
N ILE A 776 82.87 41.18 36.82
CA ILE A 776 83.07 42.32 35.93
C ILE A 776 84.40 43.07 36.16
N LYS A 777 84.80 43.84 35.15
CA LYS A 777 86.02 44.64 35.19
C LYS A 777 85.69 46.06 34.72
N PRO B 7 12.75 53.64 1.72
CA PRO B 7 12.22 54.35 2.91
C PRO B 7 11.76 53.43 4.06
N LEU B 8 11.03 54.02 5.01
CA LEU B 8 10.51 53.29 6.18
C LEU B 8 9.03 53.64 6.40
N LYS B 11 13.76 56.51 9.68
CA LYS B 11 13.31 57.82 9.26
C LYS B 11 12.92 58.75 10.42
N GLY B 12 13.92 59.31 11.10
CA GLY B 12 13.61 60.21 12.20
C GLY B 12 14.55 60.27 13.39
N ASN B 13 13.97 60.49 14.57
CA ASN B 13 14.70 60.57 15.83
C ASN B 13 15.33 59.22 16.21
N ASP B 14 14.73 58.14 15.72
CA ASP B 14 15.20 56.78 15.98
C ASP B 14 14.83 55.80 14.85
N PRO B 15 15.39 56.01 13.66
CA PRO B 15 15.12 55.16 12.49
C PRO B 15 15.61 53.72 12.70
N ILE B 16 15.03 52.79 11.94
CA ILE B 16 15.41 51.37 12.02
C ILE B 16 15.66 50.77 10.64
N ASP B 17 16.75 50.02 10.52
CA ASP B 17 17.13 49.38 9.27
C ASP B 17 15.94 48.63 8.73
N SER B 18 15.43 49.08 7.59
CA SER B 18 14.29 48.41 6.99
C SER B 18 14.66 46.94 6.70
N SER B 19 15.95 46.66 6.67
CA SER B 19 16.42 45.29 6.41
C SER B 19 16.17 44.45 7.65
N THR B 20 16.30 45.09 8.81
CA THR B 20 16.09 44.44 10.11
C THR B 20 14.71 43.82 10.18
N ILE B 21 13.72 44.63 9.83
CA ILE B 21 12.33 44.20 9.84
C ILE B 21 12.11 42.98 8.97
N ASP B 22 12.66 43.01 7.76
CA ASP B 22 12.53 41.90 6.86
C ASP B 22 13.09 40.63 7.52
N SER B 23 14.23 40.74 8.17
CA SER B 23 14.82 39.58 8.84
C SER B 23 13.81 39.05 9.89
N LEU B 24 13.29 39.95 10.76
CA LEU B 24 12.21 39.60 11.79
C LEU B 24 11.01 38.90 11.06
N CYS B 25 10.42 39.64 10.14
CA CYS B 25 9.28 39.15 9.39
C CYS B 25 9.44 37.68 8.93
N ALA B 26 10.59 37.33 8.36
CA ALA B 26 10.80 35.96 7.87
C ALA B 26 11.05 34.94 8.97
N ALA B 27 11.50 35.43 10.12
CA ALA B 27 11.79 34.56 11.24
C ALA B 27 10.49 34.06 11.85
N PHE B 28 9.43 34.83 11.70
CA PHE B 28 8.14 34.41 12.24
C PHE B 28 7.43 33.40 11.34
N ASP B 29 7.95 33.21 10.13
CA ASP B 29 7.38 32.25 9.19
C ASP B 29 7.85 30.82 9.49
N LYS B 30 9.16 30.65 9.67
CA LYS B 30 9.72 29.32 9.96
C LYS B 30 9.75 29.02 11.46
N THR B 31 8.90 29.71 12.21
CA THR B 31 8.80 29.54 13.66
C THR B 31 7.46 30.09 14.16
N PRO B 36 2.10 21.88 7.17
CA PRO B 36 2.36 22.52 8.46
C PRO B 36 2.55 21.49 9.58
N ASP B 37 2.12 21.86 10.78
CA ASP B 37 2.17 21.00 11.98
C ASP B 37 3.43 20.14 12.14
N VAL B 38 3.32 18.88 11.73
CA VAL B 38 4.40 17.90 11.83
C VAL B 38 4.75 17.72 13.29
N GLN B 39 5.19 18.80 13.93
CA GLN B 39 5.56 18.76 15.33
C GLN B 39 4.45 18.08 16.11
N LYS B 40 3.22 18.55 15.95
CA LYS B 40 2.09 17.97 16.67
C LYS B 40 2.00 16.49 16.44
N TYR B 41 1.92 16.11 15.17
CA TYR B 41 1.83 14.71 14.81
C TYR B 41 2.90 13.88 15.50
N ASN B 42 4.10 14.40 15.60
CA ASN B 42 5.17 13.62 16.24
C ASN B 42 5.14 13.59 17.76
N ASP B 43 4.74 14.69 18.38
CA ASP B 43 4.66 14.73 19.83
C ASP B 43 3.64 13.73 20.31
N ALA B 44 2.79 13.28 19.40
CA ALA B 44 1.77 12.29 19.74
C ALA B 44 2.44 10.93 19.72
N ILE B 45 2.96 10.55 18.56
CA ILE B 45 3.62 9.26 18.47
C ILE B 45 4.82 9.26 19.38
N ASN B 46 5.49 10.39 19.53
CA ASN B 46 6.67 10.47 20.41
C ASN B 46 6.37 9.96 21.80
N THR B 47 5.23 10.37 22.33
CA THR B 47 4.84 9.94 23.65
C THR B 47 4.37 8.49 23.57
N ILE B 48 3.71 8.12 22.48
CA ILE B 48 3.24 6.75 22.31
C ILE B 48 4.40 5.81 22.61
N PHE B 49 5.56 6.12 22.05
CA PHE B 49 6.76 5.31 22.27
C PHE B 49 7.28 5.40 23.71
N GLN B 50 6.58 6.17 24.54
CA GLN B 50 6.98 6.33 25.93
C GLN B 50 6.38 5.19 26.74
N LEU B 51 5.53 4.40 26.11
CA LEU B 51 4.95 3.28 26.81
C LEU B 51 6.05 2.25 27.04
N ARG B 52 7.04 2.23 26.16
CA ARG B 52 8.14 1.29 26.32
C ARG B 52 9.07 1.75 27.42
N GLN B 53 8.80 2.94 27.96
CA GLN B 53 9.62 3.48 29.04
C GLN B 53 8.95 3.22 30.38
N LYS B 54 7.87 2.43 30.35
CA LYS B 54 7.15 2.05 31.55
C LYS B 54 7.28 0.54 31.65
N SER B 55 7.94 -0.04 30.64
CA SER B 55 8.16 -1.48 30.55
C SER B 55 9.55 -1.89 31.01
N GLU B 56 9.60 -2.97 31.78
CA GLU B 56 10.87 -3.49 32.27
C GLU B 56 11.76 -3.68 31.05
N SER B 57 11.13 -4.07 29.95
CA SER B 57 11.85 -4.30 28.69
C SER B 57 10.88 -4.49 27.52
N GLY B 58 10.58 -3.40 26.83
CA GLY B 58 9.70 -3.44 25.68
C GLY B 58 8.34 -4.06 25.86
N LYS B 59 7.98 -4.41 27.09
CA LYS B 59 6.68 -4.99 27.36
C LYS B 59 5.63 -4.00 26.82
N MET B 60 4.35 -4.32 26.95
CA MET B 60 3.32 -3.42 26.44
C MET B 60 2.14 -3.21 27.39
N PRO B 61 1.99 -1.97 27.92
CA PRO B 61 0.95 -1.53 28.83
C PRO B 61 -0.27 -2.43 28.99
N ALA B 62 -0.26 -3.19 30.08
CA ALA B 62 -1.33 -4.13 30.42
C ALA B 62 -2.74 -3.64 30.07
N ASP B 63 -2.99 -2.34 30.22
CA ASP B 63 -4.30 -1.77 29.95
C ASP B 63 -4.88 -2.08 28.57
N LEU B 64 -4.21 -1.57 27.54
CA LEU B 64 -4.58 -1.74 26.12
C LEU B 64 -4.66 -3.22 25.73
N THR B 65 -3.63 -3.95 26.15
CA THR B 65 -3.49 -5.38 25.89
C THR B 65 -4.79 -6.14 26.13
N ASN B 66 -5.66 -5.60 26.97
CA ASN B 66 -6.92 -6.27 27.28
C ASN B 66 -7.81 -6.66 26.13
N SER B 67 -9.00 -6.10 26.12
CA SER B 67 -9.98 -6.41 25.09
C SER B 67 -11.05 -5.39 25.29
N GLU B 68 -11.32 -5.13 26.56
CA GLU B 68 -12.31 -4.14 26.94
C GLU B 68 -11.68 -2.77 26.63
N ALA B 69 -10.37 -2.79 26.43
CA ALA B 69 -9.61 -1.58 26.14
C ALA B 69 -9.45 -1.37 24.62
N LEU B 70 -10.51 -1.62 23.86
CA LEU B 70 -10.44 -1.47 22.41
C LEU B 70 -10.22 -0.01 22.04
N LYS B 71 -11.16 0.83 22.43
CA LYS B 71 -11.10 2.27 22.17
C LYS B 71 -9.70 2.82 22.39
N ASP B 72 -9.13 2.52 23.56
CA ASP B 72 -7.81 2.99 23.93
C ASP B 72 -6.73 2.57 22.93
N ARG B 73 -7.04 1.58 22.10
CA ARG B 73 -6.10 1.12 21.09
C ARG B 73 -6.50 1.79 19.79
N GLN B 74 -7.80 1.77 19.49
CA GLN B 74 -8.32 2.40 18.28
C GLN B 74 -7.73 3.80 18.15
N LYS B 75 -7.56 4.46 19.28
CA LYS B 75 -7.01 5.81 19.32
C LYS B 75 -5.53 5.78 18.98
N ILE B 76 -4.79 4.80 19.52
CA ILE B 76 -3.36 4.69 19.22
C ILE B 76 -3.21 4.40 17.72
N GLU B 77 -3.98 3.41 17.23
CA GLU B 77 -3.95 3.03 15.82
C GLU B 77 -4.15 4.25 14.96
N GLU B 78 -5.24 4.98 15.21
CA GLU B 78 -5.55 6.19 14.44
C GLU B 78 -4.41 7.20 14.47
N ILE B 79 -3.93 7.55 15.66
CA ILE B 79 -2.84 8.52 15.78
C ILE B 79 -1.63 8.05 15.01
N LEU B 80 -1.29 6.78 15.18
CA LEU B 80 -0.13 6.20 14.50
C LEU B 80 -0.27 6.28 12.97
N THR B 81 -1.38 5.79 12.41
CA THR B 81 -1.54 5.85 10.96
C THR B 81 -1.60 7.30 10.48
N ARG B 82 -2.18 8.19 11.27
CA ARG B 82 -2.27 9.61 10.90
C ARG B 82 -0.87 10.16 10.60
N SER B 83 0.04 9.99 11.55
CA SER B 83 1.41 10.47 11.41
C SER B 83 2.09 9.87 10.17
N TYR B 84 1.52 8.79 9.65
CA TYR B 84 2.09 8.10 8.51
C TYR B 84 1.53 8.51 7.15
N GLN B 85 0.27 8.93 7.16
CA GLN B 85 -0.43 9.32 5.93
C GLN B 85 -0.41 10.80 5.59
N ASP B 86 -0.59 11.64 6.60
CA ASP B 86 -0.67 13.06 6.37
C ASP B 86 0.59 13.73 5.85
N HIS B 87 1.74 13.48 6.48
CA HIS B 87 2.96 14.14 6.04
C HIS B 87 4.17 13.23 5.85
N SER B 88 4.88 13.45 4.75
CA SER B 88 6.06 12.68 4.39
C SER B 88 7.17 12.77 5.43
N GLU B 89 7.16 13.84 6.22
CA GLU B 89 8.16 14.03 7.27
C GLU B 89 7.72 13.22 8.49
N SER B 90 6.53 13.52 8.98
CA SER B 90 5.94 12.84 10.13
C SER B 90 6.04 11.33 9.99
N ARG B 91 5.89 10.83 8.76
CA ARG B 91 6.00 9.40 8.49
C ARG B 91 7.40 8.96 8.87
N VAL B 92 8.37 9.57 8.20
CA VAL B 92 9.79 9.31 8.38
C VAL B 92 10.25 9.26 9.85
N HIS B 93 9.65 10.11 10.68
CA HIS B 93 9.98 10.18 12.10
C HIS B 93 9.50 8.91 12.80
N LEU B 94 8.28 8.49 12.49
CA LEU B 94 7.69 7.27 13.07
C LEU B 94 8.50 6.10 12.53
N SER B 95 8.81 6.21 11.24
CA SER B 95 9.59 5.19 10.55
C SER B 95 10.95 5.03 11.24
N LYS B 96 11.59 6.13 11.59
CA LYS B 96 12.89 6.05 12.24
C LYS B 96 12.80 5.52 13.67
N LEU B 97 11.78 5.92 14.42
CA LEU B 97 11.58 5.44 15.79
C LEU B 97 11.17 3.97 15.85
N ILE B 98 10.53 3.47 14.81
CA ILE B 98 10.13 2.07 14.79
C ILE B 98 11.33 1.19 14.53
N GLN B 99 12.18 1.56 13.57
CA GLN B 99 13.37 0.80 13.23
C GLN B 99 14.40 0.95 14.35
N ASN B 100 14.06 1.80 15.31
CA ASN B 100 14.92 2.10 16.44
C ASN B 100 14.57 1.29 17.67
N ASP B 101 13.70 0.30 17.51
CA ASP B 101 13.26 -0.54 18.62
C ASP B 101 12.34 -1.61 18.08
N ILE B 102 12.73 -2.21 16.97
CA ILE B 102 11.95 -3.25 16.32
C ILE B 102 11.17 -4.07 17.32
N PRO B 103 11.84 -4.62 18.34
CA PRO B 103 11.12 -5.43 19.33
C PRO B 103 9.89 -4.74 19.91
N PHE B 104 9.99 -3.45 20.24
CA PHE B 104 8.85 -2.72 20.79
C PHE B 104 7.80 -2.36 19.72
N ALA B 105 8.29 -1.86 18.60
CA ALA B 105 7.41 -1.50 17.50
C ALA B 105 6.58 -2.72 17.08
N LEU B 106 7.10 -3.92 17.33
CA LEU B 106 6.38 -5.12 16.97
C LEU B 106 5.23 -5.35 17.93
N ASN B 107 5.53 -5.49 19.23
CA ASN B 107 4.45 -5.73 20.18
C ASN B 107 3.52 -4.53 20.30
N LEU B 108 3.90 -3.40 19.70
CA LEU B 108 3.04 -2.24 19.71
C LEU B 108 1.96 -2.47 18.67
N PHE B 109 2.39 -2.72 17.43
CA PHE B 109 1.49 -2.92 16.30
C PHE B 109 0.63 -4.17 16.28
N GLU B 110 1.16 -5.28 16.78
CA GLU B 110 0.41 -6.54 16.76
C GLU B 110 -0.91 -6.51 17.51
N ILE B 111 -1.12 -5.46 18.30
CA ILE B 111 -2.33 -5.32 19.08
C ILE B 111 -3.41 -4.52 18.37
N LEU B 112 -3.09 -4.12 17.13
CA LEU B 112 -3.99 -3.34 16.30
C LEU B 112 -4.57 -4.20 15.21
N SER B 113 -5.45 -3.62 14.39
CA SER B 113 -6.08 -4.36 13.30
C SER B 113 -5.07 -4.69 12.22
N ARG B 114 -5.46 -5.64 11.35
CA ARG B 114 -4.60 -6.08 10.25
C ARG B 114 -4.25 -4.88 9.39
N SER B 115 -5.25 -4.08 9.00
CA SER B 115 -5.03 -2.89 8.16
C SER B 115 -3.77 -2.13 8.56
N SER B 116 -3.41 -2.17 9.83
CA SER B 116 -2.23 -1.46 10.32
C SER B 116 -0.92 -2.05 9.83
N ILE B 117 -0.98 -3.27 9.32
CA ILE B 117 0.23 -3.91 8.85
C ILE B 117 0.76 -3.22 7.61
N HIS B 118 -0.11 -2.46 6.95
CA HIS B 118 0.34 -1.77 5.76
C HIS B 118 1.19 -0.58 6.16
N VAL B 119 0.88 0.00 7.32
CA VAL B 119 1.60 1.14 7.86
C VAL B 119 2.97 0.69 8.39
N PHE B 120 2.99 -0.44 9.07
CA PHE B 120 4.24 -0.95 9.61
C PHE B 120 5.23 -1.22 8.46
N VAL B 121 4.83 -2.07 7.51
CA VAL B 121 5.66 -2.40 6.37
C VAL B 121 6.02 -1.12 5.64
N GLY B 122 5.04 -0.21 5.53
CA GLY B 122 5.27 1.05 4.86
C GLY B 122 6.34 1.93 5.52
N CYS B 123 6.93 1.53 6.63
CA CYS B 123 7.94 2.38 7.23
C CYS B 123 9.35 1.84 6.98
N PHE B 124 9.41 0.70 6.33
CA PHE B 124 10.69 0.08 5.97
C PHE B 124 10.80 0.35 4.48
N SER B 125 11.64 1.32 4.12
CA SER B 125 11.83 1.76 2.73
C SER B 125 12.76 0.95 1.78
N ASN B 126 13.79 0.33 2.32
CA ASN B 126 14.74 -0.43 1.52
C ASN B 126 14.79 -1.88 2.02
N LYS B 127 15.30 -2.80 1.20
CA LYS B 127 15.34 -4.22 1.61
C LYS B 127 16.14 -4.49 2.89
N ASP B 128 17.35 -3.94 2.96
CA ASP B 128 18.22 -4.13 4.12
C ASP B 128 17.62 -3.66 5.44
N ALA B 129 16.76 -2.64 5.38
CA ALA B 129 16.17 -2.11 6.60
C ALA B 129 15.23 -3.12 7.26
N THR B 130 14.73 -4.08 6.48
CA THR B 130 13.81 -5.08 7.00
C THR B 130 14.52 -6.29 7.60
N ILE B 131 15.83 -6.39 7.44
CA ILE B 131 16.55 -7.53 7.98
C ILE B 131 16.52 -7.58 9.52
N ALA B 132 16.74 -6.45 10.18
CA ALA B 132 16.71 -6.42 11.64
C ALA B 132 15.33 -6.91 12.08
N LEU B 133 14.30 -6.56 11.29
CA LEU B 133 12.91 -6.93 11.52
C LEU B 133 12.70 -8.43 11.38
N LEU B 134 12.95 -8.96 10.18
CA LEU B 134 12.82 -10.39 9.91
C LEU B 134 13.44 -11.19 11.04
N ASN B 135 14.62 -10.76 11.43
CA ASN B 135 15.36 -11.40 12.49
C ASN B 135 14.54 -11.51 13.74
N GLU B 136 13.96 -10.39 14.17
CA GLU B 136 13.13 -10.36 15.38
C GLU B 136 11.89 -11.19 15.17
N LEU B 137 11.38 -11.22 13.95
CA LEU B 137 10.19 -12.02 13.64
C LEU B 137 10.54 -13.50 13.67
N GLN B 138 11.75 -13.84 13.24
CA GLN B 138 12.19 -15.23 13.22
C GLN B 138 12.17 -15.75 14.64
N ILE B 139 12.52 -14.86 15.56
CA ILE B 139 12.55 -15.18 16.97
C ILE B 139 11.15 -15.26 17.59
N ARG B 140 10.33 -14.22 17.39
CA ARG B 140 8.99 -14.22 17.97
C ARG B 140 8.26 -15.51 17.62
N ILE B 141 8.52 -16.02 16.43
CA ILE B 141 7.86 -17.21 15.92
C ILE B 141 8.45 -18.50 16.46
N HIS B 142 9.77 -18.57 16.47
CA HIS B 142 10.45 -19.75 16.93
C HIS B 142 10.19 -20.14 18.38
N TYR B 143 10.24 -19.16 19.27
CA TYR B 143 10.00 -19.39 20.68
C TYR B 143 8.53 -19.52 20.99
N GLY B 144 7.72 -19.40 19.96
CA GLY B 144 6.28 -19.53 20.12
C GLY B 144 5.75 -18.79 21.33
N GLU B 145 6.52 -17.82 21.81
CA GLU B 145 6.09 -17.05 22.96
C GLU B 145 5.00 -16.06 22.54
N ASP B 146 5.36 -15.12 21.66
CA ASP B 146 4.43 -14.11 21.15
C ASP B 146 3.16 -14.78 20.63
N THR B 147 2.01 -14.27 21.06
CA THR B 147 0.73 -14.85 20.69
C THR B 147 -0.13 -14.14 19.64
N HIS B 148 0.51 -13.55 18.64
CA HIS B 148 -0.25 -12.88 17.60
C HIS B 148 0.16 -13.40 16.23
N VAL B 149 0.69 -14.63 16.24
CA VAL B 149 1.15 -15.32 15.05
C VAL B 149 0.63 -14.83 13.70
N THR B 150 -0.68 -14.73 13.54
CA THR B 150 -1.21 -14.27 12.26
C THR B 150 -0.79 -12.85 11.91
N TYR B 151 -0.75 -11.96 12.91
CA TYR B 151 -0.31 -10.62 12.62
C TYR B 151 1.16 -10.78 12.23
N LEU B 152 1.87 -11.53 13.05
CA LEU B 152 3.29 -11.77 12.82
C LEU B 152 3.62 -12.38 11.46
N LEU B 153 2.73 -13.20 10.92
CA LEU B 153 3.01 -13.84 9.65
C LEU B 153 2.42 -13.11 8.45
N SER B 154 1.40 -12.29 8.68
CA SER B 154 0.84 -11.57 7.57
C SER B 154 1.83 -10.47 7.25
N ILE B 155 2.62 -10.06 8.24
CA ILE B 155 3.64 -9.04 8.03
C ILE B 155 4.64 -9.67 7.06
N ILE B 156 5.11 -10.86 7.43
CA ILE B 156 6.05 -11.62 6.62
C ILE B 156 5.54 -11.67 5.19
N LEU B 157 4.26 -12.01 5.02
CA LEU B 157 3.70 -12.10 3.68
C LEU B 157 3.83 -10.77 2.90
N GLN B 158 3.54 -9.64 3.55
CA GLN B 158 3.62 -8.32 2.92
C GLN B 158 5.06 -7.94 2.62
N LEU B 159 5.98 -8.39 3.45
CA LEU B 159 7.39 -8.10 3.25
C LEU B 159 7.94 -8.85 2.05
N LEU B 160 7.28 -9.94 1.65
CA LEU B 160 7.76 -10.72 0.53
C LEU B 160 7.18 -10.19 -0.75
N ASN B 161 6.00 -9.60 -0.63
CA ASN B 161 5.28 -9.01 -1.75
C ASN B 161 5.84 -7.62 -2.02
N LYS B 162 6.89 -7.23 -1.31
CA LYS B 162 7.46 -5.90 -1.46
C LYS B 162 8.97 -5.80 -1.60
N PHE B 163 9.68 -6.92 -1.52
CA PHE B 163 11.13 -6.87 -1.67
C PHE B 163 11.65 -8.05 -2.47
N LYS B 164 12.92 -8.00 -2.83
CA LYS B 164 13.51 -9.10 -3.57
C LYS B 164 14.56 -9.69 -2.66
N TYR B 165 14.09 -10.38 -1.61
CA TYR B 165 14.99 -11.01 -0.67
C TYR B 165 15.83 -12.07 -1.35
N ASN B 166 16.95 -12.41 -0.72
CA ASN B 166 17.88 -13.37 -1.28
C ASN B 166 17.55 -14.81 -0.88
N PHE B 167 16.37 -15.02 -0.30
CA PHE B 167 15.94 -16.34 0.15
C PHE B 167 16.81 -16.79 1.30
N LYS B 168 18.12 -16.71 1.12
CA LYS B 168 19.05 -17.08 2.16
C LYS B 168 18.77 -16.13 3.31
N GLU B 169 17.98 -15.09 3.01
CA GLU B 169 17.59 -14.08 3.99
C GLU B 169 16.19 -14.37 4.54
N VAL B 170 15.53 -15.37 3.95
CA VAL B 170 14.17 -15.75 4.33
C VAL B 170 14.02 -17.23 4.70
N ARG B 171 14.88 -18.07 4.13
CA ARG B 171 14.89 -19.51 4.35
C ARG B 171 14.39 -19.95 5.73
N PHE B 172 14.69 -19.16 6.76
CA PHE B 172 14.30 -19.50 8.13
C PHE B 172 12.80 -19.77 8.28
N LEU B 173 12.03 -19.62 7.20
CA LEU B 173 10.59 -19.87 7.27
C LEU B 173 10.24 -21.32 7.06
N VAL B 174 11.11 -22.06 6.39
CA VAL B 174 10.83 -23.47 6.16
C VAL B 174 10.89 -24.13 7.53
N LYS B 175 12.03 -23.98 8.20
CA LYS B 175 12.20 -24.56 9.53
C LYS B 175 11.07 -24.11 10.45
N GLU B 176 11.06 -22.83 10.78
CA GLU B 176 10.06 -22.28 11.69
C GLU B 176 8.59 -22.62 11.45
N LEU B 177 8.13 -22.61 10.21
CA LEU B 177 6.72 -22.91 9.98
C LEU B 177 6.38 -24.39 10.13
N ILE B 178 7.08 -25.25 9.40
CA ILE B 178 6.81 -26.69 9.48
C ILE B 178 6.72 -27.07 10.95
N LEU B 179 7.76 -26.74 11.71
CA LEU B 179 7.83 -27.05 13.14
C LEU B 179 6.53 -26.83 13.90
N ARG B 180 5.76 -25.80 13.53
CA ARG B 180 4.47 -25.52 14.20
C ARG B 180 3.21 -25.97 13.41
N ILE B 181 3.41 -26.87 12.43
CA ILE B 181 2.30 -27.36 11.62
C ILE B 181 1.12 -27.76 12.50
N SER B 182 1.44 -28.32 13.65
CA SER B 182 0.44 -28.76 14.61
C SER B 182 -0.57 -27.67 14.99
N GLU B 183 -0.25 -26.40 14.65
CA GLU B 183 -1.15 -25.27 14.95
C GLU B 183 -2.00 -24.89 13.73
N ASP B 184 -3.30 -25.10 13.82
CA ASP B 184 -4.18 -24.79 12.71
C ASP B 184 -4.12 -23.34 12.26
N GLU B 185 -3.43 -22.51 13.02
CA GLU B 185 -3.32 -21.09 12.67
C GLU B 185 -2.11 -20.94 11.78
N VAL B 186 -0.97 -21.49 12.22
CA VAL B 186 0.26 -21.43 11.45
C VAL B 186 0.10 -22.32 10.20
N LYS B 187 -0.62 -23.42 10.38
CA LYS B 187 -0.86 -24.36 9.30
C LYS B 187 -1.34 -23.65 8.05
N SER B 188 -2.41 -22.88 8.18
CA SER B 188 -2.97 -22.17 7.05
C SER B 188 -2.07 -21.03 6.54
N MET B 189 -1.52 -20.26 7.48
CA MET B 189 -0.64 -19.15 7.14
C MET B 189 0.62 -19.69 6.47
N MET B 190 0.84 -21.00 6.58
CA MET B 190 1.99 -21.62 5.94
C MET B 190 1.74 -21.89 4.44
N LEU B 191 0.56 -22.41 4.10
CA LEU B 191 0.24 -22.70 2.70
C LEU B 191 0.51 -21.50 1.82
N ILE B 192 0.27 -20.32 2.38
CA ILE B 192 0.47 -19.05 1.68
C ILE B 192 1.96 -18.73 1.48
N ILE B 193 2.65 -18.47 2.58
CA ILE B 193 4.06 -18.14 2.57
C ILE B 193 4.83 -19.21 1.78
N PHE B 194 4.27 -20.41 1.70
CA PHE B 194 4.93 -21.48 0.98
C PHE B 194 4.61 -21.40 -0.50
N ALA B 195 3.45 -20.84 -0.84
CA ALA B 195 3.09 -20.71 -2.23
C ALA B 195 4.05 -19.69 -2.84
N GLU B 196 4.27 -18.60 -2.11
CA GLU B 196 5.15 -17.53 -2.53
C GLU B 196 6.62 -17.94 -2.61
N LEU B 197 7.13 -18.59 -1.57
CA LEU B 197 8.52 -19.03 -1.59
C LEU B 197 8.68 -19.93 -2.79
N GLN B 198 7.64 -20.73 -3.04
CA GLN B 198 7.60 -21.67 -4.16
C GLN B 198 7.87 -20.88 -5.41
N SER B 199 6.85 -20.14 -5.85
CA SER B 199 6.98 -19.33 -7.05
C SER B 199 7.90 -18.14 -6.84
N SER B 200 9.09 -18.37 -6.30
CA SER B 200 10.00 -17.26 -6.08
C SER B 200 11.41 -17.75 -5.81
N PHE B 201 11.55 -19.03 -5.49
CA PHE B 201 12.85 -19.64 -5.21
C PHE B 201 12.84 -21.11 -5.62
N GLN B 202 11.63 -21.58 -5.94
CA GLN B 202 11.40 -22.96 -6.34
C GLN B 202 12.51 -23.94 -5.99
N LYS B 203 13.37 -24.25 -6.94
CA LYS B 203 14.43 -25.21 -6.64
C LYS B 203 15.07 -25.02 -5.27
N ASP B 204 15.42 -23.78 -4.91
CA ASP B 204 16.02 -23.57 -3.60
C ASP B 204 15.05 -23.91 -2.45
N PHE B 205 13.78 -23.56 -2.61
CA PHE B 205 12.75 -23.84 -1.61
C PHE B 205 12.65 -25.35 -1.45
N ASP B 206 12.45 -26.04 -2.56
CA ASP B 206 12.32 -27.47 -2.55
C ASP B 206 13.45 -28.10 -1.76
N LYS B 207 14.68 -27.74 -2.08
CA LYS B 207 15.84 -28.28 -1.36
C LYS B 207 15.71 -27.92 0.12
N ALA B 208 15.50 -26.63 0.38
CA ALA B 208 15.35 -26.12 1.74
C ALA B 208 14.32 -26.91 2.51
N VAL B 209 13.24 -27.33 1.83
CA VAL B 209 12.19 -28.12 2.49
C VAL B 209 12.61 -29.59 2.60
N VAL B 210 12.91 -30.21 1.47
CA VAL B 210 13.31 -31.61 1.51
C VAL B 210 14.37 -31.76 2.59
N ASP B 211 15.34 -30.85 2.60
CA ASP B 211 16.42 -30.89 3.57
C ASP B 211 16.00 -30.89 5.03
N PHE B 212 15.15 -29.93 5.40
CA PHE B 212 14.68 -29.83 6.77
C PHE B 212 13.88 -31.06 7.15
N MET B 213 13.29 -31.70 6.15
CA MET B 213 12.51 -32.90 6.39
C MET B 213 13.47 -34.07 6.53
N SER B 214 14.47 -34.11 5.66
CA SER B 214 15.45 -35.20 5.74
C SER B 214 16.07 -35.17 7.12
N SER B 215 16.09 -34.00 7.74
CA SER B 215 16.65 -33.83 9.08
C SER B 215 15.70 -34.29 10.18
N LEU B 216 14.39 -34.23 9.90
CA LEU B 216 13.39 -34.67 10.86
C LEU B 216 13.38 -36.18 10.86
N ILE B 217 13.46 -36.75 9.66
CA ILE B 217 13.47 -38.19 9.50
C ILE B 217 14.59 -38.80 10.33
N VAL B 218 15.74 -38.14 10.35
CA VAL B 218 16.88 -38.65 11.12
C VAL B 218 16.50 -38.69 12.60
N GLU B 219 15.88 -37.61 13.08
CA GLU B 219 15.47 -37.52 14.48
C GLU B 219 14.51 -38.62 14.92
N ALA B 220 13.65 -39.05 14.01
CA ALA B 220 12.70 -40.11 14.30
C ALA B 220 13.37 -41.49 14.22
N GLU B 221 14.33 -41.64 13.30
CA GLU B 221 15.07 -42.91 13.13
C GLU B 221 15.80 -43.28 14.41
N ILE B 222 16.00 -42.29 15.28
CA ILE B 222 16.68 -42.48 16.55
C ILE B 222 15.73 -42.36 17.71
N ASP B 223 14.50 -42.00 17.41
CA ASP B 223 13.50 -41.83 18.46
C ASP B 223 14.00 -40.82 19.50
N VAL B 224 14.13 -39.56 19.09
CA VAL B 224 14.58 -38.48 19.97
C VAL B 224 14.07 -37.12 19.50
N GLY B 225 13.51 -36.34 20.42
CA GLY B 225 13.06 -35.01 20.05
C GLY B 225 11.59 -34.69 19.95
N ASN B 226 11.36 -33.48 19.45
CA ASN B 226 10.06 -32.88 19.22
C ASN B 226 8.89 -33.87 19.24
N ASP B 227 8.89 -34.73 18.23
CA ASP B 227 7.94 -35.82 17.92
C ASP B 227 7.99 -35.68 16.41
N PRO B 228 9.17 -35.92 15.83
CA PRO B 228 9.44 -35.82 14.40
C PRO B 228 8.42 -36.51 13.49
N LEU B 229 8.02 -37.72 13.86
CA LEU B 229 7.07 -38.46 13.06
C LEU B 229 5.72 -37.78 13.01
N SER B 230 5.24 -37.26 14.14
CA SER B 230 3.94 -36.60 14.12
C SER B 230 3.93 -35.32 13.30
N ILE B 231 5.10 -34.82 12.94
CA ILE B 231 5.17 -33.62 12.14
C ILE B 231 5.41 -34.00 10.69
N ILE B 232 6.40 -34.84 10.46
CA ILE B 232 6.70 -35.28 9.11
C ILE B 232 5.40 -35.68 8.40
N VAL B 233 4.54 -36.40 9.12
CA VAL B 233 3.26 -36.87 8.59
C VAL B 233 2.26 -35.74 8.45
N LYS B 234 2.00 -35.03 9.53
CA LYS B 234 1.02 -33.95 9.45
C LYS B 234 1.43 -32.95 8.39
N THR B 235 2.73 -32.82 8.13
CA THR B 235 3.21 -31.87 7.12
C THR B 235 3.02 -32.42 5.71
N LEU B 236 3.53 -33.61 5.45
CA LEU B 236 3.35 -34.15 4.12
C LEU B 236 1.89 -34.09 3.78
N SER B 237 1.02 -34.44 4.73
CA SER B 237 -0.43 -34.43 4.49
C SER B 237 -0.99 -33.05 4.10
N GLU B 238 -0.73 -32.05 4.94
CA GLU B 238 -1.22 -30.71 4.69
C GLU B 238 -0.62 -30.11 3.42
N LEU B 239 0.55 -30.61 3.02
CA LEU B 239 1.25 -30.07 1.86
C LEU B 239 1.13 -30.88 0.58
N TYR B 240 0.53 -32.05 0.66
CA TYR B 240 0.40 -32.88 -0.53
C TYR B 240 -0.39 -32.26 -1.70
N PRO B 241 -1.49 -31.53 -1.42
CA PRO B 241 -2.24 -30.93 -2.53
C PRO B 241 -1.37 -30.02 -3.37
N SER B 242 -0.84 -28.97 -2.75
CA SER B 242 0.03 -28.02 -3.46
C SER B 242 1.22 -28.82 -3.97
N LEU B 243 2.44 -28.41 -3.61
CA LEU B 243 3.60 -29.16 -4.04
C LEU B 243 3.38 -30.64 -3.70
N THR B 244 2.84 -31.40 -4.65
CA THR B 244 2.54 -32.83 -4.49
C THR B 244 3.77 -33.67 -4.80
N THR B 245 4.29 -33.46 -6.00
CA THR B 245 5.45 -34.15 -6.51
C THR B 245 6.54 -34.10 -5.45
N LEU B 246 6.75 -32.91 -4.88
CA LEU B 246 7.77 -32.74 -3.84
C LEU B 246 7.50 -33.60 -2.61
N CYS B 247 6.23 -33.84 -2.31
CA CYS B 247 5.87 -34.67 -1.17
C CYS B 247 6.11 -36.13 -1.46
N SER B 248 5.88 -36.54 -2.71
CA SER B 248 6.09 -37.93 -3.08
C SER B 248 7.55 -38.37 -2.95
N GLU B 249 8.49 -37.56 -3.44
CA GLU B 249 9.90 -37.93 -3.30
C GLU B 249 10.21 -38.22 -1.85
N ILE B 250 9.78 -37.33 -0.96
CA ILE B 250 9.99 -37.44 0.48
C ILE B 250 9.39 -38.72 1.04
N PHE B 251 8.09 -38.91 0.79
CA PHE B 251 7.36 -40.08 1.27
C PHE B 251 7.94 -41.39 0.73
N LEU B 252 9.03 -41.31 -0.03
CA LEU B 252 9.70 -42.50 -0.57
C LEU B 252 11.09 -42.62 0.03
N THR B 253 11.39 -41.74 0.94
CA THR B 253 12.68 -41.71 1.60
C THR B 253 13.14 -43.09 2.10
N LYS B 254 14.46 -43.22 2.17
CA LYS B 254 15.17 -44.42 2.62
C LYS B 254 14.48 -45.11 3.80
N GLY B 255 13.52 -45.97 3.52
CA GLY B 255 12.86 -46.68 4.58
C GLY B 255 11.95 -45.88 5.49
N LEU B 256 11.53 -44.70 5.05
CA LEU B 256 10.63 -43.88 5.85
C LEU B 256 9.36 -44.72 6.04
N SER B 257 9.18 -45.67 5.11
CA SER B 257 8.05 -46.58 5.10
C SER B 257 7.81 -47.18 6.47
N LYS B 258 8.61 -48.20 6.77
CA LYS B 258 8.50 -48.95 8.00
C LYS B 258 8.67 -48.12 9.26
N LEU B 259 9.14 -46.88 9.12
CA LEU B 259 9.28 -46.04 10.30
C LEU B 259 7.86 -45.69 10.73
N PHE B 260 7.04 -45.29 9.76
CA PHE B 260 5.63 -44.97 10.03
C PHE B 260 4.98 -46.23 10.62
N LYS B 261 4.94 -47.29 9.80
CA LYS B 261 4.39 -48.58 10.15
C LYS B 261 4.67 -48.95 11.61
N LYS B 262 5.93 -48.89 12.00
CA LYS B 262 6.30 -49.23 13.37
C LYS B 262 5.43 -48.50 14.38
N ARG B 263 5.56 -47.18 14.43
CA ARG B 263 4.78 -46.37 15.36
C ARG B 263 3.29 -46.74 15.37
N VAL B 264 2.76 -47.15 14.22
CA VAL B 264 1.34 -47.50 14.08
C VAL B 264 0.88 -48.76 14.81
N PHE B 265 1.61 -49.85 14.62
CA PHE B 265 1.26 -51.11 15.28
C PHE B 265 1.96 -51.21 16.63
N GLU B 266 3.28 -51.14 16.57
CA GLU B 266 4.21 -51.21 17.69
C GLU B 266 3.87 -50.31 18.92
N GLU B 267 3.34 -49.11 18.68
CA GLU B 267 3.04 -48.18 19.78
C GLU B 267 1.58 -47.85 20.02
N GLN B 268 0.65 -48.52 19.37
CA GLN B 268 -0.75 -48.18 19.56
C GLN B 268 -0.91 -46.75 19.03
N ASP B 269 -0.82 -45.77 19.93
CA ASP B 269 -0.92 -44.34 19.59
C ASP B 269 -1.97 -44.06 18.50
N LEU B 270 -3.24 -44.14 18.88
CA LEU B 270 -4.33 -43.88 17.95
C LEU B 270 -4.06 -42.64 17.09
N GLN B 271 -4.18 -41.48 17.73
CA GLN B 271 -3.98 -40.22 17.05
C GLN B 271 -2.93 -40.22 15.96
N PHE B 272 -1.75 -40.78 16.21
CA PHE B 272 -0.73 -40.78 15.17
C PHE B 272 -1.23 -41.52 13.93
N THR B 273 -1.83 -42.68 14.17
CA THR B 273 -2.37 -43.52 13.10
C THR B 273 -3.32 -42.73 12.22
N LYS B 274 -4.27 -42.06 12.87
CA LYS B 274 -5.24 -41.26 12.14
C LYS B 274 -4.49 -40.32 11.20
N GLU B 275 -3.50 -39.63 11.75
CA GLU B 275 -2.70 -38.69 10.98
C GLU B 275 -2.12 -39.37 9.77
N LEU B 276 -1.55 -40.56 9.97
CA LEU B 276 -0.93 -41.30 8.87
C LEU B 276 -1.94 -41.68 7.80
N LEU B 277 -3.12 -42.11 8.23
CA LEU B 277 -4.16 -42.49 7.30
C LEU B 277 -4.59 -41.29 6.47
N ARG B 278 -4.73 -40.13 7.10
CA ARG B 278 -5.13 -38.96 6.34
C ARG B 278 -4.06 -38.73 5.27
N LEU B 279 -2.80 -38.97 5.65
CA LEU B 279 -1.67 -38.80 4.73
C LEU B 279 -1.75 -39.71 3.51
N LEU B 280 -2.11 -40.97 3.72
CA LEU B 280 -2.25 -41.93 2.62
C LEU B 280 -3.32 -41.39 1.66
N SER B 281 -4.47 -41.02 2.22
CA SER B 281 -5.55 -40.49 1.42
C SER B 281 -5.01 -39.34 0.58
N SER B 282 -4.39 -38.37 1.24
CA SER B 282 -3.84 -37.21 0.57
C SER B 282 -2.91 -37.51 -0.60
N ALA B 283 -2.00 -38.47 -0.40
CA ALA B 283 -1.03 -38.86 -1.43
C ALA B 283 -1.68 -39.55 -2.60
N CYS B 284 -2.91 -40.01 -2.40
CA CYS B 284 -3.62 -40.71 -3.47
C CYS B 284 -3.98 -39.81 -4.63
N ILE B 285 -2.98 -39.08 -5.12
CA ILE B 285 -3.19 -38.23 -6.26
C ILE B 285 -2.78 -39.10 -7.44
N ASP B 286 -1.52 -39.02 -7.85
CA ASP B 286 -1.07 -39.82 -8.97
C ASP B 286 -0.71 -41.23 -8.52
N GLU B 287 -1.21 -42.19 -9.31
CA GLU B 287 -1.03 -43.62 -9.09
C GLU B 287 0.27 -44.12 -8.48
N THR B 288 1.33 -43.31 -8.57
CA THR B 288 2.62 -43.69 -8.00
C THR B 288 2.33 -44.22 -6.59
N MET B 289 1.53 -43.44 -5.86
CA MET B 289 1.14 -43.76 -4.49
C MET B 289 0.00 -44.76 -4.45
N ARG B 290 -1.04 -44.50 -5.24
CA ARG B 290 -2.23 -45.36 -5.29
C ARG B 290 -1.89 -46.83 -5.11
N THR B 291 -1.01 -47.36 -5.97
CA THR B 291 -0.60 -48.76 -5.94
C THR B 291 0.44 -49.02 -4.85
N TYR B 292 1.35 -48.07 -4.69
CA TYR B 292 2.38 -48.14 -3.67
C TYR B 292 1.62 -48.39 -2.37
N ILE B 293 0.78 -47.41 -1.99
CA ILE B 293 -0.03 -47.50 -0.77
C ILE B 293 -0.72 -48.85 -0.74
N THR B 294 -1.04 -49.36 -1.91
CA THR B 294 -1.72 -50.64 -1.98
C THR B 294 -0.77 -51.73 -1.51
N GLU B 295 0.42 -51.75 -2.10
CA GLU B 295 1.40 -52.78 -1.77
C GLU B 295 2.01 -52.68 -0.36
N ASN B 296 2.42 -51.48 0.02
CA ASN B 296 3.05 -51.25 1.31
C ASN B 296 2.22 -51.12 2.58
N TYR B 297 1.05 -50.50 2.49
CA TYR B 297 0.21 -50.30 3.67
C TYR B 297 -1.10 -51.09 3.68
N LEU B 298 -1.13 -52.24 3.01
CA LEU B 298 -2.34 -53.01 2.98
C LEU B 298 -2.77 -53.60 4.32
N GLN B 299 -1.83 -54.27 4.97
CA GLN B 299 -2.12 -54.90 6.26
C GLN B 299 -2.40 -53.84 7.34
N LEU B 300 -1.83 -52.66 7.16
CA LEU B 300 -2.05 -51.59 8.13
C LEU B 300 -3.52 -51.18 8.04
N LEU B 301 -3.94 -50.90 6.80
CA LEU B 301 -5.31 -50.49 6.52
C LEU B 301 -6.24 -51.57 7.02
N GLU B 302 -5.96 -52.79 6.59
CA GLU B 302 -6.74 -53.95 6.98
C GLU B 302 -6.99 -53.95 8.50
N ARG B 303 -5.91 -54.07 9.28
CA ARG B 303 -6.07 -54.09 10.72
C ARG B 303 -6.67 -52.79 11.24
N SER B 304 -6.21 -51.69 10.67
CA SER B 304 -6.68 -50.37 11.08
C SER B 304 -8.18 -50.26 10.91
N LEU B 305 -8.68 -51.04 9.96
CA LEU B 305 -10.10 -51.05 9.64
C LEU B 305 -10.91 -51.63 10.78
N ASN B 306 -10.28 -51.80 11.94
CA ASN B 306 -10.94 -52.38 13.10
C ASN B 306 -10.98 -51.54 14.36
N VAL B 307 -10.75 -50.25 14.26
CA VAL B 307 -10.79 -49.43 15.45
C VAL B 307 -11.75 -48.25 15.25
N GLU B 308 -12.93 -48.35 15.86
CA GLU B 308 -13.95 -47.32 15.70
C GLU B 308 -13.46 -45.89 15.91
N ASP B 309 -12.18 -45.73 16.18
CA ASP B 309 -11.64 -44.40 16.37
C ASP B 309 -10.77 -44.06 15.18
N VAL B 310 -10.58 -45.03 14.29
CA VAL B 310 -9.72 -44.80 13.14
C VAL B 310 -10.14 -45.63 11.91
N GLN B 311 -11.27 -46.31 12.03
CA GLN B 311 -11.79 -47.16 10.95
C GLN B 311 -12.22 -46.44 9.67
N ILE B 312 -13.10 -45.45 9.81
CA ILE B 312 -13.57 -44.70 8.64
C ILE B 312 -12.40 -44.15 7.83
N TYR B 313 -11.38 -43.65 8.54
CA TYR B 313 -10.19 -43.08 7.92
C TYR B 313 -9.43 -44.05 7.02
N SER B 314 -9.38 -45.32 7.44
CA SER B 314 -8.72 -46.37 6.66
C SER B 314 -9.61 -46.71 5.49
N ALA B 315 -10.89 -46.92 5.83
CA ALA B 315 -11.93 -47.25 4.87
C ALA B 315 -11.76 -46.43 3.60
N LEU B 316 -11.77 -45.10 3.76
CA LEU B 316 -11.61 -44.18 2.66
C LEU B 316 -10.36 -44.49 1.82
N VAL B 317 -9.28 -44.86 2.48
CA VAL B 317 -8.04 -45.17 1.76
C VAL B 317 -8.21 -46.43 0.92
N LEU B 318 -8.93 -47.41 1.47
CA LEU B 318 -9.15 -48.64 0.72
C LEU B 318 -9.93 -48.34 -0.57
N VAL B 319 -11.01 -47.56 -0.47
CA VAL B 319 -11.78 -47.26 -1.68
C VAL B 319 -11.00 -46.40 -2.67
N LYS B 320 -10.33 -45.35 -2.21
CA LYS B 320 -9.61 -44.48 -3.15
C LYS B 320 -8.45 -45.13 -3.93
N THR B 321 -8.14 -46.39 -3.60
CA THR B 321 -7.07 -47.13 -4.29
C THR B 321 -7.69 -48.42 -4.79
N TRP B 322 -8.96 -48.59 -4.46
CA TRP B 322 -9.71 -49.77 -4.86
C TRP B 322 -9.04 -51.03 -4.37
N SER B 323 -8.48 -50.95 -3.17
CA SER B 323 -7.79 -52.09 -2.58
C SER B 323 -8.70 -52.89 -1.66
N PHE B 324 -10.00 -52.65 -1.73
CA PHE B 324 -10.95 -53.40 -0.91
C PHE B 324 -11.23 -54.73 -1.60
N THR B 325 -10.64 -54.88 -2.80
CA THR B 325 -10.78 -56.08 -3.60
C THR B 325 -9.96 -57.21 -2.98
N LYS B 326 -9.23 -56.89 -1.92
CA LYS B 326 -8.45 -57.88 -1.17
C LYS B 326 -9.47 -58.30 -0.11
N LEU B 327 -10.63 -58.72 -0.63
CA LEU B 327 -11.77 -59.17 0.15
C LEU B 327 -11.31 -60.24 1.14
N THR B 328 -11.38 -59.92 2.43
CA THR B 328 -10.99 -60.87 3.47
C THR B 328 -11.92 -60.69 4.66
N CYS B 329 -11.81 -59.52 5.29
CA CYS B 329 -12.62 -59.19 6.44
C CYS B 329 -13.70 -58.18 6.06
N ILE B 330 -13.62 -57.65 4.85
CA ILE B 330 -14.63 -56.71 4.38
C ILE B 330 -15.10 -56.93 2.94
N ASN B 331 -16.42 -56.78 2.78
CA ASN B 331 -17.10 -56.95 1.51
C ASN B 331 -17.74 -55.61 1.15
N LEU B 332 -17.83 -55.34 -0.14
CA LEU B 332 -18.41 -54.11 -0.65
C LEU B 332 -19.53 -53.58 0.21
N LYS B 333 -20.44 -54.47 0.57
CA LYS B 333 -21.60 -54.10 1.37
C LYS B 333 -21.28 -53.66 2.79
N GLN B 334 -20.30 -54.30 3.43
CA GLN B 334 -19.92 -53.96 4.80
C GLN B 334 -19.12 -52.65 4.81
N LEU B 335 -18.21 -52.51 3.86
CA LEU B 335 -17.39 -51.32 3.73
C LEU B 335 -18.32 -50.11 3.51
N SER B 336 -19.13 -50.21 2.47
CA SER B 336 -20.08 -49.16 2.11
C SER B 336 -20.97 -48.77 3.27
N GLU B 337 -21.34 -49.76 4.09
CA GLU B 337 -22.22 -49.50 5.21
C GLU B 337 -21.60 -48.56 6.25
N ILE B 338 -20.28 -48.46 6.25
CA ILE B 338 -19.61 -47.57 7.20
C ILE B 338 -19.94 -46.12 6.89
N PHE B 339 -19.68 -45.72 5.64
CA PHE B 339 -19.93 -44.36 5.20
C PHE B 339 -21.41 -44.03 5.20
N ILE B 340 -22.25 -45.02 4.90
CA ILE B 340 -23.69 -44.79 4.91
C ILE B 340 -24.12 -44.47 6.33
N ASN B 341 -23.72 -45.34 7.26
CA ASN B 341 -24.04 -45.16 8.68
C ASN B 341 -23.46 -43.84 9.17
N ALA B 342 -22.16 -43.65 8.92
CA ALA B 342 -21.48 -42.44 9.34
C ALA B 342 -22.24 -41.20 8.87
N ILE B 343 -22.73 -41.22 7.64
CA ILE B 343 -23.49 -40.07 7.16
C ILE B 343 -24.75 -40.01 7.99
N SER B 344 -25.81 -40.65 7.52
CA SER B 344 -27.07 -40.63 8.23
C SER B 344 -27.16 -39.34 9.01
N ARG B 345 -27.73 -39.37 10.20
CA ARG B 345 -27.85 -38.13 10.97
C ARG B 345 -27.02 -38.34 12.24
N ARG B 346 -25.90 -39.05 12.07
CA ARG B 346 -25.04 -39.40 13.17
C ARG B 346 -23.68 -38.68 13.30
N ILE B 347 -23.01 -38.39 12.19
CA ILE B 347 -21.71 -37.72 12.26
C ILE B 347 -21.71 -36.34 11.63
N VAL B 348 -20.58 -35.65 11.74
CA VAL B 348 -20.40 -34.33 11.16
C VAL B 348 -18.99 -34.22 10.58
N PRO B 349 -17.96 -34.33 11.43
CA PRO B 349 -16.58 -34.22 10.94
C PRO B 349 -16.23 -35.23 9.86
N LYS B 350 -17.03 -36.30 9.76
CA LYS B 350 -16.76 -37.34 8.78
C LYS B 350 -17.74 -37.43 7.61
N VAL B 351 -18.49 -36.35 7.37
CA VAL B 351 -19.47 -36.34 6.29
C VAL B 351 -18.86 -36.26 4.90
N GLU B 352 -18.07 -35.21 4.66
CA GLU B 352 -17.43 -35.05 3.37
C GLU B 352 -16.77 -36.36 3.01
N MET B 353 -16.00 -36.86 3.97
CA MET B 353 -15.26 -38.09 3.85
C MET B 353 -16.12 -39.15 3.20
N SER B 354 -17.21 -39.50 3.87
CA SER B 354 -18.14 -40.50 3.37
C SER B 354 -18.74 -40.15 2.00
N VAL B 355 -19.20 -38.91 1.83
CA VAL B 355 -19.76 -38.52 0.57
C VAL B 355 -18.75 -38.85 -0.53
N GLU B 356 -17.52 -38.39 -0.39
CA GLU B 356 -16.46 -38.67 -1.37
C GLU B 356 -16.36 -40.18 -1.56
N ALA B 357 -16.24 -40.88 -0.45
CA ALA B 357 -16.12 -42.32 -0.53
C ALA B 357 -17.32 -42.98 -1.22
N LEU B 358 -18.52 -42.44 -1.01
CA LEU B 358 -19.69 -43.04 -1.64
C LEU B 358 -19.85 -42.65 -3.12
N ALA B 359 -19.21 -41.57 -3.53
CA ALA B 359 -19.25 -41.12 -4.92
C ALA B 359 -18.57 -42.20 -5.75
N TYR B 360 -17.62 -42.88 -5.11
CA TYR B 360 -16.85 -43.96 -5.72
C TYR B 360 -17.57 -45.28 -5.68
N LEU B 361 -17.88 -45.74 -4.47
CA LEU B 361 -18.54 -47.03 -4.28
C LEU B 361 -19.93 -47.15 -4.89
N SER B 362 -20.56 -46.01 -5.20
CA SER B 362 -21.89 -46.08 -5.78
C SER B 362 -21.77 -46.47 -7.24
N LEU B 363 -20.55 -46.67 -7.70
CA LEU B 363 -20.32 -47.07 -9.08
C LEU B 363 -20.63 -48.55 -9.24
N LYS B 364 -20.42 -49.30 -8.15
CA LYS B 364 -20.68 -50.73 -8.10
C LYS B 364 -22.21 -50.99 -8.02
N ALA B 365 -22.67 -52.07 -8.64
CA ALA B 365 -24.10 -52.38 -8.64
C ALA B 365 -24.69 -52.78 -7.29
N SER B 366 -24.02 -53.68 -6.57
CA SER B 366 -24.56 -54.10 -5.29
C SER B 366 -24.76 -52.89 -4.38
N VAL B 367 -23.88 -51.89 -4.48
CA VAL B 367 -24.00 -50.69 -3.66
C VAL B 367 -25.25 -49.92 -4.09
N LYS B 368 -25.37 -49.68 -5.39
CA LYS B 368 -26.51 -48.96 -5.94
C LYS B 368 -27.85 -49.45 -5.37
N ILE B 369 -28.09 -50.75 -5.51
CA ILE B 369 -29.29 -51.44 -5.04
C ILE B 369 -29.47 -51.28 -3.54
N MET B 370 -28.35 -51.38 -2.85
CA MET B 370 -28.29 -51.26 -1.41
C MET B 370 -28.80 -49.88 -0.98
N ILE B 371 -28.55 -48.86 -1.79
CA ILE B 371 -28.98 -47.52 -1.44
C ILE B 371 -30.40 -47.12 -1.79
N ARG B 372 -30.78 -47.32 -3.05
CA ARG B 372 -32.12 -46.95 -3.51
C ARG B 372 -33.20 -47.48 -2.56
N SER B 373 -32.91 -48.63 -1.94
CA SER B 373 -33.82 -49.27 -1.01
C SER B 373 -33.82 -48.53 0.33
N ASN B 374 -32.63 -48.12 0.77
CA ASN B 374 -32.45 -47.40 2.03
C ASN B 374 -33.05 -46.01 1.92
N GLU B 375 -34.37 -45.90 2.06
CA GLU B 375 -35.05 -44.61 1.96
C GLU B 375 -34.51 -43.54 2.89
N SER B 376 -34.31 -43.90 4.15
CA SER B 376 -33.82 -42.96 5.16
C SER B 376 -32.57 -42.22 4.72
N PHE B 377 -31.60 -42.98 4.21
CA PHE B 377 -30.33 -42.41 3.74
C PHE B 377 -30.53 -41.53 2.51
N THR B 378 -31.24 -42.07 1.53
CA THR B 378 -31.51 -41.33 0.31
C THR B 378 -32.15 -40.02 0.71
N GLU B 379 -33.04 -40.10 1.69
CA GLU B 379 -33.73 -38.94 2.23
C GLU B 379 -32.80 -37.79 2.57
N ILE B 380 -31.83 -38.11 3.43
CA ILE B 380 -30.83 -37.17 3.90
C ILE B 380 -30.05 -36.63 2.72
N LEU B 381 -29.56 -37.56 1.89
CA LEU B 381 -28.80 -37.20 0.71
C LEU B 381 -29.44 -36.03 -0.01
N LEU B 382 -30.74 -36.13 -0.24
CA LEU B 382 -31.48 -35.09 -0.91
C LEU B 382 -31.37 -33.77 -0.16
N THR B 383 -31.93 -33.75 1.04
CA THR B 383 -31.92 -32.54 1.86
C THR B 383 -30.53 -31.90 1.87
N MET B 384 -29.49 -32.72 1.79
CA MET B 384 -28.12 -32.24 1.79
C MET B 384 -27.81 -31.51 0.51
N ILE B 385 -28.24 -32.08 -0.62
CA ILE B 385 -28.00 -31.48 -1.94
C ILE B 385 -28.48 -30.04 -2.01
N LYS B 386 -29.61 -29.77 -1.34
CA LYS B 386 -30.18 -28.42 -1.28
C LYS B 386 -29.49 -27.75 -0.07
N SER B 387 -29.78 -26.48 0.19
CA SER B 387 -29.15 -25.76 1.30
C SER B 387 -27.65 -25.62 1.08
N GLN B 388 -27.19 -24.38 0.89
CA GLN B 388 -25.76 -24.13 0.62
C GLN B 388 -24.88 -24.99 1.50
N LYS B 389 -24.70 -24.58 2.75
CA LYS B 389 -23.88 -25.29 3.73
C LYS B 389 -23.05 -26.48 3.23
N MET B 390 -23.72 -27.49 2.67
CA MET B 390 -23.04 -28.67 2.15
C MET B 390 -22.43 -28.44 0.75
N THR B 391 -22.38 -27.18 0.33
CA THR B 391 -21.84 -26.81 -0.98
C THR B 391 -20.46 -27.40 -1.18
N HIS B 392 -19.64 -27.30 -0.15
CA HIS B 392 -18.29 -27.83 -0.21
C HIS B 392 -18.24 -29.22 -0.81
N CYS B 393 -19.28 -30.02 -0.55
CA CYS B 393 -19.35 -31.39 -1.07
C CYS B 393 -20.52 -31.64 -2.02
N LEU B 394 -20.93 -30.61 -2.76
CA LEU B 394 -22.02 -30.76 -3.71
C LEU B 394 -21.63 -31.68 -4.86
N TYR B 395 -20.48 -31.42 -5.46
CA TYR B 395 -20.00 -32.25 -6.56
C TYR B 395 -20.10 -33.73 -6.23
N GLY B 396 -19.88 -34.11 -4.97
CA GLY B 396 -19.96 -35.51 -4.59
C GLY B 396 -21.40 -35.99 -4.42
N LEU B 397 -22.21 -35.14 -3.80
CA LEU B 397 -23.60 -35.46 -3.60
C LEU B 397 -24.25 -35.62 -4.96
N LEU B 398 -23.83 -34.81 -5.92
CA LEU B 398 -24.39 -34.88 -7.28
C LEU B 398 -23.82 -36.05 -8.08
N VAL B 399 -22.71 -36.62 -7.65
CA VAL B 399 -22.15 -37.74 -8.37
C VAL B 399 -22.86 -39.05 -8.01
N ILE B 400 -23.39 -39.12 -6.79
CA ILE B 400 -24.13 -40.29 -6.32
C ILE B 400 -25.51 -40.36 -6.99
N MET B 401 -26.16 -39.21 -7.13
CA MET B 401 -27.49 -39.16 -7.74
C MET B 401 -27.50 -39.56 -9.20
N ALA B 402 -26.41 -39.26 -9.89
CA ALA B 402 -26.29 -39.60 -11.28
C ALA B 402 -26.05 -41.09 -11.39
N ASN B 403 -25.36 -41.66 -10.41
CA ASN B 403 -25.10 -43.09 -10.47
C ASN B 403 -26.30 -43.89 -10.05
N LEU B 404 -27.00 -43.44 -9.03
CA LEU B 404 -28.18 -44.19 -8.57
C LEU B 404 -29.30 -44.14 -9.62
N SER B 405 -29.42 -43.04 -10.35
CA SER B 405 -30.45 -42.89 -11.37
C SER B 405 -30.06 -43.45 -12.75
N THR B 406 -28.79 -43.79 -12.92
CA THR B 406 -28.29 -44.33 -14.17
C THR B 406 -28.97 -45.66 -14.47
N LEU B 407 -29.53 -45.78 -15.67
CA LEU B 407 -30.22 -47.00 -16.08
C LEU B 407 -29.31 -47.83 -16.96
N PRO B 408 -29.65 -49.12 -17.15
CA PRO B 408 -28.87 -50.04 -17.99
C PRO B 408 -29.08 -49.82 -19.50
N GLU B 409 -28.04 -50.11 -20.28
CA GLU B 409 -28.06 -49.95 -21.74
C GLU B 409 -28.15 -51.32 -22.40
N GLU B 410 -28.81 -51.38 -23.56
CA GLU B 410 -28.99 -52.62 -24.32
C GLU B 410 -29.58 -52.32 -25.69
N PRO B 430 -36.50 -63.48 -32.23
CA PRO B 430 -37.62 -62.67 -32.71
C PRO B 430 -38.94 -63.18 -32.15
N ALA B 431 -38.90 -64.35 -31.51
CA ALA B 431 -40.10 -64.93 -30.92
C ALA B 431 -40.45 -64.17 -29.64
N ALA B 432 -39.47 -63.43 -29.12
CA ALA B 432 -39.61 -62.61 -27.91
C ALA B 432 -39.73 -63.39 -26.61
N ASP B 433 -38.98 -64.48 -26.50
CA ASP B 433 -39.00 -65.32 -25.31
C ASP B 433 -37.89 -66.35 -25.34
N LYS B 434 -34.30 -64.63 -16.58
CA LYS B 434 -33.47 -63.46 -16.33
C LYS B 434 -34.01 -62.25 -17.08
N VAL B 435 -34.91 -62.50 -18.02
CA VAL B 435 -35.52 -61.44 -18.81
C VAL B 435 -36.75 -60.93 -18.05
N GLY B 436 -36.76 -61.19 -16.75
CA GLY B 436 -37.85 -60.75 -15.90
C GLY B 436 -37.25 -60.06 -14.70
N ALA B 437 -36.04 -60.50 -14.35
CA ALA B 437 -35.27 -59.96 -13.21
C ALA B 437 -34.76 -58.57 -13.56
N GLU B 438 -34.48 -58.37 -14.84
CA GLU B 438 -34.01 -57.08 -15.30
C GLU B 438 -35.23 -56.22 -15.46
N LYS B 439 -36.33 -56.81 -15.94
CA LYS B 439 -37.56 -56.04 -16.09
C LYS B 439 -37.95 -55.57 -14.70
N ALA B 440 -37.39 -56.22 -13.69
CA ALA B 440 -37.68 -55.90 -12.28
C ALA B 440 -36.67 -54.93 -11.69
N ALA B 441 -35.38 -55.16 -11.94
CA ALA B 441 -34.34 -54.26 -11.41
C ALA B 441 -34.52 -52.92 -12.11
N LYS B 442 -34.62 -52.96 -13.43
CA LYS B 442 -34.81 -51.78 -14.25
C LYS B 442 -35.91 -50.96 -13.60
N GLU B 443 -36.93 -51.66 -13.13
CA GLU B 443 -38.07 -51.03 -12.48
C GLU B 443 -37.72 -50.34 -11.15
N ASP B 444 -36.89 -50.96 -10.33
CA ASP B 444 -36.48 -50.39 -9.05
C ASP B 444 -35.76 -49.06 -9.23
N ILE B 445 -35.37 -48.78 -10.47
CA ILE B 445 -34.68 -47.56 -10.79
C ILE B 445 -35.70 -46.50 -11.21
N LEU B 446 -36.63 -46.89 -12.05
CA LEU B 446 -37.66 -45.96 -12.49
C LEU B 446 -38.38 -45.46 -11.23
N LEU B 447 -38.63 -46.35 -10.29
CA LEU B 447 -39.30 -46.00 -9.04
C LEU B 447 -38.47 -44.99 -8.27
N PHE B 448 -37.18 -45.28 -8.13
CA PHE B 448 -36.25 -44.38 -7.45
C PHE B 448 -36.21 -43.05 -8.20
N ASN B 449 -35.90 -43.10 -9.48
CA ASN B 449 -35.81 -41.90 -10.31
C ASN B 449 -36.96 -40.93 -10.14
N GLU B 450 -38.18 -41.43 -9.99
CA GLU B 450 -39.30 -40.49 -9.87
C GLU B 450 -39.59 -40.06 -8.43
N LYS B 451 -39.31 -40.95 -7.48
CA LYS B 451 -39.56 -40.68 -6.06
C LYS B 451 -38.65 -39.63 -5.45
N TYR B 452 -37.41 -39.59 -5.90
CA TYR B 452 -36.43 -38.66 -5.36
C TYR B 452 -35.94 -37.62 -6.35
N ILE B 453 -36.05 -37.92 -7.64
CA ILE B 453 -35.58 -36.97 -8.61
C ILE B 453 -36.69 -36.08 -9.17
N LEU B 454 -37.83 -36.67 -9.50
CA LEU B 454 -38.95 -35.90 -10.06
C LEU B 454 -39.86 -35.22 -9.06
N ARG B 455 -40.53 -36.05 -8.26
CA ARG B 455 -41.48 -35.56 -7.25
C ARG B 455 -40.86 -34.50 -6.39
N THR B 456 -39.61 -34.70 -6.01
CA THR B 456 -38.96 -33.74 -5.16
C THR B 456 -38.42 -32.52 -5.92
N GLU B 457 -39.00 -32.28 -7.09
CA GLU B 457 -38.63 -31.14 -7.94
C GLU B 457 -37.13 -30.81 -7.96
N LEU B 458 -36.28 -31.83 -8.00
CA LEU B 458 -34.83 -31.61 -8.01
C LEU B 458 -34.29 -30.89 -9.24
N ILE B 459 -34.88 -31.14 -10.41
CA ILE B 459 -34.44 -30.49 -11.65
C ILE B 459 -34.74 -29.00 -11.52
N SER B 460 -35.95 -28.71 -11.06
CA SER B 460 -36.42 -27.35 -10.86
C SER B 460 -35.37 -26.62 -10.02
N PHE B 461 -34.83 -27.31 -9.01
CA PHE B 461 -33.81 -26.73 -8.15
C PHE B 461 -32.50 -26.58 -8.89
N LEU B 462 -32.09 -27.61 -9.60
CA LEU B 462 -30.86 -27.53 -10.35
C LEU B 462 -30.96 -26.41 -11.41
N LYS B 463 -32.17 -26.15 -11.88
CA LYS B 463 -32.38 -25.11 -12.88
C LYS B 463 -32.02 -23.77 -12.27
N ARG B 464 -32.54 -23.50 -11.08
CA ARG B 464 -32.27 -22.24 -10.40
C ARG B 464 -30.89 -22.19 -9.77
N GLU B 465 -30.00 -23.13 -10.12
CA GLU B 465 -28.67 -23.17 -9.54
C GLU B 465 -27.60 -23.43 -10.57
N MET B 466 -28.05 -23.88 -11.73
CA MET B 466 -27.16 -24.23 -12.83
C MET B 466 -25.99 -23.29 -13.09
N HIS B 467 -26.05 -22.08 -12.55
CA HIS B 467 -24.95 -21.16 -12.75
C HIS B 467 -23.90 -21.26 -11.65
N ASN B 468 -24.34 -21.44 -10.41
CA ASN B 468 -23.44 -21.54 -9.25
C ASN B 468 -22.68 -22.87 -9.13
N LEU B 469 -22.88 -23.74 -10.11
CA LEU B 469 -22.21 -25.04 -10.12
C LEU B 469 -20.92 -25.07 -10.91
N SER B 470 -19.94 -25.77 -10.37
CA SER B 470 -18.67 -25.92 -11.03
C SER B 470 -18.90 -26.64 -12.35
N PRO B 471 -17.97 -26.49 -13.32
CA PRO B 471 -18.18 -27.19 -14.59
C PRO B 471 -18.24 -28.72 -14.42
N ASN B 472 -18.10 -29.17 -13.18
CA ASN B 472 -18.17 -30.60 -12.87
C ASN B 472 -19.56 -30.93 -12.36
N CYS B 473 -20.04 -30.14 -11.41
CA CYS B 473 -21.37 -30.33 -10.83
C CYS B 473 -22.38 -30.20 -11.96
N LYS B 474 -21.97 -29.46 -13.00
CA LYS B 474 -22.79 -29.22 -14.20
C LYS B 474 -23.05 -30.53 -14.93
N GLN B 475 -21.99 -31.28 -15.15
CA GLN B 475 -22.06 -32.55 -15.86
C GLN B 475 -22.85 -33.63 -15.14
N GLN B 476 -22.81 -33.65 -13.81
CA GLN B 476 -23.58 -34.64 -13.09
C GLN B 476 -25.04 -34.32 -13.35
N VAL B 477 -25.37 -33.04 -13.39
CA VAL B 477 -26.74 -32.62 -13.68
C VAL B 477 -27.12 -33.17 -15.04
N VAL B 478 -26.23 -32.98 -16.03
CA VAL B 478 -26.52 -33.49 -17.36
C VAL B 478 -26.74 -34.98 -17.32
N ARG B 479 -26.03 -35.68 -16.43
CA ARG B 479 -26.21 -37.11 -16.33
C ARG B 479 -27.54 -37.42 -15.67
N ILE B 480 -27.91 -36.64 -14.66
CA ILE B 480 -29.19 -36.87 -14.01
C ILE B 480 -30.26 -36.62 -15.07
N ILE B 481 -30.21 -35.47 -15.74
CA ILE B 481 -31.20 -35.19 -16.77
C ILE B 481 -31.25 -36.31 -17.81
N TYR B 482 -30.06 -36.75 -18.24
CA TYR B 482 -29.95 -37.83 -19.22
C TYR B 482 -30.67 -39.08 -18.70
N ASN B 483 -30.28 -39.54 -17.52
CA ASN B 483 -30.90 -40.74 -16.96
C ASN B 483 -32.42 -40.63 -16.87
N ILE B 484 -32.95 -39.43 -16.71
CA ILE B 484 -34.39 -39.32 -16.62
C ILE B 484 -34.99 -39.46 -18.03
N THR B 485 -34.42 -38.82 -19.04
CA THR B 485 -34.98 -38.95 -20.39
C THR B 485 -34.96 -40.37 -20.96
N ARG B 486 -34.32 -41.31 -20.27
CA ARG B 486 -34.28 -42.68 -20.79
C ARG B 486 -35.63 -43.38 -20.72
N SER B 487 -36.60 -42.73 -20.11
CA SER B 487 -37.95 -43.26 -20.00
C SER B 487 -38.91 -42.14 -20.42
N LYS B 488 -39.29 -42.18 -21.69
CA LYS B 488 -40.16 -41.19 -22.33
C LYS B 488 -41.31 -40.68 -21.48
N ASN B 489 -41.60 -41.37 -20.39
CA ASN B 489 -42.69 -40.96 -19.55
C ASN B 489 -42.38 -39.93 -18.48
N PHE B 490 -41.10 -39.65 -18.26
CA PHE B 490 -40.74 -38.65 -17.27
C PHE B 490 -40.45 -37.34 -17.98
N ILE B 491 -40.46 -37.39 -19.30
CA ILE B 491 -40.13 -36.21 -20.09
C ILE B 491 -41.08 -35.03 -19.96
N PRO B 492 -42.37 -35.29 -19.72
CA PRO B 492 -43.27 -34.13 -19.62
C PRO B 492 -42.97 -33.34 -18.35
N GLN B 493 -42.57 -34.05 -17.28
CA GLN B 493 -42.26 -33.44 -16.00
C GLN B 493 -40.92 -32.73 -16.07
N LEU B 494 -39.94 -33.40 -16.67
CA LEU B 494 -38.60 -32.81 -16.83
C LEU B 494 -38.80 -31.43 -17.42
N ALA B 495 -39.20 -31.42 -18.68
CA ALA B 495 -39.44 -30.20 -19.43
C ALA B 495 -40.09 -29.16 -18.54
N GLN B 496 -41.21 -29.55 -17.96
CA GLN B 496 -41.98 -28.66 -17.09
C GLN B 496 -41.13 -28.08 -15.99
N GLN B 497 -40.05 -28.76 -15.60
CA GLN B 497 -39.16 -28.24 -14.56
C GLN B 497 -37.97 -27.48 -15.11
N GLY B 498 -37.86 -27.42 -16.45
CA GLY B 498 -36.81 -26.68 -17.11
C GLY B 498 -35.55 -27.38 -17.59
N ALA B 499 -35.65 -28.69 -17.82
CA ALA B 499 -34.50 -29.47 -18.26
C ALA B 499 -33.95 -28.96 -19.60
N VAL B 500 -34.85 -28.76 -20.55
CA VAL B 500 -34.45 -28.31 -21.86
C VAL B 500 -33.72 -26.96 -21.74
N LYS B 501 -34.05 -26.21 -20.71
CA LYS B 501 -33.41 -24.91 -20.47
C LYS B 501 -31.97 -25.21 -20.06
N ILE B 502 -31.84 -26.07 -19.06
CA ILE B 502 -30.54 -26.50 -18.54
C ILE B 502 -29.63 -27.02 -19.65
N ILE B 503 -30.03 -28.13 -20.30
CA ILE B 503 -29.25 -28.77 -21.36
C ILE B 503 -28.88 -27.83 -22.51
N LEU B 504 -29.84 -27.01 -22.92
CA LEU B 504 -29.60 -26.08 -24.02
C LEU B 504 -28.45 -25.15 -23.68
N GLU B 505 -28.53 -24.52 -22.52
CA GLU B 505 -27.50 -23.59 -22.04
C GLU B 505 -26.16 -24.30 -21.74
N TYR B 506 -26.22 -25.61 -21.53
CA TYR B 506 -25.01 -26.36 -21.23
C TYR B 506 -24.27 -26.58 -22.53
N LEU B 507 -24.91 -27.30 -23.43
CA LEU B 507 -24.35 -27.59 -24.73
C LEU B 507 -23.82 -26.33 -25.40
N ALA B 508 -24.34 -25.17 -25.02
CA ALA B 508 -23.89 -23.93 -25.59
C ALA B 508 -22.51 -23.52 -25.07
N ASN B 509 -22.23 -23.82 -23.81
CA ASN B 509 -20.95 -23.47 -23.17
C ASN B 509 -19.64 -23.81 -23.91
N LYS B 510 -19.69 -24.59 -25.00
CA LYS B 510 -18.47 -24.95 -25.72
C LYS B 510 -17.38 -25.36 -24.72
N GLN B 511 -17.54 -26.50 -24.04
CA GLN B 511 -16.54 -26.91 -23.06
C GLN B 511 -16.34 -28.41 -22.85
N ASP B 512 -16.38 -29.18 -23.93
CA ASP B 512 -16.18 -30.62 -23.84
C ASP B 512 -16.46 -31.30 -25.17
N ILE B 513 -16.26 -30.55 -26.25
CA ILE B 513 -16.49 -31.04 -27.61
C ILE B 513 -16.17 -32.52 -27.84
N GLY B 514 -15.00 -32.98 -27.42
CA GLY B 514 -14.66 -34.37 -27.61
C GLY B 514 -14.85 -35.23 -26.37
N GLU B 515 -15.91 -34.93 -25.59
CA GLU B 515 -16.22 -35.65 -24.35
C GLU B 515 -17.55 -36.38 -24.46
N PRO B 516 -17.69 -37.51 -23.74
CA PRO B 516 -18.94 -38.28 -23.77
C PRO B 516 -20.07 -37.45 -23.20
N ILE B 517 -19.84 -36.88 -22.02
CA ILE B 517 -20.84 -36.07 -21.32
C ILE B 517 -21.52 -35.05 -22.22
N ARG B 518 -20.88 -34.65 -23.30
CA ARG B 518 -21.53 -33.69 -24.17
C ARG B 518 -22.56 -34.43 -25.00
N ILE B 519 -22.12 -35.48 -25.69
CA ILE B 519 -23.03 -36.24 -26.53
C ILE B 519 -24.22 -36.70 -25.68
N LEU B 520 -23.97 -36.94 -24.40
CA LEU B 520 -25.04 -37.36 -23.50
C LEU B 520 -26.08 -36.26 -23.40
N GLY B 521 -25.62 -35.03 -23.20
CA GLY B 521 -26.51 -33.90 -23.09
C GLY B 521 -27.24 -33.70 -24.38
N CYS B 522 -26.70 -34.23 -25.47
CA CYS B 522 -27.33 -34.10 -26.77
C CYS B 522 -28.40 -35.14 -26.85
N ARG B 523 -28.12 -36.34 -26.35
CA ARG B 523 -29.12 -37.40 -26.37
C ARG B 523 -30.32 -36.98 -25.55
N ALA B 524 -30.06 -36.36 -24.40
CA ALA B 524 -31.13 -35.85 -23.54
C ALA B 524 -31.97 -34.87 -24.35
N LEU B 525 -31.36 -33.75 -24.73
CA LEU B 525 -32.06 -32.73 -25.53
C LEU B 525 -32.90 -33.33 -26.67
N THR B 526 -32.28 -34.16 -27.49
CA THR B 526 -32.98 -34.79 -28.59
C THR B 526 -34.22 -35.51 -28.08
N ARG B 527 -34.02 -36.40 -27.13
CA ARG B 527 -35.12 -37.18 -26.57
C ARG B 527 -36.28 -36.36 -26.05
N MET B 528 -35.98 -35.25 -25.39
CA MET B 528 -37.05 -34.42 -24.89
C MET B 528 -37.75 -33.77 -26.07
N LEU B 529 -36.98 -33.20 -27.00
CA LEU B 529 -37.54 -32.54 -28.17
C LEU B 529 -38.47 -33.44 -28.95
N ILE B 530 -38.31 -34.76 -28.83
CA ILE B 530 -39.19 -35.69 -29.53
C ILE B 530 -40.55 -35.80 -28.83
N PHE B 531 -40.56 -35.74 -27.50
CA PHE B 531 -41.81 -35.89 -26.78
C PHE B 531 -42.36 -34.63 -26.13
N THR B 532 -42.20 -33.47 -26.78
CA THR B 532 -42.75 -32.22 -26.24
C THR B 532 -42.92 -31.09 -27.26
N ASN B 533 -44.06 -30.43 -27.19
CA ASN B 533 -44.43 -29.35 -28.09
C ASN B 533 -43.40 -28.24 -28.13
N PRO B 534 -42.85 -27.95 -29.32
CA PRO B 534 -41.84 -26.91 -29.52
C PRO B 534 -42.24 -25.54 -28.92
N GLY B 535 -43.52 -25.21 -29.06
CA GLY B 535 -44.05 -23.95 -28.57
C GLY B 535 -44.13 -23.89 -27.05
N LEU B 536 -44.09 -25.06 -26.43
CA LEU B 536 -44.15 -25.16 -24.99
C LEU B 536 -42.74 -25.03 -24.46
N ILE B 537 -41.80 -25.56 -25.24
CA ILE B 537 -40.36 -25.58 -24.93
C ILE B 537 -39.60 -24.36 -25.46
N PHE B 538 -40.02 -23.82 -26.60
CA PHE B 538 -39.31 -22.67 -27.19
C PHE B 538 -40.03 -21.33 -27.25
N LYS B 539 -41.09 -21.17 -26.46
CA LYS B 539 -41.84 -19.91 -26.40
C LYS B 539 -40.91 -18.70 -26.69
N LYS B 540 -40.28 -18.18 -25.65
CA LYS B 540 -39.40 -17.02 -25.78
C LYS B 540 -38.03 -17.29 -26.44
N TYR B 541 -37.65 -18.56 -26.56
CA TYR B 541 -36.35 -18.96 -27.14
C TYR B 541 -36.52 -19.42 -28.60
N SER B 542 -35.47 -19.34 -29.41
CA SER B 542 -35.60 -19.81 -30.79
C SER B 542 -35.23 -21.28 -30.90
N ALA B 543 -36.09 -22.04 -31.57
CA ALA B 543 -35.85 -23.46 -31.77
C ALA B 543 -34.53 -23.63 -32.53
N LEU B 544 -34.16 -22.62 -33.30
CA LEU B 544 -32.93 -22.68 -34.07
C LEU B 544 -31.69 -22.97 -33.24
N ASN B 545 -31.70 -22.53 -31.99
CA ASN B 545 -30.55 -22.74 -31.11
C ASN B 545 -30.34 -24.21 -30.78
N ALA B 546 -31.38 -25.00 -30.96
CA ALA B 546 -31.31 -26.41 -30.67
C ALA B 546 -30.82 -27.20 -31.85
N ILE B 547 -31.02 -26.68 -33.06
CA ILE B 547 -30.62 -27.38 -34.29
C ILE B 547 -29.16 -27.76 -34.44
N PRO B 548 -28.24 -26.83 -34.17
CA PRO B 548 -26.83 -27.22 -34.31
C PRO B 548 -26.49 -28.46 -33.51
N PHE B 549 -27.12 -28.61 -32.34
CA PHE B 549 -26.86 -29.76 -31.47
C PHE B 549 -27.51 -31.04 -31.98
N LEU B 550 -28.70 -30.94 -32.56
CA LEU B 550 -29.34 -32.14 -33.08
C LEU B 550 -28.48 -32.70 -34.19
N PHE B 551 -27.74 -31.84 -34.87
CA PHE B 551 -26.91 -32.30 -35.95
C PHE B 551 -25.62 -32.95 -35.47
N GLU B 552 -25.23 -32.65 -34.24
CA GLU B 552 -24.05 -33.28 -33.68
C GLU B 552 -24.36 -34.76 -33.49
N LEU B 553 -25.61 -35.17 -33.72
CA LEU B 553 -25.96 -36.58 -33.56
C LEU B 553 -26.31 -37.21 -34.90
N LEU B 554 -26.23 -36.43 -35.98
CA LEU B 554 -26.52 -36.93 -37.32
C LEU B 554 -25.19 -37.18 -38.04
N PRO B 555 -25.19 -38.04 -39.08
CA PRO B 555 -23.92 -38.29 -39.78
C PRO B 555 -23.47 -37.05 -40.52
N ARG B 556 -22.17 -36.93 -40.73
CA ARG B 556 -21.62 -35.80 -41.45
C ARG B 556 -21.61 -36.20 -42.93
N SER B 557 -20.79 -35.55 -43.74
CA SER B 557 -20.74 -35.93 -45.15
C SER B 557 -19.30 -36.16 -45.64
N THR B 558 -19.15 -37.12 -46.55
CA THR B 558 -17.84 -37.48 -47.11
C THR B 558 -18.03 -38.14 -48.47
N ASN B 563 -21.74 -44.65 -49.79
CA ASN B 563 -21.98 -44.28 -48.40
C ASN B 563 -21.54 -42.86 -48.10
N PRO B 564 -22.04 -41.87 -48.85
CA PRO B 564 -21.67 -40.47 -48.64
C PRO B 564 -21.78 -40.02 -47.18
N LEU B 565 -22.44 -40.83 -46.35
CA LEU B 565 -22.62 -40.47 -44.95
C LEU B 565 -21.81 -41.31 -43.98
N HIS B 566 -21.12 -40.62 -43.06
CA HIS B 566 -20.29 -41.27 -42.05
C HIS B 566 -20.58 -40.81 -40.60
N ASN B 567 -20.59 -41.76 -39.65
CA ASN B 567 -20.83 -41.46 -38.23
C ASN B 567 -19.54 -41.60 -37.46
N ASP B 568 -19.24 -40.65 -36.57
CA ASP B 568 -18.02 -40.75 -35.75
C ASP B 568 -18.19 -41.91 -34.76
N GLU B 569 -17.07 -42.53 -34.37
CA GLU B 569 -17.07 -43.67 -33.44
C GLU B 569 -18.27 -43.71 -32.49
N GLN B 570 -18.37 -42.72 -31.61
CA GLN B 570 -19.46 -42.63 -30.63
C GLN B 570 -20.86 -42.63 -31.28
N ILE B 571 -21.22 -41.53 -31.94
CA ILE B 571 -22.52 -41.38 -32.59
C ILE B 571 -23.00 -42.64 -33.30
N LYS B 572 -24.11 -43.22 -32.83
CA LYS B 572 -24.63 -44.44 -33.42
C LYS B 572 -25.91 -44.24 -34.20
N LEU B 573 -26.36 -45.29 -34.89
CA LEU B 573 -27.56 -45.20 -35.72
C LEU B 573 -28.81 -44.67 -35.05
N THR B 574 -29.15 -45.18 -33.87
CA THR B 574 -30.34 -44.67 -33.20
C THR B 574 -30.15 -43.20 -32.90
N ASP B 575 -28.90 -42.79 -32.76
CA ASP B 575 -28.56 -41.38 -32.50
C ASP B 575 -28.91 -40.56 -33.76
N ASN B 576 -28.89 -41.19 -34.92
CA ASN B 576 -29.23 -40.51 -36.17
C ASN B 576 -30.76 -40.47 -36.24
N TYR B 577 -31.37 -41.60 -35.90
CA TYR B 577 -32.81 -41.80 -35.90
C TYR B 577 -33.53 -40.78 -35.01
N GLU B 578 -33.29 -40.91 -33.70
CA GLU B 578 -33.89 -40.03 -32.70
C GLU B 578 -33.68 -38.58 -33.08
N ALA B 579 -32.47 -38.26 -33.49
CA ALA B 579 -32.17 -36.90 -33.91
C ALA B 579 -33.06 -36.54 -35.11
N LEU B 580 -33.25 -37.49 -36.02
CA LEU B 580 -34.09 -37.22 -37.17
C LEU B 580 -35.49 -36.88 -36.68
N LEU B 581 -36.02 -37.70 -35.78
CA LEU B 581 -37.35 -37.47 -35.24
C LEU B 581 -37.40 -36.07 -34.63
N ALA B 582 -36.49 -35.79 -33.71
CA ALA B 582 -36.43 -34.46 -33.06
C ALA B 582 -36.60 -33.36 -34.12
N LEU B 583 -35.64 -33.33 -35.04
CA LEU B 583 -35.59 -32.37 -36.14
C LEU B 583 -36.93 -32.28 -36.85
N THR B 584 -37.54 -33.43 -37.09
CA THR B 584 -38.83 -33.49 -37.75
C THR B 584 -39.86 -32.75 -36.92
N ASN B 585 -39.84 -32.96 -35.61
CA ASN B 585 -40.79 -32.29 -34.73
C ASN B 585 -40.74 -30.78 -34.80
N LEU B 586 -39.56 -30.21 -34.65
CA LEU B 586 -39.43 -28.75 -34.72
C LEU B 586 -39.95 -28.25 -36.08
N ALA B 587 -39.89 -29.11 -37.10
CA ALA B 587 -40.34 -28.75 -38.45
C ALA B 587 -41.84 -28.67 -38.58
N SER B 588 -42.52 -29.60 -37.91
CA SER B 588 -43.96 -29.67 -37.97
C SER B 588 -44.69 -28.45 -37.46
N SER B 589 -44.24 -27.89 -36.34
CA SER B 589 -44.86 -26.70 -35.75
C SER B 589 -45.21 -25.63 -36.78
N GLU B 590 -46.06 -25.98 -37.75
CA GLU B 590 -46.47 -25.10 -38.84
C GLU B 590 -46.99 -23.73 -38.39
N THR B 591 -46.04 -22.91 -37.94
CA THR B 591 -46.26 -21.56 -37.48
C THR B 591 -45.01 -20.82 -37.97
N SER B 592 -44.99 -19.51 -37.81
CA SER B 592 -43.85 -18.71 -38.24
C SER B 592 -42.53 -19.30 -37.76
N ASP B 593 -42.45 -19.58 -36.47
CA ASP B 593 -41.24 -20.15 -35.90
C ASP B 593 -40.83 -21.43 -36.62
N GLY B 594 -41.82 -22.26 -36.94
CA GLY B 594 -41.55 -23.51 -37.63
C GLY B 594 -41.06 -23.33 -39.05
N GLU B 595 -41.56 -22.31 -39.74
CA GLU B 595 -41.11 -22.05 -41.10
C GLU B 595 -39.63 -21.72 -41.01
N GLU B 596 -39.26 -21.07 -39.92
CA GLU B 596 -37.90 -20.65 -39.65
C GLU B 596 -36.95 -21.83 -39.47
N VAL B 597 -37.39 -22.84 -38.73
CA VAL B 597 -36.56 -24.02 -38.50
C VAL B 597 -36.28 -24.65 -39.86
N CYS B 598 -37.26 -24.53 -40.75
CA CYS B 598 -37.14 -25.10 -42.07
C CYS B 598 -36.16 -24.31 -42.93
N LYS B 599 -36.33 -22.98 -42.99
CA LYS B 599 -35.41 -22.14 -43.76
C LYS B 599 -33.95 -22.43 -43.37
N HIS B 600 -33.71 -22.47 -42.06
CA HIS B 600 -32.38 -22.74 -41.52
C HIS B 600 -31.85 -24.13 -41.90
N ILE B 601 -32.71 -25.14 -41.87
CA ILE B 601 -32.29 -26.51 -42.19
C ILE B 601 -31.92 -26.72 -43.65
N VAL B 602 -32.59 -26.01 -44.55
CA VAL B 602 -32.31 -26.18 -45.96
C VAL B 602 -31.37 -25.11 -46.49
N SER B 603 -31.32 -23.96 -45.84
CA SER B 603 -30.46 -22.88 -46.29
C SER B 603 -29.05 -22.99 -45.73
N THR B 604 -28.85 -23.87 -44.77
CA THR B 604 -27.50 -24.08 -44.23
C THR B 604 -26.95 -25.19 -45.10
N LYS B 605 -26.09 -24.81 -46.03
CA LYS B 605 -25.52 -25.76 -46.98
C LYS B 605 -25.14 -27.14 -46.41
N VAL B 606 -24.61 -27.15 -45.18
CA VAL B 606 -24.16 -28.39 -44.51
C VAL B 606 -25.22 -29.33 -43.95
N TYR B 607 -26.26 -28.76 -43.34
CA TYR B 607 -27.33 -29.57 -42.78
C TYR B 607 -28.06 -30.20 -43.96
N TRP B 608 -28.42 -29.39 -44.95
CA TRP B 608 -29.14 -29.91 -46.11
C TRP B 608 -28.41 -31.01 -46.87
N SER B 609 -27.10 -30.91 -46.93
CA SER B 609 -26.33 -31.92 -47.67
C SER B 609 -26.60 -33.29 -47.06
N THR B 610 -26.56 -33.34 -45.73
CA THR B 610 -26.77 -34.56 -44.98
C THR B 610 -28.20 -35.10 -45.11
N ILE B 611 -29.18 -34.21 -45.08
CA ILE B 611 -30.57 -34.63 -45.19
C ILE B 611 -30.85 -35.20 -46.58
N GLU B 612 -30.14 -34.67 -47.57
CA GLU B 612 -30.30 -35.11 -48.95
C GLU B 612 -29.82 -36.54 -49.08
N ASN B 613 -28.58 -36.79 -48.72
CA ASN B 613 -28.04 -38.14 -48.81
C ASN B 613 -28.83 -39.13 -47.95
N LEU B 614 -29.51 -38.62 -46.92
CA LEU B 614 -30.29 -39.51 -46.05
C LEU B 614 -31.53 -40.10 -46.72
N MET B 615 -32.01 -39.47 -47.80
CA MET B 615 -33.17 -39.99 -48.49
C MET B 615 -32.88 -41.39 -49.01
N LEU B 616 -31.63 -41.59 -49.39
CA LEU B 616 -31.20 -42.86 -49.95
C LEU B 616 -30.42 -43.77 -49.02
N ASP B 617 -30.36 -43.43 -47.74
CA ASP B 617 -29.61 -44.27 -46.79
C ASP B 617 -30.15 -45.69 -46.67
N GLU B 618 -29.23 -46.64 -46.47
CA GLU B 618 -29.61 -48.04 -46.33
C GLU B 618 -30.54 -48.30 -45.15
N ASN B 619 -30.31 -47.60 -44.03
CA ASN B 619 -31.12 -47.76 -42.81
C ASN B 619 -32.53 -47.19 -42.93
N VAL B 620 -33.51 -48.08 -43.13
CA VAL B 620 -34.91 -47.69 -43.29
C VAL B 620 -35.45 -46.69 -42.26
N PRO B 621 -35.18 -46.92 -40.97
CA PRO B 621 -35.68 -45.98 -39.97
C PRO B 621 -35.13 -44.56 -40.19
N LEU B 622 -33.90 -44.46 -40.72
CA LEU B 622 -33.29 -43.17 -41.01
C LEU B 622 -33.89 -42.58 -42.27
N GLN B 623 -34.14 -43.45 -43.25
CA GLN B 623 -34.73 -43.01 -44.51
C GLN B 623 -36.15 -42.56 -44.32
N ARG B 624 -36.94 -43.39 -43.65
CA ARG B 624 -38.33 -43.08 -43.36
C ARG B 624 -38.41 -41.70 -42.73
N SER B 625 -37.87 -41.58 -41.53
CA SER B 625 -37.90 -40.35 -40.80
C SER B 625 -37.54 -39.17 -41.68
N THR B 626 -36.41 -39.26 -42.38
CA THR B 626 -35.97 -38.16 -43.26
C THR B 626 -37.06 -37.73 -44.24
N LEU B 627 -37.82 -38.67 -44.77
CA LEU B 627 -38.86 -38.29 -45.69
C LEU B 627 -39.94 -37.56 -44.88
N GLU B 628 -40.19 -38.03 -43.66
CA GLU B 628 -41.18 -37.38 -42.80
C GLU B 628 -40.73 -35.96 -42.49
N LEU B 629 -39.42 -35.76 -42.37
CA LEU B 629 -38.88 -34.43 -42.12
C LEU B 629 -39.06 -33.54 -43.36
N ILE B 630 -38.73 -34.10 -44.53
CA ILE B 630 -38.87 -33.37 -45.79
C ILE B 630 -40.34 -33.13 -46.03
N SER B 631 -41.17 -34.13 -45.74
CA SER B 631 -42.61 -33.99 -45.90
C SER B 631 -43.09 -32.82 -45.06
N ASN B 632 -42.62 -32.76 -43.82
CA ASN B 632 -43.02 -31.68 -42.95
C ASN B 632 -42.56 -30.34 -43.51
N MET B 633 -41.29 -30.26 -43.88
CA MET B 633 -40.77 -29.02 -44.41
C MET B 633 -41.61 -28.54 -45.58
N MET B 634 -41.92 -29.45 -46.51
CA MET B 634 -42.71 -29.16 -47.71
C MET B 634 -43.97 -28.40 -47.42
N SER B 635 -44.46 -28.52 -46.19
CA SER B 635 -45.67 -27.80 -45.82
C SER B 635 -45.32 -26.34 -45.56
N HIS B 636 -44.17 -25.93 -46.09
CA HIS B 636 -43.67 -24.56 -45.99
C HIS B 636 -42.96 -24.36 -47.31
N PRO B 637 -43.66 -24.64 -48.43
CA PRO B 637 -43.16 -24.52 -49.79
C PRO B 637 -41.93 -23.66 -50.05
N LEU B 638 -42.07 -22.37 -49.82
CA LEU B 638 -40.97 -21.45 -50.09
C LEU B 638 -39.58 -21.77 -49.54
N THR B 639 -39.46 -22.67 -48.56
CA THR B 639 -38.13 -22.99 -48.00
C THR B 639 -37.45 -24.18 -48.65
N ILE B 640 -38.23 -25.12 -49.16
CA ILE B 640 -37.68 -26.29 -49.80
C ILE B 640 -38.10 -26.37 -51.25
N ALA B 641 -39.40 -26.58 -51.46
CA ALA B 641 -40.01 -26.71 -52.79
C ALA B 641 -39.04 -26.64 -53.98
N ALA B 642 -38.30 -25.56 -54.08
CA ALA B 642 -37.37 -25.39 -55.17
C ALA B 642 -36.21 -26.38 -55.19
N LYS B 643 -36.28 -27.43 -54.37
CA LYS B 643 -35.19 -28.40 -54.34
C LYS B 643 -35.65 -29.78 -54.79
N PHE B 644 -36.86 -29.84 -55.32
CA PHE B 644 -37.45 -31.08 -55.80
C PHE B 644 -38.38 -30.73 -56.96
N PHE B 645 -38.70 -29.45 -57.10
CA PHE B 645 -39.64 -29.09 -58.15
C PHE B 645 -39.17 -28.05 -59.14
N ASN B 646 -37.93 -27.60 -58.99
CA ASN B 646 -37.38 -26.67 -59.98
C ASN B 646 -36.62 -27.61 -60.90
N LEU B 647 -37.35 -28.32 -61.75
CA LEU B 647 -36.69 -29.26 -62.62
C LEU B 647 -35.65 -28.64 -63.54
N GLU B 648 -35.67 -27.31 -63.65
CA GLU B 648 -34.72 -26.61 -64.49
C GLU B 648 -33.34 -26.66 -63.84
N ASN B 649 -33.28 -27.21 -62.63
CA ASN B 649 -32.02 -27.33 -61.90
C ASN B 649 -31.45 -28.75 -61.95
N PRO B 650 -30.17 -28.88 -62.32
CA PRO B 650 -29.50 -30.18 -62.42
C PRO B 650 -29.77 -31.05 -61.20
N GLN B 651 -29.30 -30.58 -60.05
CA GLN B 651 -29.45 -31.30 -58.80
C GLN B 651 -30.89 -31.41 -58.32
N SER B 652 -31.59 -30.27 -58.30
CA SER B 652 -32.99 -30.26 -57.87
C SER B 652 -33.71 -31.36 -58.63
N LEU B 653 -33.40 -31.49 -59.91
CA LEU B 653 -33.99 -32.52 -60.76
C LEU B 653 -33.57 -33.90 -60.28
N ARG B 654 -32.30 -34.03 -59.88
CA ARG B 654 -31.78 -35.32 -59.40
C ARG B 654 -32.70 -35.80 -58.28
N ASN B 655 -32.99 -34.88 -57.35
CA ASN B 655 -33.85 -35.13 -56.20
C ASN B 655 -35.29 -35.51 -56.56
N PHE B 656 -35.82 -34.94 -57.63
CA PHE B 656 -37.17 -35.27 -58.09
C PHE B 656 -37.18 -36.75 -58.46
N ASN B 657 -36.40 -37.06 -59.48
CA ASN B 657 -36.33 -38.43 -59.95
C ASN B 657 -36.17 -39.42 -58.82
N ILE B 658 -35.41 -39.05 -57.79
CA ILE B 658 -35.22 -39.98 -56.68
C ILE B 658 -36.53 -40.18 -55.95
N LEU B 659 -37.20 -39.07 -55.66
CA LEU B 659 -38.45 -39.09 -54.92
C LEU B 659 -39.55 -39.90 -55.61
N VAL B 660 -39.70 -39.75 -56.92
CA VAL B 660 -40.73 -40.51 -57.64
C VAL B 660 -40.53 -42.02 -57.49
N LYS B 661 -39.30 -42.48 -57.72
CA LYS B 661 -39.04 -43.89 -57.61
C LYS B 661 -39.21 -44.38 -56.17
N LEU B 662 -39.16 -43.47 -55.20
CA LEU B 662 -39.32 -43.88 -53.82
C LEU B 662 -40.76 -44.19 -53.43
N LEU B 663 -41.71 -43.86 -54.30
CA LEU B 663 -43.12 -44.17 -54.01
C LEU B 663 -43.29 -45.69 -53.94
N GLN B 664 -42.30 -46.40 -54.49
CA GLN B 664 -42.26 -47.87 -54.54
C GLN B 664 -41.67 -48.52 -53.30
N LEU B 665 -41.16 -47.72 -52.37
CA LEU B 665 -40.57 -48.26 -51.15
C LEU B 665 -41.41 -49.37 -50.53
N SER B 666 -40.76 -50.26 -49.79
CA SER B 666 -41.45 -51.36 -49.15
C SER B 666 -42.05 -50.89 -47.82
N ASP B 667 -41.50 -49.82 -47.26
CA ASP B 667 -41.97 -49.30 -45.98
C ASP B 667 -43.15 -48.34 -46.15
N VAL B 668 -44.34 -48.78 -45.76
CA VAL B 668 -45.54 -47.96 -45.88
C VAL B 668 -45.35 -46.58 -45.25
N GLU B 669 -44.65 -46.53 -44.11
CA GLU B 669 -44.44 -45.26 -43.45
C GLU B 669 -43.70 -44.32 -44.38
N SER B 670 -42.69 -44.86 -45.06
CA SER B 670 -41.89 -44.09 -46.02
C SER B 670 -42.77 -43.61 -47.18
N GLN B 671 -43.44 -44.54 -47.86
CA GLN B 671 -44.29 -44.17 -48.99
C GLN B 671 -45.26 -43.14 -48.49
N ARG B 672 -45.82 -43.40 -47.31
CA ARG B 672 -46.79 -42.51 -46.71
C ARG B 672 -46.31 -41.06 -46.81
N ALA B 673 -45.01 -40.87 -46.63
CA ALA B 673 -44.39 -39.55 -46.67
C ALA B 673 -44.16 -39.01 -48.07
N VAL B 674 -43.53 -39.84 -48.91
CA VAL B 674 -43.26 -39.46 -50.28
C VAL B 674 -44.56 -38.92 -50.87
N ALA B 675 -45.59 -39.75 -50.91
CA ALA B 675 -46.88 -39.35 -51.43
C ALA B 675 -47.23 -38.02 -50.78
N ALA B 676 -47.09 -37.98 -49.46
CA ALA B 676 -47.40 -36.78 -48.73
C ALA B 676 -46.75 -35.58 -49.42
N ILE B 677 -45.44 -35.65 -49.67
CA ILE B 677 -44.74 -34.54 -50.32
C ILE B 677 -45.41 -34.16 -51.64
N PHE B 678 -45.42 -35.09 -52.60
CA PHE B 678 -46.02 -34.85 -53.91
C PHE B 678 -47.42 -34.24 -53.83
N ALA B 679 -48.33 -34.91 -53.14
CA ALA B 679 -49.70 -34.42 -53.03
C ALA B 679 -49.78 -33.00 -52.51
N ASN B 680 -49.05 -32.71 -51.45
CA ASN B 680 -49.07 -31.38 -50.84
C ASN B 680 -48.76 -30.29 -51.85
N ILE B 681 -47.59 -30.39 -52.48
CA ILE B 681 -47.18 -29.39 -53.44
C ILE B 681 -48.19 -29.26 -54.58
N ALA B 682 -48.76 -30.37 -55.01
CA ALA B 682 -49.73 -30.37 -56.10
C ALA B 682 -50.94 -29.49 -55.80
N THR B 683 -51.26 -29.33 -54.52
CA THR B 683 -52.38 -28.49 -54.10
C THR B 683 -51.87 -27.05 -53.99
N THR B 684 -50.91 -26.86 -53.10
CA THR B 684 -50.28 -25.57 -52.82
C THR B 684 -49.83 -24.76 -54.04
N ILE B 685 -49.00 -25.38 -54.89
CA ILE B 685 -48.46 -24.73 -56.10
C ILE B 685 -48.97 -25.38 -57.39
N PRO B 686 -50.15 -24.96 -57.85
CA PRO B 686 -50.72 -25.53 -59.06
C PRO B 686 -49.81 -25.68 -60.28
N LEU B 687 -48.99 -24.69 -60.61
CA LEU B 687 -48.15 -24.82 -61.79
C LEU B 687 -47.25 -26.05 -61.79
N ILE B 688 -46.88 -26.53 -60.61
CA ILE B 688 -46.05 -27.73 -60.50
C ILE B 688 -46.96 -28.93 -60.76
N ALA B 689 -48.18 -28.85 -60.24
CA ALA B 689 -49.17 -29.92 -60.41
C ALA B 689 -49.32 -30.12 -61.88
N LYS B 690 -49.48 -29.00 -62.59
CA LYS B 690 -49.63 -28.96 -64.04
C LYS B 690 -48.47 -29.66 -64.72
N GLU B 691 -47.28 -29.37 -64.21
CA GLU B 691 -46.05 -29.90 -64.74
C GLU B 691 -45.92 -31.40 -64.46
N LEU B 692 -46.55 -31.84 -63.37
CA LEU B 692 -46.48 -33.25 -63.02
C LEU B 692 -47.31 -34.11 -63.97
N LEU B 693 -48.29 -33.48 -64.63
CA LEU B 693 -49.13 -34.16 -65.60
C LEU B 693 -48.32 -34.61 -66.81
N THR B 694 -46.99 -34.48 -66.74
CA THR B 694 -46.13 -34.87 -67.85
C THR B 694 -45.15 -35.94 -67.42
N LYS B 695 -45.01 -36.09 -66.11
CA LYS B 695 -44.12 -37.09 -65.54
C LYS B 695 -44.74 -38.47 -65.66
N LYS B 696 -44.16 -39.32 -66.49
CA LYS B 696 -44.67 -40.67 -66.67
C LYS B 696 -44.34 -41.46 -65.42
N GLU B 697 -43.06 -41.59 -65.12
CA GLU B 697 -42.63 -42.30 -63.93
C GLU B 697 -43.52 -41.92 -62.76
N LEU B 698 -43.61 -40.62 -62.49
CA LEU B 698 -44.43 -40.15 -61.39
C LEU B 698 -45.85 -40.68 -61.45
N ILE B 699 -46.55 -40.44 -62.56
CA ILE B 699 -47.95 -40.89 -62.70
C ILE B 699 -48.14 -42.41 -62.57
N GLU B 700 -47.24 -43.19 -63.19
CA GLU B 700 -47.33 -44.64 -63.12
C GLU B 700 -47.19 -45.11 -61.70
N ASN B 701 -46.00 -44.92 -61.13
CA ASN B 701 -45.75 -45.34 -59.77
C ASN B 701 -46.84 -44.77 -58.87
N ALA B 702 -47.51 -43.72 -59.35
CA ALA B 702 -48.57 -43.08 -58.58
C ALA B 702 -49.84 -43.93 -58.59
N ILE B 703 -50.19 -44.44 -59.77
CA ILE B 703 -51.38 -45.27 -59.91
C ILE B 703 -51.19 -46.68 -59.35
N GLN B 704 -50.10 -47.33 -59.76
CA GLN B 704 -49.80 -48.67 -59.30
C GLN B 704 -49.93 -48.78 -57.80
N VAL B 705 -49.19 -47.94 -57.08
CA VAL B 705 -49.27 -47.99 -55.63
C VAL B 705 -50.67 -47.70 -55.12
N PHE B 706 -51.31 -46.68 -55.68
CA PHE B 706 -52.66 -46.33 -55.26
C PHE B 706 -53.59 -47.54 -55.39
N ALA B 707 -53.36 -48.31 -56.44
CA ALA B 707 -54.15 -49.51 -56.71
C ALA B 707 -53.69 -50.60 -55.76
N ASP B 708 -52.52 -51.17 -56.07
CA ASP B 708 -51.93 -52.22 -55.27
C ASP B 708 -52.19 -52.13 -53.77
N GLN B 709 -52.01 -50.96 -53.17
CA GLN B 709 -52.27 -50.87 -51.73
C GLN B 709 -53.76 -50.59 -51.47
N ILE B 710 -54.09 -49.33 -51.21
CA ILE B 710 -55.48 -48.93 -50.91
C ILE B 710 -55.87 -49.41 -49.51
N ASP B 711 -55.42 -50.62 -49.18
CA ASP B 711 -55.67 -51.19 -47.87
C ASP B 711 -55.18 -50.20 -46.82
N ASP B 712 -54.15 -49.44 -47.19
CA ASP B 712 -53.59 -48.47 -46.27
C ASP B 712 -54.39 -47.18 -46.38
N ILE B 713 -55.49 -47.11 -45.62
CA ILE B 713 -56.34 -45.91 -45.62
C ILE B 713 -55.46 -44.67 -45.69
N GLU B 714 -54.39 -44.70 -44.89
CA GLU B 714 -53.41 -43.64 -44.78
C GLU B 714 -52.85 -43.20 -46.14
N LEU B 715 -52.12 -44.11 -46.78
CA LEU B 715 -51.53 -43.88 -48.09
C LEU B 715 -52.60 -43.54 -49.13
N ARG B 716 -53.74 -44.21 -48.98
CA ARG B 716 -54.89 -44.04 -49.87
C ARG B 716 -55.43 -42.62 -49.85
N GLN B 717 -55.37 -41.99 -48.68
CA GLN B 717 -55.86 -40.63 -48.52
C GLN B 717 -55.00 -39.60 -49.25
N ARG B 718 -53.67 -39.73 -49.13
CA ARG B 718 -52.75 -38.79 -49.77
C ARG B 718 -52.74 -38.90 -51.28
N LEU B 719 -52.72 -40.13 -51.78
CA LEU B 719 -52.72 -40.37 -53.22
C LEU B 719 -54.09 -40.05 -53.79
N LEU B 720 -54.88 -39.30 -53.02
CA LEU B 720 -56.20 -38.91 -53.46
C LEU B 720 -56.09 -37.40 -53.64
N MET B 721 -55.51 -36.72 -52.65
CA MET B 721 -55.32 -35.28 -52.75
C MET B 721 -54.31 -35.04 -53.87
N LEU B 722 -53.49 -36.04 -54.16
CA LEU B 722 -52.49 -35.94 -55.23
C LEU B 722 -53.19 -35.92 -56.57
N PHE B 723 -54.15 -36.82 -56.74
CA PHE B 723 -54.88 -36.87 -57.99
C PHE B 723 -55.86 -35.69 -58.06
N PHE B 724 -56.68 -35.52 -57.04
CA PHE B 724 -57.60 -34.40 -57.04
C PHE B 724 -56.82 -33.13 -57.43
N GLY B 725 -55.60 -33.02 -56.89
CA GLY B 725 -54.77 -31.86 -57.16
C GLY B 725 -54.21 -31.82 -58.57
N LEU B 726 -54.05 -32.98 -59.18
CA LEU B 726 -53.54 -33.06 -60.54
C LEU B 726 -54.67 -32.80 -61.53
N PHE B 727 -55.85 -33.35 -61.25
CA PHE B 727 -57.02 -33.17 -62.13
C PHE B 727 -57.56 -31.76 -62.02
N GLU B 728 -57.19 -31.07 -60.94
CA GLU B 728 -57.64 -29.71 -60.73
C GLU B 728 -57.11 -28.87 -61.88
N VAL B 729 -55.89 -29.20 -62.32
CA VAL B 729 -55.24 -28.48 -63.42
C VAL B 729 -55.42 -29.16 -64.76
N ILE B 730 -56.58 -29.76 -64.98
CA ILE B 730 -56.88 -30.44 -66.23
C ILE B 730 -58.10 -29.78 -66.88
N PRO B 731 -57.89 -29.05 -68.00
CA PRO B 731 -59.00 -28.39 -68.69
C PRO B 731 -59.78 -29.46 -69.44
N ASP B 732 -61.10 -29.47 -69.25
CA ASP B 732 -61.92 -30.48 -69.91
C ASP B 732 -62.83 -29.98 -71.03
N ASN B 733 -62.25 -29.36 -72.06
CA ASN B 733 -63.04 -28.85 -73.19
C ASN B 733 -62.41 -29.17 -74.53
N GLY B 734 -62.27 -30.47 -74.84
CA GLY B 734 -61.63 -30.83 -76.08
C GLY B 734 -60.22 -30.33 -75.83
N THR B 735 -60.01 -29.04 -76.07
CA THR B 735 -58.75 -28.34 -75.82
C THR B 735 -57.45 -29.02 -76.27
N ASN B 736 -57.51 -30.32 -76.49
CA ASN B 736 -56.33 -31.10 -76.88
C ASN B 736 -55.38 -31.18 -75.69
N GLU B 737 -55.96 -31.44 -74.52
CA GLU B 737 -55.24 -31.59 -73.27
C GLU B 737 -55.58 -32.99 -72.81
N VAL B 738 -56.65 -33.08 -72.00
CA VAL B 738 -57.19 -34.33 -71.44
C VAL B 738 -56.22 -35.28 -70.69
N TYR B 739 -54.94 -35.22 -71.06
CA TYR B 739 -53.86 -36.02 -70.46
C TYR B 739 -54.07 -37.52 -70.40
N PRO B 740 -53.32 -38.25 -71.23
CA PRO B 740 -53.32 -39.71 -71.38
C PRO B 740 -53.22 -40.48 -70.08
N LEU B 741 -52.00 -40.66 -69.61
CA LEU B 741 -51.73 -41.39 -68.38
C LEU B 741 -52.90 -41.37 -67.38
N LEU B 742 -53.49 -40.21 -67.15
CA LEU B 742 -54.59 -40.07 -66.19
C LEU B 742 -55.96 -40.12 -66.86
N GLN B 743 -55.96 -40.10 -68.19
CA GLN B 743 -57.20 -40.13 -68.98
C GLN B 743 -57.72 -41.56 -69.13
N GLU B 744 -56.80 -42.48 -69.43
CA GLU B 744 -57.13 -43.88 -69.67
C GLU B 744 -56.94 -44.86 -68.53
N ASN B 745 -55.71 -45.01 -68.03
CA ASN B 745 -55.48 -45.94 -66.94
C ASN B 745 -56.77 -46.28 -66.20
N GLN B 746 -57.40 -47.39 -66.59
CA GLN B 746 -58.65 -47.82 -65.96
C GLN B 746 -58.31 -48.30 -64.55
N LYS B 747 -57.04 -48.65 -64.33
CA LYS B 747 -56.59 -49.09 -63.01
C LYS B 747 -57.10 -47.96 -62.15
N LEU B 748 -56.70 -46.76 -62.58
CA LEU B 748 -57.07 -45.51 -61.93
C LEU B 748 -58.58 -45.44 -61.73
N LYS B 749 -59.31 -45.40 -62.84
CA LYS B 749 -60.75 -45.32 -62.78
C LYS B 749 -61.33 -46.22 -61.68
N ASP B 750 -61.18 -47.54 -61.82
CA ASP B 750 -61.74 -48.46 -60.83
C ASP B 750 -61.04 -48.35 -59.47
N ALA B 751 -59.79 -47.94 -59.48
CA ALA B 751 -59.07 -47.77 -58.22
C ALA B 751 -59.81 -46.67 -57.47
N LEU B 752 -60.18 -45.62 -58.20
CA LEU B 752 -60.93 -44.49 -57.66
C LEU B 752 -62.29 -45.01 -57.20
N ASN B 753 -62.88 -45.89 -58.01
CA ASN B 753 -64.17 -46.51 -57.73
C ASN B 753 -64.09 -47.28 -56.43
N MET B 754 -63.16 -48.23 -56.39
CA MET B 754 -62.97 -49.07 -55.21
C MET B 754 -62.92 -48.20 -53.96
N SER B 755 -62.56 -46.93 -54.12
CA SER B 755 -62.47 -45.99 -53.01
C SER B 755 -63.78 -45.47 -52.43
N LEU B 756 -64.62 -44.82 -53.23
CA LEU B 756 -65.87 -44.27 -52.72
C LEU B 756 -66.77 -45.38 -52.20
N LYS B 757 -66.27 -46.61 -52.29
CA LYS B 757 -66.96 -47.80 -51.83
C LYS B 757 -66.87 -47.84 -50.31
N ARG B 758 -67.17 -46.72 -49.69
CA ARG B 758 -67.18 -46.57 -48.24
C ARG B 758 -66.10 -47.35 -47.51
N GLY B 759 -64.98 -47.59 -48.16
CA GLY B 759 -63.88 -48.31 -47.52
C GLY B 759 -63.29 -47.37 -46.48
N ASP B 760 -64.07 -46.31 -46.23
CA ASP B 760 -63.75 -45.25 -45.28
C ASP B 760 -62.55 -44.44 -45.74
N SER B 761 -62.75 -43.67 -46.80
CA SER B 761 -61.69 -42.83 -47.30
C SER B 761 -61.81 -41.52 -46.53
N GLY B 762 -63.00 -41.30 -45.97
CA GLY B 762 -63.25 -40.08 -45.22
C GLY B 762 -64.16 -39.20 -46.04
N PRO B 763 -64.97 -38.35 -45.41
CA PRO B 763 -65.86 -37.50 -46.21
C PRO B 763 -65.07 -36.54 -47.08
N GLU B 764 -64.07 -35.89 -46.48
CA GLU B 764 -63.21 -34.91 -47.14
C GLU B 764 -62.37 -35.48 -48.27
N PHE B 765 -62.53 -36.77 -48.52
CA PHE B 765 -61.81 -37.46 -49.59
C PHE B 765 -62.84 -38.05 -50.54
N SER B 766 -63.92 -38.56 -49.96
CA SER B 766 -64.99 -39.15 -50.73
C SER B 766 -65.48 -38.10 -51.73
N ALA B 767 -65.38 -36.85 -51.31
CA ALA B 767 -65.82 -35.69 -52.11
C ALA B 767 -64.96 -35.36 -53.32
N ALA B 768 -63.82 -36.03 -53.48
CA ALA B 768 -62.93 -35.75 -54.61
C ALA B 768 -63.09 -36.77 -55.73
N ILE B 769 -63.16 -38.04 -55.35
CA ILE B 769 -63.29 -39.14 -56.30
C ILE B 769 -64.29 -38.87 -57.43
N PRO B 770 -65.50 -38.39 -57.08
CA PRO B 770 -66.45 -38.12 -58.16
C PRO B 770 -65.88 -37.11 -59.15
N VAL B 771 -65.49 -35.94 -58.63
CA VAL B 771 -64.93 -34.87 -59.45
C VAL B 771 -63.83 -35.37 -60.33
N ILE B 772 -62.90 -36.09 -59.72
CA ILE B 772 -61.76 -36.67 -60.43
C ILE B 772 -62.25 -37.60 -61.54
N LEU B 773 -63.34 -38.32 -61.26
CA LEU B 773 -63.91 -39.23 -62.24
C LEU B 773 -64.60 -38.43 -63.33
N ALA B 774 -65.26 -37.36 -62.89
CA ALA B 774 -65.97 -36.45 -63.77
C ALA B 774 -65.21 -36.11 -65.05
N LYS B 775 -63.88 -36.15 -64.99
CA LYS B 775 -63.08 -35.80 -66.16
C LYS B 775 -62.11 -36.87 -66.66
N ILE B 776 -62.55 -38.13 -66.66
CA ILE B 776 -61.72 -39.25 -67.11
C ILE B 776 -62.40 -40.29 -68.05
#